data_1FWP
# 
_entry.id   1FWP 
# 
_audit_conform.dict_name       mmcif_pdbx.dic 
_audit_conform.dict_version    5.392 
_audit_conform.dict_location   http://mmcif.pdb.org/dictionaries/ascii/mmcif_pdbx.dic 
# 
loop_
_database_2.database_id 
_database_2.database_code 
_database_2.pdbx_database_accession 
_database_2.pdbx_DOI 
PDB   1FWP         pdb_00001fwp 10.2210/pdb1fwp/pdb 
WWPDB D_1000173452 ?            ?                   
# 
loop_
_pdbx_audit_revision_history.ordinal 
_pdbx_audit_revision_history.data_content_type 
_pdbx_audit_revision_history.major_revision 
_pdbx_audit_revision_history.minor_revision 
_pdbx_audit_revision_history.revision_date 
1 'Structure model' 1 0 1996-07-11 
2 'Structure model' 1 1 2008-03-24 
3 'Structure model' 1 2 2011-07-13 
4 'Structure model' 1 3 2022-02-23 
5 'Structure model' 1 4 2024-05-22 
# 
_pdbx_audit_revision_details.ordinal             1 
_pdbx_audit_revision_details.revision_ordinal    1 
_pdbx_audit_revision_details.data_content_type   'Structure model' 
_pdbx_audit_revision_details.provider            repository 
_pdbx_audit_revision_details.type                'Initial release' 
_pdbx_audit_revision_details.description         ? 
_pdbx_audit_revision_details.details             ? 
# 
loop_
_pdbx_audit_revision_group.ordinal 
_pdbx_audit_revision_group.revision_ordinal 
_pdbx_audit_revision_group.data_content_type 
_pdbx_audit_revision_group.group 
1 2 'Structure model' 'Version format compliance' 
2 3 'Structure model' 'Version format compliance' 
3 4 'Structure model' 'Database references'       
4 4 'Structure model' 'Derived calculations'      
5 4 'Structure model' Other                       
6 5 'Structure model' 'Data collection'           
# 
loop_
_pdbx_audit_revision_category.ordinal 
_pdbx_audit_revision_category.revision_ordinal 
_pdbx_audit_revision_category.data_content_type 
_pdbx_audit_revision_category.category 
1 4 'Structure model' database_2            
2 4 'Structure model' pdbx_database_status  
3 4 'Structure model' pdbx_struct_assembly  
4 4 'Structure model' pdbx_struct_oper_list 
5 4 'Structure model' struct_ref_seq_dif    
6 5 'Structure model' chem_comp_atom        
7 5 'Structure model' chem_comp_bond        
# 
loop_
_pdbx_audit_revision_item.ordinal 
_pdbx_audit_revision_item.revision_ordinal 
_pdbx_audit_revision_item.data_content_type 
_pdbx_audit_revision_item.item 
1 4 'Structure model' '_database_2.pdbx_DOI'                
2 4 'Structure model' '_database_2.pdbx_database_accession' 
3 4 'Structure model' '_pdbx_database_status.process_site'  
4 4 'Structure model' '_struct_ref_seq_dif.details'         
# 
_pdbx_database_status.status_code                     REL 
_pdbx_database_status.entry_id                        1FWP 
_pdbx_database_status.recvd_initial_deposition_date   1996-02-06 
_pdbx_database_status.deposit_site                    ? 
_pdbx_database_status.process_site                    BNL 
_pdbx_database_status.status_code_sf                  ? 
_pdbx_database_status.status_code_mr                  REL 
_pdbx_database_status.SG_entry                        ? 
_pdbx_database_status.pdb_format_compatible           Y 
_pdbx_database_status.status_code_cs                  ? 
_pdbx_database_status.status_code_nmr_data            ? 
_pdbx_database_status.methods_development_category    ? 
# 
loop_
_audit_author.name 
_audit_author.pdbx_ordinal 
'Mcevoy, M.M.'    1 
'Dahlquist, F.W.' 2 
# 
loop_
_citation.id 
_citation.title 
_citation.journal_abbrev 
_citation.journal_volume 
_citation.page_first 
_citation.page_last 
_citation.year 
_citation.journal_id_ASTM 
_citation.country 
_citation.journal_id_ISSN 
_citation.journal_id_CSD 
_citation.book_publisher 
_citation.pdbx_database_id_PubMed 
_citation.pdbx_database_id_DOI 
primary 
;Structure and dynamics of a CheY-binding domain of the chemotaxis kinase CheA determined by nuclear magnetic resonance spectroscopy.
;
Biochemistry 35 5633  5640 1996 BICHAW US 0006-2960 0033 ? 8639521 10.1021/bi952707h 
1       
;Nuclear Magnetic Resonance Assignments and Global Fold of a Chey-Binding Domain in Chea, the Chemotaxis-Specific Kinase of Escherichia Coli
;
Biochemistry 34 13871 ?    1995 BICHAW US 0006-2960 0033 ? ?       ?                 
# 
loop_
_citation_author.citation_id 
_citation_author.name 
_citation_author.ordinal 
_citation_author.identifier_ORCID 
primary 'McEvoy, M.M.'     1  ? 
primary 'Muhandiram, D.R.' 2  ? 
primary 'Kay, L.E.'        3  ? 
primary 'Dahlquist, F.W.'  4  ? 
1       'Mcevoy, M.M.'     5  ? 
1       'Zhou, H.'         6  ? 
1       'Roth, A.F.'       7  ? 
1       'Lowry, D.F.'      8  ? 
1       'Morrison, T.B.'   9  ? 
1       'Kay, L.E.'        10 ? 
1       'Dahlquist, F.W.'  11 ? 
# 
_entity.id                         1 
_entity.type                       polymer 
_entity.src_method                 man 
_entity.pdbx_description           CHEA 
_entity.formula_weight             15019.027 
_entity.pdbx_number_of_molecules   1 
_entity.pdbx_ec                    ? 
_entity.pdbx_mutation              ? 
_entity.pdbx_fragment              'CHEY-BINDING DOMAIN, RESIDUES 159 - 227' 
_entity.details                    ? 
# 
_entity_name_com.entity_id   1 
_entity_name_com.name        'P2 DOMAIN OF CHEA' 
# 
_entity_poly.entity_id                      1 
_entity_poly.type                           'polypeptide(L)' 
_entity_poly.nstd_linkage                   no 
_entity_poly.nstd_monomer                   no 
_entity_poly.pdbx_seq_one_letter_code       
;RQLALEAKGETPSAVTRLSVVAKSEPQDEQSRSQSPRRIILSRLKAGEVDLLEEELGHLTTLTDVVKGADSLSAILPGDI
AEDDITAVLCFVIEADQITFETVEVSPKISTPPVLKLAAEQAPTGRVEREKTTRIKLGT
;
_entity_poly.pdbx_seq_one_letter_code_can   
;RQLALEAKGETPSAVTRLSVVAKSEPQDEQSRSQSPRRIILSRLKAGEVDLLEEELGHLTTLTDVVKGADSLSAILPGDI
AEDDITAVLCFVIEADQITFETVEVSPKISTPPVLKLAAEQAPTGRVEREKTTRIKLGT
;
_entity_poly.pdbx_strand_id                 A 
_entity_poly.pdbx_target_identifier         ? 
# 
loop_
_entity_poly_seq.entity_id 
_entity_poly_seq.num 
_entity_poly_seq.mon_id 
_entity_poly_seq.hetero 
1 1   ARG n 
1 2   GLN n 
1 3   LEU n 
1 4   ALA n 
1 5   LEU n 
1 6   GLU n 
1 7   ALA n 
1 8   LYS n 
1 9   GLY n 
1 10  GLU n 
1 11  THR n 
1 12  PRO n 
1 13  SER n 
1 14  ALA n 
1 15  VAL n 
1 16  THR n 
1 17  ARG n 
1 18  LEU n 
1 19  SER n 
1 20  VAL n 
1 21  VAL n 
1 22  ALA n 
1 23  LYS n 
1 24  SER n 
1 25  GLU n 
1 26  PRO n 
1 27  GLN n 
1 28  ASP n 
1 29  GLU n 
1 30  GLN n 
1 31  SER n 
1 32  ARG n 
1 33  SER n 
1 34  GLN n 
1 35  SER n 
1 36  PRO n 
1 37  ARG n 
1 38  ARG n 
1 39  ILE n 
1 40  ILE n 
1 41  LEU n 
1 42  SER n 
1 43  ARG n 
1 44  LEU n 
1 45  LYS n 
1 46  ALA n 
1 47  GLY n 
1 48  GLU n 
1 49  VAL n 
1 50  ASP n 
1 51  LEU n 
1 52  LEU n 
1 53  GLU n 
1 54  GLU n 
1 55  GLU n 
1 56  LEU n 
1 57  GLY n 
1 58  HIS n 
1 59  LEU n 
1 60  THR n 
1 61  THR n 
1 62  LEU n 
1 63  THR n 
1 64  ASP n 
1 65  VAL n 
1 66  VAL n 
1 67  LYS n 
1 68  GLY n 
1 69  ALA n 
1 70  ASP n 
1 71  SER n 
1 72  LEU n 
1 73  SER n 
1 74  ALA n 
1 75  ILE n 
1 76  LEU n 
1 77  PRO n 
1 78  GLY n 
1 79  ASP n 
1 80  ILE n 
1 81  ALA n 
1 82  GLU n 
1 83  ASP n 
1 84  ASP n 
1 85  ILE n 
1 86  THR n 
1 87  ALA n 
1 88  VAL n 
1 89  LEU n 
1 90  CYS n 
1 91  PHE n 
1 92  VAL n 
1 93  ILE n 
1 94  GLU n 
1 95  ALA n 
1 96  ASP n 
1 97  GLN n 
1 98  ILE n 
1 99  THR n 
1 100 PHE n 
1 101 GLU n 
1 102 THR n 
1 103 VAL n 
1 104 GLU n 
1 105 VAL n 
1 106 SER n 
1 107 PRO n 
1 108 LYS n 
1 109 ILE n 
1 110 SER n 
1 111 THR n 
1 112 PRO n 
1 113 PRO n 
1 114 VAL n 
1 115 LEU n 
1 116 LYS n 
1 117 LEU n 
1 118 ALA n 
1 119 ALA n 
1 120 GLU n 
1 121 GLN n 
1 122 ALA n 
1 123 PRO n 
1 124 THR n 
1 125 GLY n 
1 126 ARG n 
1 127 VAL n 
1 128 GLU n 
1 129 ARG n 
1 130 GLU n 
1 131 LYS n 
1 132 THR n 
1 133 THR n 
1 134 ARG n 
1 135 ILE n 
1 136 LYS n 
1 137 LEU n 
1 138 GLY n 
1 139 THR n 
# 
_entity_src_gen.entity_id                          1 
_entity_src_gen.pdbx_src_id                        1 
_entity_src_gen.pdbx_alt_source_flag               sample 
_entity_src_gen.pdbx_seq_type                      ? 
_entity_src_gen.pdbx_beg_seq_num                   ? 
_entity_src_gen.pdbx_end_seq_num                   ? 
_entity_src_gen.gene_src_common_name               ? 
_entity_src_gen.gene_src_genus                     Escherichia 
_entity_src_gen.pdbx_gene_src_gene                 'CHEA (RESIDUES 124-257)' 
_entity_src_gen.gene_src_species                   ? 
_entity_src_gen.gene_src_strain                    ? 
_entity_src_gen.gene_src_tissue                    ? 
_entity_src_gen.gene_src_tissue_fraction           ? 
_entity_src_gen.gene_src_details                   ? 
_entity_src_gen.pdbx_gene_src_fragment             ? 
_entity_src_gen.pdbx_gene_src_scientific_name      'Escherichia coli' 
_entity_src_gen.pdbx_gene_src_ncbi_taxonomy_id     562 
_entity_src_gen.pdbx_gene_src_variant              ? 
_entity_src_gen.pdbx_gene_src_cell_line            ? 
_entity_src_gen.pdbx_gene_src_atcc                 ? 
_entity_src_gen.pdbx_gene_src_organ                ? 
_entity_src_gen.pdbx_gene_src_organelle            ? 
_entity_src_gen.pdbx_gene_src_cell                 ? 
_entity_src_gen.pdbx_gene_src_cellular_location    ? 
_entity_src_gen.host_org_common_name               ? 
_entity_src_gen.pdbx_host_org_scientific_name      'TAC PROMOTER' 
_entity_src_gen.pdbx_host_org_ncbi_taxonomy_id     ? 
_entity_src_gen.host_org_genus                     ? 
_entity_src_gen.pdbx_host_org_gene                 'CHEA (RESIDUES 124-257)' 
_entity_src_gen.pdbx_host_org_organ                ? 
_entity_src_gen.host_org_species                   ? 
_entity_src_gen.pdbx_host_org_tissue               ? 
_entity_src_gen.pdbx_host_org_tissue_fraction      ? 
_entity_src_gen.pdbx_host_org_strain               ? 
_entity_src_gen.pdbx_host_org_variant              ? 
_entity_src_gen.pdbx_host_org_cell_line            ? 
_entity_src_gen.pdbx_host_org_atcc                 ? 
_entity_src_gen.pdbx_host_org_culture_collection   ? 
_entity_src_gen.pdbx_host_org_cell                 ? 
_entity_src_gen.pdbx_host_org_organelle            ? 
_entity_src_gen.pdbx_host_org_cellular_location    ? 
_entity_src_gen.pdbx_host_org_vector_type          ? 
_entity_src_gen.pdbx_host_org_vector               ? 
_entity_src_gen.host_org_details                   ? 
_entity_src_gen.expression_system_id               ? 
_entity_src_gen.plasmid_name                       PTM22 
_entity_src_gen.plasmid_details                    ? 
_entity_src_gen.pdbx_description                   ? 
# 
loop_
_chem_comp.id 
_chem_comp.type 
_chem_comp.mon_nstd_flag 
_chem_comp.name 
_chem_comp.pdbx_synonyms 
_chem_comp.formula 
_chem_comp.formula_weight 
ALA 'L-peptide linking' y ALANINE         ? 'C3 H7 N O2'     89.093  
ARG 'L-peptide linking' y ARGININE        ? 'C6 H15 N4 O2 1' 175.209 
ASN 'L-peptide linking' y ASPARAGINE      ? 'C4 H8 N2 O3'    132.118 
ASP 'L-peptide linking' y 'ASPARTIC ACID' ? 'C4 H7 N O4'     133.103 
CYS 'L-peptide linking' y CYSTEINE        ? 'C3 H7 N O2 S'   121.158 
GLN 'L-peptide linking' y GLUTAMINE       ? 'C5 H10 N2 O3'   146.144 
GLU 'L-peptide linking' y 'GLUTAMIC ACID' ? 'C5 H9 N O4'     147.129 
GLY 'peptide linking'   y GLYCINE         ? 'C2 H5 N O2'     75.067  
HIS 'L-peptide linking' y HISTIDINE       ? 'C6 H10 N3 O2 1' 156.162 
ILE 'L-peptide linking' y ISOLEUCINE      ? 'C6 H13 N O2'    131.173 
LEU 'L-peptide linking' y LEUCINE         ? 'C6 H13 N O2'    131.173 
LYS 'L-peptide linking' y LYSINE          ? 'C6 H15 N2 O2 1' 147.195 
PHE 'L-peptide linking' y PHENYLALANINE   ? 'C9 H11 N O2'    165.189 
PRO 'L-peptide linking' y PROLINE         ? 'C5 H9 N O2'     115.130 
SER 'L-peptide linking' y SERINE          ? 'C3 H7 N O3'     105.093 
THR 'L-peptide linking' y THREONINE       ? 'C4 H9 N O3'     119.119 
VAL 'L-peptide linking' y VALINE          ? 'C5 H11 N O2'    117.146 
# 
loop_
_pdbx_poly_seq_scheme.asym_id 
_pdbx_poly_seq_scheme.entity_id 
_pdbx_poly_seq_scheme.seq_id 
_pdbx_poly_seq_scheme.mon_id 
_pdbx_poly_seq_scheme.ndb_seq_num 
_pdbx_poly_seq_scheme.pdb_seq_num 
_pdbx_poly_seq_scheme.auth_seq_num 
_pdbx_poly_seq_scheme.pdb_mon_id 
_pdbx_poly_seq_scheme.auth_mon_id 
_pdbx_poly_seq_scheme.pdb_strand_id 
_pdbx_poly_seq_scheme.pdb_ins_code 
_pdbx_poly_seq_scheme.hetero 
A 1 1   ARG 1   -34 ?  ?   ?   A . n 
A 1 2   GLN 2   -33 ?  ?   ?   A . n 
A 1 3   LEU 3   -32 ?  ?   ?   A . n 
A 1 4   ALA 4   -31 ?  ?   ?   A . n 
A 1 5   LEU 5   -30 ?  ?   ?   A . n 
A 1 6   GLU 6   -29 ?  ?   ?   A . n 
A 1 7   ALA 7   -28 ?  ?   ?   A . n 
A 1 8   LYS 8   -27 ?  ?   ?   A . n 
A 1 9   GLY 9   -26 ?  ?   ?   A . n 
A 1 10  GLU 10  -25 ?  ?   ?   A . n 
A 1 11  THR 11  -24 ?  ?   ?   A . n 
A 1 12  PRO 12  -23 ?  ?   ?   A . n 
A 1 13  SER 13  -22 ?  ?   ?   A . n 
A 1 14  ALA 14  -21 ?  ?   ?   A . n 
A 1 15  VAL 15  -20 ?  ?   ?   A . n 
A 1 16  THR 16  -19 ?  ?   ?   A . n 
A 1 17  ARG 17  -18 ?  ?   ?   A . n 
A 1 18  LEU 18  -17 ?  ?   ?   A . n 
A 1 19  SER 19  -16 ?  ?   ?   A . n 
A 1 20  VAL 20  -15 ?  ?   ?   A . n 
A 1 21  VAL 21  -14 ?  ?   ?   A . n 
A 1 22  ALA 22  -13 ?  ?   ?   A . n 
A 1 23  LYS 23  -12 ?  ?   ?   A . n 
A 1 24  SER 24  -11 ?  ?   ?   A . n 
A 1 25  GLU 25  -10 ?  ?   ?   A . n 
A 1 26  PRO 26  -9  ?  ?   ?   A . n 
A 1 27  GLN 27  -8  ?  ?   ?   A . n 
A 1 28  ASP 28  -7  ?  ?   ?   A . n 
A 1 29  GLU 29  -6  ?  ?   ?   A . n 
A 1 30  GLN 30  -5  ?  ?   ?   A . n 
A 1 31  SER 31  -4  ?  ?   ?   A . n 
A 1 32  ARG 32  -3  ?  ?   ?   A . n 
A 1 33  SER 33  -2  ?  ?   ?   A . n 
A 1 34  GLN 34  -1  ?  ?   ?   A . n 
A 1 35  SER 35  0   ?  ?   ?   A . n 
A 1 36  PRO 36  1   1  PRO PRO A . n 
A 1 37  ARG 37  2   2  ARG ARG A . n 
A 1 38  ARG 38  3   3  ARG ARG A . n 
A 1 39  ILE 39  4   4  ILE ILE A . n 
A 1 40  ILE 40  5   5  ILE ILE A . n 
A 1 41  LEU 41  6   6  LEU LEU A . n 
A 1 42  SER 42  7   7  SER SER A . n 
A 1 43  ARG 43  8   8  ARG ARG A . n 
A 1 44  LEU 44  9   9  LEU LEU A . n 
A 1 45  LYS 45  10  10 LYS LYS A . n 
A 1 46  ALA 46  11  11 ALA ALA A . n 
A 1 47  GLY 47  12  12 GLY GLY A . n 
A 1 48  GLU 48  13  13 GLU GLU A . n 
A 1 49  VAL 49  14  14 VAL VAL A . n 
A 1 50  ASP 50  15  15 ASP ASP A . n 
A 1 51  LEU 51  16  16 LEU LEU A . n 
A 1 52  LEU 52  17  17 LEU LEU A . n 
A 1 53  GLU 53  18  18 GLU GLU A . n 
A 1 54  GLU 54  19  19 GLU GLU A . n 
A 1 55  GLU 55  20  20 GLU GLU A . n 
A 1 56  LEU 56  21  21 LEU LEU A . n 
A 1 57  GLY 57  22  22 GLY GLY A . n 
A 1 58  HIS 58  23  23 HIS HIS A . n 
A 1 59  LEU 59  24  24 LEU LEU A . n 
A 1 60  THR 60  25  25 THR THR A . n 
A 1 61  THR 61  26  26 THR THR A . n 
A 1 62  LEU 62  27  27 LEU LEU A . n 
A 1 63  THR 63  28  28 THR THR A . n 
A 1 64  ASP 64  29  29 ASP ASP A . n 
A 1 65  VAL 65  30  30 VAL VAL A . n 
A 1 66  VAL 66  31  31 VAL VAL A . n 
A 1 67  LYS 67  32  32 LYS LYS A . n 
A 1 68  GLY 68  33  33 GLY GLY A . n 
A 1 69  ALA 69  34  34 ALA ALA A . n 
A 1 70  ASP 70  35  35 ASP ASP A . n 
A 1 71  SER 71  36  36 SER SER A . n 
A 1 72  LEU 72  37  37 LEU LEU A . n 
A 1 73  SER 73  38  38 SER SER A . n 
A 1 74  ALA 74  39  39 ALA ALA A . n 
A 1 75  ILE 75  40  40 ILE ILE A . n 
A 1 76  LEU 76  41  41 LEU LEU A . n 
A 1 77  PRO 77  42  42 PRO PRO A . n 
A 1 78  GLY 78  43  43 GLY GLY A . n 
A 1 79  ASP 79  44  44 ASP ASP A . n 
A 1 80  ILE 80  45  45 ILE ILE A . n 
A 1 81  ALA 81  46  46 ALA ALA A . n 
A 1 82  GLU 82  47  47 GLU GLU A . n 
A 1 83  ASP 83  48  48 ASP ASP A . n 
A 1 84  ASP 84  49  49 ASP ASP A . n 
A 1 85  ILE 85  50  50 ILE ILE A . n 
A 1 86  THR 86  51  51 THR THR A . n 
A 1 87  ALA 87  52  52 ALA ALA A . n 
A 1 88  VAL 88  53  53 VAL VAL A . n 
A 1 89  LEU 89  54  54 LEU LEU A . n 
A 1 90  CYS 90  55  55 CYS CYS A . n 
A 1 91  PHE 91  56  56 PHE PHE A . n 
A 1 92  VAL 92  57  57 VAL VAL A . n 
A 1 93  ILE 93  58  58 ILE ILE A . n 
A 1 94  GLU 94  59  59 GLU GLU A . n 
A 1 95  ALA 95  60  60 ALA ALA A . n 
A 1 96  ASP 96  61  61 ASP ASP A . n 
A 1 97  GLN 97  62  62 GLN GLN A . n 
A 1 98  ILE 98  63  63 ILE ILE A . n 
A 1 99  THR 99  64  64 THR THR A . n 
A 1 100 PHE 100 65  65 PHE PHE A . n 
A 1 101 GLU 101 66  66 GLU GLU A . n 
A 1 102 THR 102 67  67 THR THR A . n 
A 1 103 VAL 103 68  68 VAL VAL A . n 
A 1 104 GLU 104 69  69 GLU GLU A . n 
A 1 105 VAL 105 70  ?  ?   ?   A . n 
A 1 106 SER 106 71  ?  ?   ?   A . n 
A 1 107 PRO 107 72  ?  ?   ?   A . n 
A 1 108 LYS 108 73  ?  ?   ?   A . n 
A 1 109 ILE 109 74  ?  ?   ?   A . n 
A 1 110 SER 110 75  ?  ?   ?   A . n 
A 1 111 THR 111 76  ?  ?   ?   A . n 
A 1 112 PRO 112 77  ?  ?   ?   A . n 
A 1 113 PRO 113 78  ?  ?   ?   A . n 
A 1 114 VAL 114 79  ?  ?   ?   A . n 
A 1 115 LEU 115 80  ?  ?   ?   A . n 
A 1 116 LYS 116 81  ?  ?   ?   A . n 
A 1 117 LEU 117 82  ?  ?   ?   A . n 
A 1 118 ALA 118 83  ?  ?   ?   A . n 
A 1 119 ALA 119 84  ?  ?   ?   A . n 
A 1 120 GLU 120 85  ?  ?   ?   A . n 
A 1 121 GLN 121 86  ?  ?   ?   A . n 
A 1 122 ALA 122 87  ?  ?   ?   A . n 
A 1 123 PRO 123 88  ?  ?   ?   A . n 
A 1 124 THR 124 89  ?  ?   ?   A . n 
A 1 125 GLY 125 90  ?  ?   ?   A . n 
A 1 126 ARG 126 91  ?  ?   ?   A . n 
A 1 127 VAL 127 92  ?  ?   ?   A . n 
A 1 128 GLU 128 93  ?  ?   ?   A . n 
A 1 129 ARG 129 94  ?  ?   ?   A . n 
A 1 130 GLU 130 95  ?  ?   ?   A . n 
A 1 131 LYS 131 96  ?  ?   ?   A . n 
A 1 132 THR 132 97  ?  ?   ?   A . n 
A 1 133 THR 133 98  ?  ?   ?   A . n 
A 1 134 ARG 134 99  ?  ?   ?   A . n 
A 1 135 ILE 135 100 ?  ?   ?   A . n 
A 1 136 LYS 136 101 ?  ?   ?   A . n 
A 1 137 LEU 137 102 ?  ?   ?   A . n 
A 1 138 GLY 138 103 ?  ?   ?   A . n 
A 1 139 THR 139 104 ?  ?   ?   A . n 
# 
loop_
_software.name 
_software.classification 
_software.version 
_software.citation_id 
_software.pdbx_ordinal 
X-PLOR 'model building' . ? 1 
X-PLOR refinement       . ? 2 
X-PLOR phasing          . ? 3 
# 
_cell.entry_id           1FWP 
_cell.length_a           1.000 
_cell.length_b           1.000 
_cell.length_c           1.000 
_cell.angle_alpha        90.00 
_cell.angle_beta         90.00 
_cell.angle_gamma        90.00 
_cell.Z_PDB              1 
_cell.pdbx_unique_axis   ? 
# 
_symmetry.entry_id                         1FWP 
_symmetry.space_group_name_H-M             'P 1' 
_symmetry.pdbx_full_space_group_name_H-M   ? 
_symmetry.cell_setting                     ? 
_symmetry.Int_Tables_number                1 
# 
_exptl.entry_id          1FWP 
_exptl.method            'SOLUTION NMR' 
_exptl.crystals_number   ? 
# 
_struct.entry_id                  1FWP 
_struct.title                     'CHEY-BINDING DOMAIN OF CHEA (RESIDUES 159-227), NMR, MINIMIZED AVERAGE STRUCTURE' 
_struct.pdbx_model_details        ? 
_struct.pdbx_CASP_flag            ? 
_struct.pdbx_model_type_details   ? 
# 
_struct_keywords.entry_id        1FWP 
_struct_keywords.pdbx_keywords   CHEMOTAXIS 
_struct_keywords.text            'KINASE, SIGNAL TRANSDUCTION, CHEMOTAXIS' 
# 
_struct_asym.id                            A 
_struct_asym.pdbx_blank_PDB_chainid_flag   Y 
_struct_asym.pdbx_modified                 N 
_struct_asym.entity_id                     1 
_struct_asym.details                       ? 
# 
_struct_ref.id                         1 
_struct_ref.db_name                    UNP 
_struct_ref.db_code                    CHEA_ECOLI 
_struct_ref.entity_id                  1 
_struct_ref.pdbx_db_accession          P07363 
_struct_ref.pdbx_align_begin           1 
_struct_ref.pdbx_seq_one_letter_code   
;MSMDISDFYQTFFDEADELLADMEQHLLVLQPEAPDAEQLNAIFRAAHSIKGGAGTFGFSVLQETTHLMENLLDEARRGE
MQLNTDIINLFLETKDIMQEQLDAYKQSQEPDAASFDYICQALRQLALEAKGETPSAVTRLSVVAKSEPQDEQSRSQSPR
RIILSRLKAGEVDLLEEELGHLTTLTDVVKGADSLSAILPGDIAEDDITAVLCFVIEADQITFETVEVSPKISTPPVLKL
AAEQAPTGRVEREKTTRSNESTSIRVAVEKVDQLINLVGELVITQSMLAQRSSELDPVNHGDLITSMGQLQRNARDLQES
VMSIRMMPMEYVFSRYPRLVRDLAGKLGKQVELTLVGSSTELDKSLIERIIDPLTHLVRNSLDHGIELPEKRLAAGKNSV
GNLILSAEHQGGNICIEVTDDGAGLNRERILAKAASQGLTVSENMSDDEVAMLIFAPGFSTAEQVTDVSGRGVGMDVVKR
NIQKMGGHVEIQSKQGTGTTIRILLPLTLAILDGMSVRVADEVFILPLNAVMESLQPREADLHPLAGGERVLEVRGEYLP
IVELWKVFNVAGAKTEATQGIVVILQSGGRRYALLVDQLIGQHQVVVKNLESNYRKVPGISAATILGDGSVALIVDVSAL
QAINREQRMANTAA
;
_struct_ref.pdbx_db_isoform            ? 
# 
_struct_ref_seq.align_id                      1 
_struct_ref_seq.ref_id                        1 
_struct_ref_seq.pdbx_PDB_id_code              1FWP 
_struct_ref_seq.pdbx_strand_id                A 
_struct_ref_seq.seq_align_beg                 1 
_struct_ref_seq.pdbx_seq_align_beg_ins_code   ? 
_struct_ref_seq.seq_align_end                 139 
_struct_ref_seq.pdbx_seq_align_end_ins_code   ? 
_struct_ref_seq.pdbx_db_accession             P07363 
_struct_ref_seq.db_align_beg                  124 
_struct_ref_seq.pdbx_db_align_beg_ins_code    ? 
_struct_ref_seq.db_align_end                  262 
_struct_ref_seq.pdbx_db_align_end_ins_code    ? 
_struct_ref_seq.pdbx_auth_seq_align_beg       -34 
_struct_ref_seq.pdbx_auth_seq_align_end       104 
# 
loop_
_struct_ref_seq_dif.align_id 
_struct_ref_seq_dif.pdbx_pdb_id_code 
_struct_ref_seq_dif.mon_id 
_struct_ref_seq_dif.pdbx_pdb_strand_id 
_struct_ref_seq_dif.seq_num 
_struct_ref_seq_dif.pdbx_pdb_ins_code 
_struct_ref_seq_dif.pdbx_seq_db_name 
_struct_ref_seq_dif.pdbx_seq_db_accession_code 
_struct_ref_seq_dif.db_mon_id 
_struct_ref_seq_dif.pdbx_seq_db_seq_num 
_struct_ref_seq_dif.details 
_struct_ref_seq_dif.pdbx_auth_seq_num 
_struct_ref_seq_dif.pdbx_ordinal 
1 1FWP ILE A 135 ? UNP P07363 SER 258 conflict 100 1 
1 1FWP LYS A 136 ? UNP P07363 ASN 259 conflict 101 2 
1 1FWP LEU A 137 ? UNP P07363 GLU 260 conflict 102 3 
1 1FWP GLY A 138 ? UNP P07363 SER 261 conflict 103 4 
# 
_pdbx_struct_assembly.id                   1 
_pdbx_struct_assembly.details              author_defined_assembly 
_pdbx_struct_assembly.method_details       ? 
_pdbx_struct_assembly.oligomeric_details   monomeric 
_pdbx_struct_assembly.oligomeric_count     1 
# 
_pdbx_struct_assembly_gen.assembly_id       1 
_pdbx_struct_assembly_gen.oper_expression   1 
_pdbx_struct_assembly_gen.asym_id_list      A 
# 
_pdbx_struct_oper_list.id                   1 
_pdbx_struct_oper_list.type                 'identity operation' 
_pdbx_struct_oper_list.name                 1_555 
_pdbx_struct_oper_list.symmetry_operation   x,y,z 
_pdbx_struct_oper_list.matrix[1][1]         1.0000000000 
_pdbx_struct_oper_list.matrix[1][2]         0.0000000000 
_pdbx_struct_oper_list.matrix[1][3]         0.0000000000 
_pdbx_struct_oper_list.vector[1]            0.0000000000 
_pdbx_struct_oper_list.matrix[2][1]         0.0000000000 
_pdbx_struct_oper_list.matrix[2][2]         1.0000000000 
_pdbx_struct_oper_list.matrix[2][3]         0.0000000000 
_pdbx_struct_oper_list.vector[2]            0.0000000000 
_pdbx_struct_oper_list.matrix[3][1]         0.0000000000 
_pdbx_struct_oper_list.matrix[3][2]         0.0000000000 
_pdbx_struct_oper_list.matrix[3][3]         1.0000000000 
_pdbx_struct_oper_list.vector[3]            0.0000000000 
# 
_struct_biol.id   1 
# 
loop_
_struct_conf.conf_type_id 
_struct_conf.id 
_struct_conf.pdbx_PDB_helix_id 
_struct_conf.beg_label_comp_id 
_struct_conf.beg_label_asym_id 
_struct_conf.beg_label_seq_id 
_struct_conf.pdbx_beg_PDB_ins_code 
_struct_conf.end_label_comp_id 
_struct_conf.end_label_asym_id 
_struct_conf.end_label_seq_id 
_struct_conf.pdbx_end_PDB_ins_code 
_struct_conf.beg_auth_comp_id 
_struct_conf.beg_auth_asym_id 
_struct_conf.beg_auth_seq_id 
_struct_conf.end_auth_comp_id 
_struct_conf.end_auth_asym_id 
_struct_conf.end_auth_seq_id 
_struct_conf.pdbx_PDB_helix_class 
_struct_conf.details 
_struct_conf.pdbx_PDB_helix_length 
HELX_P HELX_P1 1 VAL A 49 ? LEU A 59 ? VAL A 14 LEU A 24 1 ? 11 
HELX_P HELX_P2 2 GLU A 82 ? VAL A 92 ? GLU A 47 VAL A 57 1 ? 11 
# 
_struct_conf_type.id          HELX_P 
_struct_conf_type.criteria    ? 
_struct_conf_type.reference   ? 
# 
_struct_sheet.id               A 
_struct_sheet.type             ? 
_struct_sheet.number_strands   3 
_struct_sheet.details          ? 
# 
loop_
_struct_sheet_order.sheet_id 
_struct_sheet_order.range_id_1 
_struct_sheet_order.range_id_2 
_struct_sheet_order.offset 
_struct_sheet_order.sense 
A 1 2 ? anti-parallel 
A 2 3 ? anti-parallel 
# 
loop_
_struct_sheet_range.sheet_id 
_struct_sheet_range.id 
_struct_sheet_range.beg_label_comp_id 
_struct_sheet_range.beg_label_asym_id 
_struct_sheet_range.beg_label_seq_id 
_struct_sheet_range.pdbx_beg_PDB_ins_code 
_struct_sheet_range.end_label_comp_id 
_struct_sheet_range.end_label_asym_id 
_struct_sheet_range.end_label_seq_id 
_struct_sheet_range.pdbx_end_PDB_ins_code 
_struct_sheet_range.beg_auth_comp_id 
_struct_sheet_range.beg_auth_asym_id 
_struct_sheet_range.beg_auth_seq_id 
_struct_sheet_range.end_auth_comp_id 
_struct_sheet_range.end_auth_asym_id 
_struct_sheet_range.end_auth_seq_id 
A 1 SER A 71 ? LEU A 76  ? SER A 36 LEU A 41 
A 2 ARG A 37 ? SER A 42  ? ARG A 2  SER A 7  
A 3 ILE A 98 ? THR A 102 ? ILE A 63 THR A 67 
# 
loop_
_pdbx_struct_sheet_hbond.sheet_id 
_pdbx_struct_sheet_hbond.range_id_1 
_pdbx_struct_sheet_hbond.range_id_2 
_pdbx_struct_sheet_hbond.range_1_label_atom_id 
_pdbx_struct_sheet_hbond.range_1_label_comp_id 
_pdbx_struct_sheet_hbond.range_1_label_asym_id 
_pdbx_struct_sheet_hbond.range_1_label_seq_id 
_pdbx_struct_sheet_hbond.range_1_PDB_ins_code 
_pdbx_struct_sheet_hbond.range_1_auth_atom_id 
_pdbx_struct_sheet_hbond.range_1_auth_comp_id 
_pdbx_struct_sheet_hbond.range_1_auth_asym_id 
_pdbx_struct_sheet_hbond.range_1_auth_seq_id 
_pdbx_struct_sheet_hbond.range_2_label_atom_id 
_pdbx_struct_sheet_hbond.range_2_label_comp_id 
_pdbx_struct_sheet_hbond.range_2_label_asym_id 
_pdbx_struct_sheet_hbond.range_2_label_seq_id 
_pdbx_struct_sheet_hbond.range_2_PDB_ins_code 
_pdbx_struct_sheet_hbond.range_2_auth_atom_id 
_pdbx_struct_sheet_hbond.range_2_auth_comp_id 
_pdbx_struct_sheet_hbond.range_2_auth_asym_id 
_pdbx_struct_sheet_hbond.range_2_auth_seq_id 
A 1 2 O LEU A 72 ? O LEU A 37 N LEU A 41  ? N LEU A 6  
A 2 3 O ARG A 38 ? O ARG A 3  N GLU A 101 ? N GLU A 66 
# 
loop_
_pdbx_validate_torsion.id 
_pdbx_validate_torsion.PDB_model_num 
_pdbx_validate_torsion.auth_comp_id 
_pdbx_validate_torsion.auth_asym_id 
_pdbx_validate_torsion.auth_seq_id 
_pdbx_validate_torsion.PDB_ins_code 
_pdbx_validate_torsion.label_alt_id 
_pdbx_validate_torsion.phi 
_pdbx_validate_torsion.psi 
1  1 ARG A 8  ? ? -171.61 -32.48  
2  1 LEU A 9  ? ? -61.74  -169.84 
3  1 LYS A 10 ? ? -128.13 -159.09 
4  1 LEU A 27 ? ? -56.85  -160.42 
5  1 THR A 28 ? ? -138.66 -42.91  
6  1 ASP A 29 ? ? -173.47 58.98   
7  1 ASP A 35 ? ? -140.38 12.85   
8  1 PRO A 42 ? ? -77.10  -164.46 
9  1 ASP A 44 ? ? -146.93 36.06   
10 1 ILE A 45 ? ? -119.53 -154.71 
11 1 ALA A 46 ? ? -93.36  49.57   
12 1 ILE A 58 ? ? -143.83 -57.63  
13 1 GLU A 59 ? ? -173.52 -145.51 
14 1 ALA A 60 ? ? -147.37 31.57   
15 1 ASP A 61 ? ? -157.74 15.09   
# 
loop_
_pdbx_validate_planes.id 
_pdbx_validate_planes.PDB_model_num 
_pdbx_validate_planes.auth_comp_id 
_pdbx_validate_planes.auth_asym_id 
_pdbx_validate_planes.auth_seq_id 
_pdbx_validate_planes.PDB_ins_code 
_pdbx_validate_planes.label_alt_id 
_pdbx_validate_planes.rmsd 
_pdbx_validate_planes.type 
1 1 ARG A 2 ? ? 0.309 'SIDE CHAIN' 
2 1 ARG A 3 ? ? 0.273 'SIDE CHAIN' 
3 1 ARG A 8 ? ? 0.305 'SIDE CHAIN' 
# 
_pdbx_nmr_ensemble.entry_id                             1FWP 
_pdbx_nmr_ensemble.conformers_calculated_total_number   ? 
_pdbx_nmr_ensemble.conformers_submitted_total_number    1 
_pdbx_nmr_ensemble.conformer_selection_criteria         ? 
# 
_pdbx_nmr_exptl_sample_conditions.conditions_id       1 
_pdbx_nmr_exptl_sample_conditions.temperature         303 
_pdbx_nmr_exptl_sample_conditions.pressure            ? 
_pdbx_nmr_exptl_sample_conditions.pH                  6.5 
_pdbx_nmr_exptl_sample_conditions.ionic_strength      ? 
_pdbx_nmr_exptl_sample_conditions.pressure_units      . 
_pdbx_nmr_exptl_sample_conditions.temperature_units   K 
# 
_pdbx_nmr_software.classification   refinement 
_pdbx_nmr_software.name             X-PLOR 
_pdbx_nmr_software.version          ? 
_pdbx_nmr_software.authors          BRUNGER 
_pdbx_nmr_software.ordinal          1 
# 
loop_
_pdbx_unobs_or_zero_occ_residues.id 
_pdbx_unobs_or_zero_occ_residues.PDB_model_num 
_pdbx_unobs_or_zero_occ_residues.polymer_flag 
_pdbx_unobs_or_zero_occ_residues.occupancy_flag 
_pdbx_unobs_or_zero_occ_residues.auth_asym_id 
_pdbx_unobs_or_zero_occ_residues.auth_comp_id 
_pdbx_unobs_or_zero_occ_residues.auth_seq_id 
_pdbx_unobs_or_zero_occ_residues.PDB_ins_code 
_pdbx_unobs_or_zero_occ_residues.label_asym_id 
_pdbx_unobs_or_zero_occ_residues.label_comp_id 
_pdbx_unobs_or_zero_occ_residues.label_seq_id 
1  1 Y 1 A ARG -34 ? A ARG 1   
2  1 Y 1 A GLN -33 ? A GLN 2   
3  1 Y 1 A LEU -32 ? A LEU 3   
4  1 Y 1 A ALA -31 ? A ALA 4   
5  1 Y 1 A LEU -30 ? A LEU 5   
6  1 Y 1 A GLU -29 ? A GLU 6   
7  1 Y 1 A ALA -28 ? A ALA 7   
8  1 Y 1 A LYS -27 ? A LYS 8   
9  1 Y 1 A GLY -26 ? A GLY 9   
10 1 Y 1 A GLU -25 ? A GLU 10  
11 1 Y 1 A THR -24 ? A THR 11  
12 1 Y 1 A PRO -23 ? A PRO 12  
13 1 Y 1 A SER -22 ? A SER 13  
14 1 Y 1 A ALA -21 ? A ALA 14  
15 1 Y 1 A VAL -20 ? A VAL 15  
16 1 Y 1 A THR -19 ? A THR 16  
17 1 Y 1 A ARG -18 ? A ARG 17  
18 1 Y 1 A LEU -17 ? A LEU 18  
19 1 Y 1 A SER -16 ? A SER 19  
20 1 Y 1 A VAL -15 ? A VAL 20  
21 1 Y 1 A VAL -14 ? A VAL 21  
22 1 Y 1 A ALA -13 ? A ALA 22  
23 1 Y 1 A LYS -12 ? A LYS 23  
24 1 Y 1 A SER -11 ? A SER 24  
25 1 Y 1 A GLU -10 ? A GLU 25  
26 1 Y 1 A PRO -9  ? A PRO 26  
27 1 Y 1 A GLN -8  ? A GLN 27  
28 1 Y 1 A ASP -7  ? A ASP 28  
29 1 Y 1 A GLU -6  ? A GLU 29  
30 1 Y 1 A GLN -5  ? A GLN 30  
31 1 Y 1 A SER -4  ? A SER 31  
32 1 Y 1 A ARG -3  ? A ARG 32  
33 1 Y 1 A SER -2  ? A SER 33  
34 1 Y 1 A GLN -1  ? A GLN 34  
35 1 Y 1 A SER 0   ? A SER 35  
36 1 Y 1 A VAL 70  ? A VAL 105 
37 1 Y 1 A SER 71  ? A SER 106 
38 1 Y 1 A PRO 72  ? A PRO 107 
39 1 Y 1 A LYS 73  ? A LYS 108 
40 1 Y 1 A ILE 74  ? A ILE 109 
41 1 Y 1 A SER 75  ? A SER 110 
42 1 Y 1 A THR 76  ? A THR 111 
43 1 Y 1 A PRO 77  ? A PRO 112 
44 1 Y 1 A PRO 78  ? A PRO 113 
45 1 Y 1 A VAL 79  ? A VAL 114 
46 1 Y 1 A LEU 80  ? A LEU 115 
47 1 Y 1 A LYS 81  ? A LYS 116 
48 1 Y 1 A LEU 82  ? A LEU 117 
49 1 Y 1 A ALA 83  ? A ALA 118 
50 1 Y 1 A ALA 84  ? A ALA 119 
51 1 Y 1 A GLU 85  ? A GLU 120 
52 1 Y 1 A GLN 86  ? A GLN 121 
53 1 Y 1 A ALA 87  ? A ALA 122 
54 1 Y 1 A PRO 88  ? A PRO 123 
55 1 Y 1 A THR 89  ? A THR 124 
56 1 Y 1 A GLY 90  ? A GLY 125 
57 1 Y 1 A ARG 91  ? A ARG 126 
58 1 Y 1 A VAL 92  ? A VAL 127 
59 1 Y 1 A GLU 93  ? A GLU 128 
60 1 Y 1 A ARG 94  ? A ARG 129 
61 1 Y 1 A GLU 95  ? A GLU 130 
62 1 Y 1 A LYS 96  ? A LYS 131 
63 1 Y 1 A THR 97  ? A THR 132 
64 1 Y 1 A THR 98  ? A THR 133 
65 1 Y 1 A ARG 99  ? A ARG 134 
66 1 Y 1 A ILE 100 ? A ILE 135 
67 1 Y 1 A LYS 101 ? A LYS 136 
68 1 Y 1 A LEU 102 ? A LEU 137 
69 1 Y 1 A GLY 103 ? A GLY 138 
70 1 Y 1 A THR 104 ? A THR 139 
# 
loop_
_chem_comp_atom.comp_id 
_chem_comp_atom.atom_id 
_chem_comp_atom.type_symbol 
_chem_comp_atom.pdbx_aromatic_flag 
_chem_comp_atom.pdbx_stereo_config 
_chem_comp_atom.pdbx_ordinal 
ALA N    N N N 1   
ALA CA   C N S 2   
ALA C    C N N 3   
ALA O    O N N 4   
ALA CB   C N N 5   
ALA OXT  O N N 6   
ALA H    H N N 7   
ALA H2   H N N 8   
ALA HA   H N N 9   
ALA HB1  H N N 10  
ALA HB2  H N N 11  
ALA HB3  H N N 12  
ALA HXT  H N N 13  
ARG N    N N N 14  
ARG CA   C N S 15  
ARG C    C N N 16  
ARG O    O N N 17  
ARG CB   C N N 18  
ARG CG   C N N 19  
ARG CD   C N N 20  
ARG NE   N N N 21  
ARG CZ   C N N 22  
ARG NH1  N N N 23  
ARG NH2  N N N 24  
ARG OXT  O N N 25  
ARG H    H N N 26  
ARG H2   H N N 27  
ARG HA   H N N 28  
ARG HB2  H N N 29  
ARG HB3  H N N 30  
ARG HG2  H N N 31  
ARG HG3  H N N 32  
ARG HD2  H N N 33  
ARG HD3  H N N 34  
ARG HE   H N N 35  
ARG HH11 H N N 36  
ARG HH12 H N N 37  
ARG HH21 H N N 38  
ARG HH22 H N N 39  
ARG HXT  H N N 40  
ASN N    N N N 41  
ASN CA   C N S 42  
ASN C    C N N 43  
ASN O    O N N 44  
ASN CB   C N N 45  
ASN CG   C N N 46  
ASN OD1  O N N 47  
ASN ND2  N N N 48  
ASN OXT  O N N 49  
ASN H    H N N 50  
ASN H2   H N N 51  
ASN HA   H N N 52  
ASN HB2  H N N 53  
ASN HB3  H N N 54  
ASN HD21 H N N 55  
ASN HD22 H N N 56  
ASN HXT  H N N 57  
ASP N    N N N 58  
ASP CA   C N S 59  
ASP C    C N N 60  
ASP O    O N N 61  
ASP CB   C N N 62  
ASP CG   C N N 63  
ASP OD1  O N N 64  
ASP OD2  O N N 65  
ASP OXT  O N N 66  
ASP H    H N N 67  
ASP H2   H N N 68  
ASP HA   H N N 69  
ASP HB2  H N N 70  
ASP HB3  H N N 71  
ASP HD2  H N N 72  
ASP HXT  H N N 73  
CYS N    N N N 74  
CYS CA   C N R 75  
CYS C    C N N 76  
CYS O    O N N 77  
CYS CB   C N N 78  
CYS SG   S N N 79  
CYS OXT  O N N 80  
CYS H    H N N 81  
CYS H2   H N N 82  
CYS HA   H N N 83  
CYS HB2  H N N 84  
CYS HB3  H N N 85  
CYS HG   H N N 86  
CYS HXT  H N N 87  
GLN N    N N N 88  
GLN CA   C N S 89  
GLN C    C N N 90  
GLN O    O N N 91  
GLN CB   C N N 92  
GLN CG   C N N 93  
GLN CD   C N N 94  
GLN OE1  O N N 95  
GLN NE2  N N N 96  
GLN OXT  O N N 97  
GLN H    H N N 98  
GLN H2   H N N 99  
GLN HA   H N N 100 
GLN HB2  H N N 101 
GLN HB3  H N N 102 
GLN HG2  H N N 103 
GLN HG3  H N N 104 
GLN HE21 H N N 105 
GLN HE22 H N N 106 
GLN HXT  H N N 107 
GLU N    N N N 108 
GLU CA   C N S 109 
GLU C    C N N 110 
GLU O    O N N 111 
GLU CB   C N N 112 
GLU CG   C N N 113 
GLU CD   C N N 114 
GLU OE1  O N N 115 
GLU OE2  O N N 116 
GLU OXT  O N N 117 
GLU H    H N N 118 
GLU H2   H N N 119 
GLU HA   H N N 120 
GLU HB2  H N N 121 
GLU HB3  H N N 122 
GLU HG2  H N N 123 
GLU HG3  H N N 124 
GLU HE2  H N N 125 
GLU HXT  H N N 126 
GLY N    N N N 127 
GLY CA   C N N 128 
GLY C    C N N 129 
GLY O    O N N 130 
GLY OXT  O N N 131 
GLY H    H N N 132 
GLY H2   H N N 133 
GLY HA2  H N N 134 
GLY HA3  H N N 135 
GLY HXT  H N N 136 
HIS N    N N N 137 
HIS CA   C N S 138 
HIS C    C N N 139 
HIS O    O N N 140 
HIS CB   C N N 141 
HIS CG   C Y N 142 
HIS ND1  N Y N 143 
HIS CD2  C Y N 144 
HIS CE1  C Y N 145 
HIS NE2  N Y N 146 
HIS OXT  O N N 147 
HIS H    H N N 148 
HIS H2   H N N 149 
HIS HA   H N N 150 
HIS HB2  H N N 151 
HIS HB3  H N N 152 
HIS HD1  H N N 153 
HIS HD2  H N N 154 
HIS HE1  H N N 155 
HIS HE2  H N N 156 
HIS HXT  H N N 157 
ILE N    N N N 158 
ILE CA   C N S 159 
ILE C    C N N 160 
ILE O    O N N 161 
ILE CB   C N S 162 
ILE CG1  C N N 163 
ILE CG2  C N N 164 
ILE CD1  C N N 165 
ILE OXT  O N N 166 
ILE H    H N N 167 
ILE H2   H N N 168 
ILE HA   H N N 169 
ILE HB   H N N 170 
ILE HG12 H N N 171 
ILE HG13 H N N 172 
ILE HG21 H N N 173 
ILE HG22 H N N 174 
ILE HG23 H N N 175 
ILE HD11 H N N 176 
ILE HD12 H N N 177 
ILE HD13 H N N 178 
ILE HXT  H N N 179 
LEU N    N N N 180 
LEU CA   C N S 181 
LEU C    C N N 182 
LEU O    O N N 183 
LEU CB   C N N 184 
LEU CG   C N N 185 
LEU CD1  C N N 186 
LEU CD2  C N N 187 
LEU OXT  O N N 188 
LEU H    H N N 189 
LEU H2   H N N 190 
LEU HA   H N N 191 
LEU HB2  H N N 192 
LEU HB3  H N N 193 
LEU HG   H N N 194 
LEU HD11 H N N 195 
LEU HD12 H N N 196 
LEU HD13 H N N 197 
LEU HD21 H N N 198 
LEU HD22 H N N 199 
LEU HD23 H N N 200 
LEU HXT  H N N 201 
LYS N    N N N 202 
LYS CA   C N S 203 
LYS C    C N N 204 
LYS O    O N N 205 
LYS CB   C N N 206 
LYS CG   C N N 207 
LYS CD   C N N 208 
LYS CE   C N N 209 
LYS NZ   N N N 210 
LYS OXT  O N N 211 
LYS H    H N N 212 
LYS H2   H N N 213 
LYS HA   H N N 214 
LYS HB2  H N N 215 
LYS HB3  H N N 216 
LYS HG2  H N N 217 
LYS HG3  H N N 218 
LYS HD2  H N N 219 
LYS HD3  H N N 220 
LYS HE2  H N N 221 
LYS HE3  H N N 222 
LYS HZ1  H N N 223 
LYS HZ2  H N N 224 
LYS HZ3  H N N 225 
LYS HXT  H N N 226 
PHE N    N N N 227 
PHE CA   C N S 228 
PHE C    C N N 229 
PHE O    O N N 230 
PHE CB   C N N 231 
PHE CG   C Y N 232 
PHE CD1  C Y N 233 
PHE CD2  C Y N 234 
PHE CE1  C Y N 235 
PHE CE2  C Y N 236 
PHE CZ   C Y N 237 
PHE OXT  O N N 238 
PHE H    H N N 239 
PHE H2   H N N 240 
PHE HA   H N N 241 
PHE HB2  H N N 242 
PHE HB3  H N N 243 
PHE HD1  H N N 244 
PHE HD2  H N N 245 
PHE HE1  H N N 246 
PHE HE2  H N N 247 
PHE HZ   H N N 248 
PHE HXT  H N N 249 
PRO N    N N N 250 
PRO CA   C N S 251 
PRO C    C N N 252 
PRO O    O N N 253 
PRO CB   C N N 254 
PRO CG   C N N 255 
PRO CD   C N N 256 
PRO OXT  O N N 257 
PRO H    H N N 258 
PRO HA   H N N 259 
PRO HB2  H N N 260 
PRO HB3  H N N 261 
PRO HG2  H N N 262 
PRO HG3  H N N 263 
PRO HD2  H N N 264 
PRO HD3  H N N 265 
PRO HXT  H N N 266 
SER N    N N N 267 
SER CA   C N S 268 
SER C    C N N 269 
SER O    O N N 270 
SER CB   C N N 271 
SER OG   O N N 272 
SER OXT  O N N 273 
SER H    H N N 274 
SER H2   H N N 275 
SER HA   H N N 276 
SER HB2  H N N 277 
SER HB3  H N N 278 
SER HG   H N N 279 
SER HXT  H N N 280 
THR N    N N N 281 
THR CA   C N S 282 
THR C    C N N 283 
THR O    O N N 284 
THR CB   C N R 285 
THR OG1  O N N 286 
THR CG2  C N N 287 
THR OXT  O N N 288 
THR H    H N N 289 
THR H2   H N N 290 
THR HA   H N N 291 
THR HB   H N N 292 
THR HG1  H N N 293 
THR HG21 H N N 294 
THR HG22 H N N 295 
THR HG23 H N N 296 
THR HXT  H N N 297 
VAL N    N N N 298 
VAL CA   C N S 299 
VAL C    C N N 300 
VAL O    O N N 301 
VAL CB   C N N 302 
VAL CG1  C N N 303 
VAL CG2  C N N 304 
VAL OXT  O N N 305 
VAL H    H N N 306 
VAL H2   H N N 307 
VAL HA   H N N 308 
VAL HB   H N N 309 
VAL HG11 H N N 310 
VAL HG12 H N N 311 
VAL HG13 H N N 312 
VAL HG21 H N N 313 
VAL HG22 H N N 314 
VAL HG23 H N N 315 
VAL HXT  H N N 316 
# 
loop_
_chem_comp_bond.comp_id 
_chem_comp_bond.atom_id_1 
_chem_comp_bond.atom_id_2 
_chem_comp_bond.value_order 
_chem_comp_bond.pdbx_aromatic_flag 
_chem_comp_bond.pdbx_stereo_config 
_chem_comp_bond.pdbx_ordinal 
ALA N   CA   sing N N 1   
ALA N   H    sing N N 2   
ALA N   H2   sing N N 3   
ALA CA  C    sing N N 4   
ALA CA  CB   sing N N 5   
ALA CA  HA   sing N N 6   
ALA C   O    doub N N 7   
ALA C   OXT  sing N N 8   
ALA CB  HB1  sing N N 9   
ALA CB  HB2  sing N N 10  
ALA CB  HB3  sing N N 11  
ALA OXT HXT  sing N N 12  
ARG N   CA   sing N N 13  
ARG N   H    sing N N 14  
ARG N   H2   sing N N 15  
ARG CA  C    sing N N 16  
ARG CA  CB   sing N N 17  
ARG CA  HA   sing N N 18  
ARG C   O    doub N N 19  
ARG C   OXT  sing N N 20  
ARG CB  CG   sing N N 21  
ARG CB  HB2  sing N N 22  
ARG CB  HB3  sing N N 23  
ARG CG  CD   sing N N 24  
ARG CG  HG2  sing N N 25  
ARG CG  HG3  sing N N 26  
ARG CD  NE   sing N N 27  
ARG CD  HD2  sing N N 28  
ARG CD  HD3  sing N N 29  
ARG NE  CZ   sing N N 30  
ARG NE  HE   sing N N 31  
ARG CZ  NH1  sing N N 32  
ARG CZ  NH2  doub N N 33  
ARG NH1 HH11 sing N N 34  
ARG NH1 HH12 sing N N 35  
ARG NH2 HH21 sing N N 36  
ARG NH2 HH22 sing N N 37  
ARG OXT HXT  sing N N 38  
ASN N   CA   sing N N 39  
ASN N   H    sing N N 40  
ASN N   H2   sing N N 41  
ASN CA  C    sing N N 42  
ASN CA  CB   sing N N 43  
ASN CA  HA   sing N N 44  
ASN C   O    doub N N 45  
ASN C   OXT  sing N N 46  
ASN CB  CG   sing N N 47  
ASN CB  HB2  sing N N 48  
ASN CB  HB3  sing N N 49  
ASN CG  OD1  doub N N 50  
ASN CG  ND2  sing N N 51  
ASN ND2 HD21 sing N N 52  
ASN ND2 HD22 sing N N 53  
ASN OXT HXT  sing N N 54  
ASP N   CA   sing N N 55  
ASP N   H    sing N N 56  
ASP N   H2   sing N N 57  
ASP CA  C    sing N N 58  
ASP CA  CB   sing N N 59  
ASP CA  HA   sing N N 60  
ASP C   O    doub N N 61  
ASP C   OXT  sing N N 62  
ASP CB  CG   sing N N 63  
ASP CB  HB2  sing N N 64  
ASP CB  HB3  sing N N 65  
ASP CG  OD1  doub N N 66  
ASP CG  OD2  sing N N 67  
ASP OD2 HD2  sing N N 68  
ASP OXT HXT  sing N N 69  
CYS N   CA   sing N N 70  
CYS N   H    sing N N 71  
CYS N   H2   sing N N 72  
CYS CA  C    sing N N 73  
CYS CA  CB   sing N N 74  
CYS CA  HA   sing N N 75  
CYS C   O    doub N N 76  
CYS C   OXT  sing N N 77  
CYS CB  SG   sing N N 78  
CYS CB  HB2  sing N N 79  
CYS CB  HB3  sing N N 80  
CYS SG  HG   sing N N 81  
CYS OXT HXT  sing N N 82  
GLN N   CA   sing N N 83  
GLN N   H    sing N N 84  
GLN N   H2   sing N N 85  
GLN CA  C    sing N N 86  
GLN CA  CB   sing N N 87  
GLN CA  HA   sing N N 88  
GLN C   O    doub N N 89  
GLN C   OXT  sing N N 90  
GLN CB  CG   sing N N 91  
GLN CB  HB2  sing N N 92  
GLN CB  HB3  sing N N 93  
GLN CG  CD   sing N N 94  
GLN CG  HG2  sing N N 95  
GLN CG  HG3  sing N N 96  
GLN CD  OE1  doub N N 97  
GLN CD  NE2  sing N N 98  
GLN NE2 HE21 sing N N 99  
GLN NE2 HE22 sing N N 100 
GLN OXT HXT  sing N N 101 
GLU N   CA   sing N N 102 
GLU N   H    sing N N 103 
GLU N   H2   sing N N 104 
GLU CA  C    sing N N 105 
GLU CA  CB   sing N N 106 
GLU CA  HA   sing N N 107 
GLU C   O    doub N N 108 
GLU C   OXT  sing N N 109 
GLU CB  CG   sing N N 110 
GLU CB  HB2  sing N N 111 
GLU CB  HB3  sing N N 112 
GLU CG  CD   sing N N 113 
GLU CG  HG2  sing N N 114 
GLU CG  HG3  sing N N 115 
GLU CD  OE1  doub N N 116 
GLU CD  OE2  sing N N 117 
GLU OE2 HE2  sing N N 118 
GLU OXT HXT  sing N N 119 
GLY N   CA   sing N N 120 
GLY N   H    sing N N 121 
GLY N   H2   sing N N 122 
GLY CA  C    sing N N 123 
GLY CA  HA2  sing N N 124 
GLY CA  HA3  sing N N 125 
GLY C   O    doub N N 126 
GLY C   OXT  sing N N 127 
GLY OXT HXT  sing N N 128 
HIS N   CA   sing N N 129 
HIS N   H    sing N N 130 
HIS N   H2   sing N N 131 
HIS CA  C    sing N N 132 
HIS CA  CB   sing N N 133 
HIS CA  HA   sing N N 134 
HIS C   O    doub N N 135 
HIS C   OXT  sing N N 136 
HIS CB  CG   sing N N 137 
HIS CB  HB2  sing N N 138 
HIS CB  HB3  sing N N 139 
HIS CG  ND1  sing Y N 140 
HIS CG  CD2  doub Y N 141 
HIS ND1 CE1  doub Y N 142 
HIS ND1 HD1  sing N N 143 
HIS CD2 NE2  sing Y N 144 
HIS CD2 HD2  sing N N 145 
HIS CE1 NE2  sing Y N 146 
HIS CE1 HE1  sing N N 147 
HIS NE2 HE2  sing N N 148 
HIS OXT HXT  sing N N 149 
ILE N   CA   sing N N 150 
ILE N   H    sing N N 151 
ILE N   H2   sing N N 152 
ILE CA  C    sing N N 153 
ILE CA  CB   sing N N 154 
ILE CA  HA   sing N N 155 
ILE C   O    doub N N 156 
ILE C   OXT  sing N N 157 
ILE CB  CG1  sing N N 158 
ILE CB  CG2  sing N N 159 
ILE CB  HB   sing N N 160 
ILE CG1 CD1  sing N N 161 
ILE CG1 HG12 sing N N 162 
ILE CG1 HG13 sing N N 163 
ILE CG2 HG21 sing N N 164 
ILE CG2 HG22 sing N N 165 
ILE CG2 HG23 sing N N 166 
ILE CD1 HD11 sing N N 167 
ILE CD1 HD12 sing N N 168 
ILE CD1 HD13 sing N N 169 
ILE OXT HXT  sing N N 170 
LEU N   CA   sing N N 171 
LEU N   H    sing N N 172 
LEU N   H2   sing N N 173 
LEU CA  C    sing N N 174 
LEU CA  CB   sing N N 175 
LEU CA  HA   sing N N 176 
LEU C   O    doub N N 177 
LEU C   OXT  sing N N 178 
LEU CB  CG   sing N N 179 
LEU CB  HB2  sing N N 180 
LEU CB  HB3  sing N N 181 
LEU CG  CD1  sing N N 182 
LEU CG  CD2  sing N N 183 
LEU CG  HG   sing N N 184 
LEU CD1 HD11 sing N N 185 
LEU CD1 HD12 sing N N 186 
LEU CD1 HD13 sing N N 187 
LEU CD2 HD21 sing N N 188 
LEU CD2 HD22 sing N N 189 
LEU CD2 HD23 sing N N 190 
LEU OXT HXT  sing N N 191 
LYS N   CA   sing N N 192 
LYS N   H    sing N N 193 
LYS N   H2   sing N N 194 
LYS CA  C    sing N N 195 
LYS CA  CB   sing N N 196 
LYS CA  HA   sing N N 197 
LYS C   O    doub N N 198 
LYS C   OXT  sing N N 199 
LYS CB  CG   sing N N 200 
LYS CB  HB2  sing N N 201 
LYS CB  HB3  sing N N 202 
LYS CG  CD   sing N N 203 
LYS CG  HG2  sing N N 204 
LYS CG  HG3  sing N N 205 
LYS CD  CE   sing N N 206 
LYS CD  HD2  sing N N 207 
LYS CD  HD3  sing N N 208 
LYS CE  NZ   sing N N 209 
LYS CE  HE2  sing N N 210 
LYS CE  HE3  sing N N 211 
LYS NZ  HZ1  sing N N 212 
LYS NZ  HZ2  sing N N 213 
LYS NZ  HZ3  sing N N 214 
LYS OXT HXT  sing N N 215 
PHE N   CA   sing N N 216 
PHE N   H    sing N N 217 
PHE N   H2   sing N N 218 
PHE CA  C    sing N N 219 
PHE CA  CB   sing N N 220 
PHE CA  HA   sing N N 221 
PHE C   O    doub N N 222 
PHE C   OXT  sing N N 223 
PHE CB  CG   sing N N 224 
PHE CB  HB2  sing N N 225 
PHE CB  HB3  sing N N 226 
PHE CG  CD1  doub Y N 227 
PHE CG  CD2  sing Y N 228 
PHE CD1 CE1  sing Y N 229 
PHE CD1 HD1  sing N N 230 
PHE CD2 CE2  doub Y N 231 
PHE CD2 HD2  sing N N 232 
PHE CE1 CZ   doub Y N 233 
PHE CE1 HE1  sing N N 234 
PHE CE2 CZ   sing Y N 235 
PHE CE2 HE2  sing N N 236 
PHE CZ  HZ   sing N N 237 
PHE OXT HXT  sing N N 238 
PRO N   CA   sing N N 239 
PRO N   CD   sing N N 240 
PRO N   H    sing N N 241 
PRO CA  C    sing N N 242 
PRO CA  CB   sing N N 243 
PRO CA  HA   sing N N 244 
PRO C   O    doub N N 245 
PRO C   OXT  sing N N 246 
PRO CB  CG   sing N N 247 
PRO CB  HB2  sing N N 248 
PRO CB  HB3  sing N N 249 
PRO CG  CD   sing N N 250 
PRO CG  HG2  sing N N 251 
PRO CG  HG3  sing N N 252 
PRO CD  HD2  sing N N 253 
PRO CD  HD3  sing N N 254 
PRO OXT HXT  sing N N 255 
SER N   CA   sing N N 256 
SER N   H    sing N N 257 
SER N   H2   sing N N 258 
SER CA  C    sing N N 259 
SER CA  CB   sing N N 260 
SER CA  HA   sing N N 261 
SER C   O    doub N N 262 
SER C   OXT  sing N N 263 
SER CB  OG   sing N N 264 
SER CB  HB2  sing N N 265 
SER CB  HB3  sing N N 266 
SER OG  HG   sing N N 267 
SER OXT HXT  sing N N 268 
THR N   CA   sing N N 269 
THR N   H    sing N N 270 
THR N   H2   sing N N 271 
THR CA  C    sing N N 272 
THR CA  CB   sing N N 273 
THR CA  HA   sing N N 274 
THR C   O    doub N N 275 
THR C   OXT  sing N N 276 
THR CB  OG1  sing N N 277 
THR CB  CG2  sing N N 278 
THR CB  HB   sing N N 279 
THR OG1 HG1  sing N N 280 
THR CG2 HG21 sing N N 281 
THR CG2 HG22 sing N N 282 
THR CG2 HG23 sing N N 283 
THR OXT HXT  sing N N 284 
VAL N   CA   sing N N 285 
VAL N   H    sing N N 286 
VAL N   H2   sing N N 287 
VAL CA  C    sing N N 288 
VAL CA  CB   sing N N 289 
VAL CA  HA   sing N N 290 
VAL C   O    doub N N 291 
VAL C   OXT  sing N N 292 
VAL CB  CG1  sing N N 293 
VAL CB  CG2  sing N N 294 
VAL CB  HB   sing N N 295 
VAL CG1 HG11 sing N N 296 
VAL CG1 HG12 sing N N 297 
VAL CG1 HG13 sing N N 298 
VAL CG2 HG21 sing N N 299 
VAL CG2 HG22 sing N N 300 
VAL CG2 HG23 sing N N 301 
VAL OXT HXT  sing N N 302 
# 
_atom_sites.entry_id                    1FWP 
_atom_sites.fract_transf_matrix[1][1]   1.000000 
_atom_sites.fract_transf_matrix[1][2]   0.000000 
_atom_sites.fract_transf_matrix[1][3]   0.000000 
_atom_sites.fract_transf_matrix[2][1]   0.000000 
_atom_sites.fract_transf_matrix[2][2]   1.000000 
_atom_sites.fract_transf_matrix[2][3]   0.000000 
_atom_sites.fract_transf_matrix[3][1]   0.000000 
_atom_sites.fract_transf_matrix[3][2]   0.000000 
_atom_sites.fract_transf_matrix[3][3]   1.000000 
_atom_sites.fract_transf_vector[1]      0.00000 
_atom_sites.fract_transf_vector[2]      0.00000 
_atom_sites.fract_transf_vector[3]      0.00000 
# 
loop_
_atom_type.symbol 
C 
H 
N 
O 
S 
# 
loop_
_atom_site.group_PDB 
_atom_site.id 
_atom_site.type_symbol 
_atom_site.label_atom_id 
_atom_site.label_alt_id 
_atom_site.label_comp_id 
_atom_site.label_asym_id 
_atom_site.label_entity_id 
_atom_site.label_seq_id 
_atom_site.pdbx_PDB_ins_code 
_atom_site.Cartn_x 
_atom_site.Cartn_y 
_atom_site.Cartn_z 
_atom_site.occupancy 
_atom_site.B_iso_or_equiv 
_atom_site.pdbx_formal_charge 
_atom_site.auth_seq_id 
_atom_site.auth_comp_id 
_atom_site.auth_asym_id 
_atom_site.auth_atom_id 
_atom_site.pdbx_PDB_model_num 
ATOM 1    N N    . PRO A 1 36  ? 11.854  7.026   -4.176  1.00 0.81 ? 1  PRO A N    1 
ATOM 2    C CA   . PRO A 1 36  ? 10.454  6.916   -4.687  1.00 0.78 ? 1  PRO A CA   1 
ATOM 3    C C    . PRO A 1 36  ? 10.167  5.442   -4.934  1.00 0.69 ? 1  PRO A C    1 
ATOM 4    O O    . PRO A 1 36  ? 10.952  4.763   -5.566  1.00 0.89 ? 1  PRO A O    1 
ATOM 5    C CB   . PRO A 1 36  ? 10.384  7.672   -6.017  1.00 0.85 ? 1  PRO A CB   1 
ATOM 6    C CG   . PRO A 1 36  ? 11.787  8.202   -6.293  1.00 0.85 ? 1  PRO A CG   1 
ATOM 7    C CD   . PRO A 1 36  ? 12.708  7.505   -5.297  1.00 0.81 ? 1  PRO A CD   1 
ATOM 8    H HA   . PRO A 1 36  ? 9.754   7.330   -3.978  1.00 1.01 ? 1  PRO A HA   1 
ATOM 9    H HB2  . PRO A 1 36  ? 10.077  7.000   -6.807  1.00 0.93 ? 1  PRO A HB2  1 
ATOM 10   H HB3  . PRO A 1 36  ? 9.692   8.495   -5.939  1.00 1.05 ? 1  PRO A HB3  1 
ATOM 11   H HG2  . PRO A 1 36  ? 12.079  7.963   -7.307  1.00 1.03 ? 1  PRO A HG2  1 
ATOM 12   H HG3  . PRO A 1 36  ? 11.819  9.268   -6.136  1.00 0.93 ? 1  PRO A HG3  1 
ATOM 13   H HD2  . PRO A 1 36  ? 13.192  6.664   -5.775  1.00 0.89 ? 1  PRO A HD2  1 
ATOM 14   H HD3  . PRO A 1 36  ? 13.447  8.188   -4.927  1.00 0.94 ? 1  PRO A HD3  1 
ATOM 15   N N    . ARG A 1 37  ? 9.080   4.910   -4.453  1.00 0.46 ? 2  ARG A N    1 
ATOM 16   C CA   . ARG A 1 37  ? 8.856   3.466   -4.714  1.00 0.44 ? 2  ARG A CA   1 
ATOM 17   C C    . ARG A 1 37  ? 7.372   3.108   -4.734  1.00 0.36 ? 2  ARG A C    1 
ATOM 18   O O    . ARG A 1 37  ? 6.511   3.879   -4.360  1.00 0.31 ? 2  ARG A O    1 
ATOM 19   C CB   . ARG A 1 37  ? 9.585   2.615   -3.659  1.00 0.55 ? 2  ARG A CB   1 
ATOM 20   C CG   . ARG A 1 37  ? 9.607   3.317   -2.299  1.00 0.76 ? 2  ARG A CG   1 
ATOM 21   C CD   . ARG A 1 37  ? 8.673   2.578   -1.340  1.00 0.68 ? 2  ARG A CD   1 
ATOM 22   N NE   . ARG A 1 37  ? 9.003   2.953   0.063   1.00 0.48 ? 2  ARG A NE   1 
ATOM 23   C CZ   . ARG A 1 37  ? 9.989   2.355   0.675   1.00 0.81 ? 2  ARG A CZ   1 
ATOM 24   N NH1  . ARG A 1 37  ? 9.845   1.132   1.105   1.00 1.55 ? 2  ARG A NH1  1 
ATOM 25   N NH2  . ARG A 1 37  ? 11.124  2.976   0.847   1.00 1.52 ? 2  ARG A NH2  1 
ATOM 26   H H    . ARG A 1 37  ? 8.433   5.444   -3.933  1.00 0.41 ? 2  ARG A H    1 
ATOM 27   H HA   . ARG A 1 37  ? 9.268   3.236   -5.683  1.00 0.49 ? 2  ARG A HA   1 
ATOM 28   H HB2  . ARG A 1 37  ? 9.080   1.665   -3.559  1.00 0.91 ? 2  ARG A HB2  1 
ATOM 29   H HB3  . ARG A 1 37  ? 10.603  2.445   -3.982  1.00 0.91 ? 2  ARG A HB3  1 
ATOM 30   H HG2  . ARG A 1 37  ? 10.612  3.298   -1.905  1.00 1.50 ? 2  ARG A HG2  1 
ATOM 31   H HG3  . ARG A 1 37  ? 9.285   4.338   -2.403  1.00 1.52 ? 2  ARG A HG3  1 
ATOM 32   H HD2  . ARG A 1 37  ? 7.648   2.840   -1.554  1.00 1.42 ? 2  ARG A HD2  1 
ATOM 33   H HD3  . ARG A 1 37  ? 8.805   1.512   -1.466  1.00 1.36 ? 2  ARG A HD3  1 
ATOM 34   H HE   . ARG A 1 37  ? 8.478   3.646   0.525   1.00 0.48 ? 2  ARG A HE   1 
ATOM 35   H HH11 . ARG A 1 37  ? 8.978   0.652   0.966   1.00 2.18 ? 2  ARG A HH11 1 
ATOM 36   H HH12 . ARG A 1 37  ? 10.600  0.674   1.574   1.00 1.83 ? 2  ARG A HH12 1 
ATOM 37   H HH21 . ARG A 1 37  ? 11.239  3.910   0.511   1.00 2.13 ? 2  ARG A HH21 1 
ATOM 38   H HH22 . ARG A 1 37  ? 11.879  2.517   1.317   1.00 1.83 ? 2  ARG A HH22 1 
ATOM 39   N N    . ARG A 1 38  ? 7.092   1.921   -5.192  1.00 0.50 ? 3  ARG A N    1 
ATOM 40   C CA   . ARG A 1 38  ? 5.692   1.427   -5.284  1.00 0.49 ? 3  ARG A CA   1 
ATOM 41   C C    . ARG A 1 38  ? 5.474   0.369   -4.206  1.00 0.53 ? 3  ARG A C    1 
ATOM 42   O O    . ARG A 1 38  ? 6.405   -0.184  -3.660  1.00 0.81 ? 3  ARG A O    1 
ATOM 43   C CB   . ARG A 1 38  ? 5.492   0.812   -6.681  1.00 0.57 ? 3  ARG A CB   1 
ATOM 44   C CG   . ARG A 1 38  ? 4.287   -0.134  -6.699  1.00 0.58 ? 3  ARG A CG   1 
ATOM 45   C CD   . ARG A 1 38  ? 3.000   0.687   -6.649  1.00 1.09 ? 3  ARG A CD   1 
ATOM 46   N NE   . ARG A 1 38  ? 2.462   0.841   -8.030  1.00 1.05 ? 3  ARG A NE   1 
ATOM 47   C CZ   . ARG A 1 38  ? 2.184   2.029   -8.494  1.00 1.30 ? 3  ARG A CZ   1 
ATOM 48   N NH1  . ARG A 1 38  ? 3.125   2.929   -8.587  1.00 1.90 ? 3  ARG A NH1  1 
ATOM 49   N NH2  . ARG A 1 38  ? 0.967   2.316   -8.865  1.00 2.02 ? 3  ARG A NH2  1 
ATOM 50   H H    . ARG A 1 38  ? 7.823   1.343   -5.491  1.00 0.66 ? 3  ARG A H    1 
ATOM 51   H HA   . ARG A 1 38  ? 4.987   2.237   -5.137  1.00 0.48 ? 3  ARG A HA   1 
ATOM 52   H HB2  . ARG A 1 38  ? 5.329   1.605   -7.398  1.00 0.74 ? 3  ARG A HB2  1 
ATOM 53   H HB3  . ARG A 1 38  ? 6.378   0.261   -6.957  1.00 0.67 ? 3  ARG A HB3  1 
ATOM 54   H HG2  . ARG A 1 38  ? 4.304   -0.719  -7.609  1.00 0.78 ? 3  ARG A HG2  1 
ATOM 55   H HG3  . ARG A 1 38  ? 4.330   -0.797  -5.850  1.00 0.73 ? 3  ARG A HG3  1 
ATOM 56   H HD2  . ARG A 1 38  ? 2.273   0.183   -6.031  1.00 1.45 ? 3  ARG A HD2  1 
ATOM 57   H HD3  . ARG A 1 38  ? 3.213   1.660   -6.237  1.00 1.69 ? 3  ARG A HD3  1 
ATOM 58   H HE   . ARG A 1 38  ? 2.317   0.050   -8.591  1.00 1.59 ? 3  ARG A HE   1 
ATOM 59   H HH11 . ARG A 1 38  ? 4.058   2.710   -8.304  1.00 2.29 ? 3  ARG A HH11 1 
ATOM 60   H HH12 . ARG A 1 38  ? 2.912   3.840   -8.942  1.00 2.43 ? 3  ARG A HH12 1 
ATOM 61   H HH21 . ARG A 1 38  ? 0.247   1.627   -8.795  1.00 2.47 ? 3  ARG A HH21 1 
ATOM 62   H HH22 . ARG A 1 38  ? 0.754   3.227   -9.221  1.00 2.53 ? 3  ARG A HH22 1 
ATOM 63   N N    . ILE A 1 39  ? 4.245   0.098   -3.906  1.00 0.53 ? 4  ILE A N    1 
ATOM 64   C CA   . ILE A 1 39  ? 3.909   -0.916  -2.879  1.00 0.56 ? 4  ILE A CA   1 
ATOM 65   C C    . ILE A 1 39  ? 2.620   -1.577  -3.345  1.00 0.51 ? 4  ILE A C    1 
ATOM 66   O O    . ILE A 1 39  ? 1.565   -1.004  -3.272  1.00 0.81 ? 4  ILE A O    1 
ATOM 67   C CB   . ILE A 1 39  ? 3.727   -0.228  -1.507  1.00 0.67 ? 4  ILE A CB   1 
ATOM 68   C CG1  . ILE A 1 39  ? 2.622   -0.935  -0.683  1.00 1.20 ? 4  ILE A CG1  1 
ATOM 69   C CG2  . ILE A 1 39  ? 3.385   1.254   -1.710  1.00 1.03 ? 4  ILE A CG2  1 
ATOM 70   C CD1  . ILE A 1 39  ? 1.264   -0.234  -0.851  1.00 1.31 ? 4  ILE A CD1  1 
ATOM 71   H H    . ILE A 1 39  ? 3.526   0.562   -4.372  1.00 0.71 ? 4  ILE A H    1 
ATOM 72   H HA   . ILE A 1 39  ? 4.695   -1.653  -2.822  1.00 0.63 ? 4  ILE A HA   1 
ATOM 73   H HB   . ILE A 1 39  ? 4.662   -0.292  -0.966  1.00 1.01 ? 4  ILE A HB   1 
ATOM 74   H HG12 . ILE A 1 39  ? 2.534   -1.959  -1.014  1.00 1.96 ? 4  ILE A HG12 1 
ATOM 75   H HG13 . ILE A 1 39  ? 2.899   -0.923  0.360   1.00 1.70 ? 4  ILE A HG13 1 
ATOM 76   H HG21 . ILE A 1 39  ? 2.719   1.357   -2.553  1.00 1.56 ? 4  ILE A HG21 1 
ATOM 77   H HG22 . ILE A 1 39  ? 2.905   1.640   -0.823  1.00 1.53 ? 4  ILE A HG22 1 
ATOM 78   H HG23 . ILE A 1 39  ? 4.291   1.808   -1.899  1.00 1.60 ? 4  ILE A HG23 1 
ATOM 79   H HD11 . ILE A 1 39  ? 1.261   0.347   -1.759  1.00 1.80 ? 4  ILE A HD11 1 
ATOM 80   H HD12 . ILE A 1 39  ? 0.480   -0.977  -0.897  1.00 1.79 ? 4  ILE A HD12 1 
ATOM 81   H HD13 . ILE A 1 39  ? 1.089   0.417   -0.008  1.00 1.74 ? 4  ILE A HD13 1 
ATOM 82   N N    . ILE A 1 40  ? 2.689   -2.763  -3.854  1.00 0.34 ? 5  ILE A N    1 
ATOM 83   C CA   . ILE A 1 40  ? 1.446   -3.396  -4.350  1.00 0.28 ? 5  ILE A CA   1 
ATOM 84   C C    . ILE A 1 40  ? 1.007   -4.478  -3.365  1.00 0.27 ? 5  ILE A C    1 
ATOM 85   O O    . ILE A 1 40  ? 1.818   -5.110  -2.718  1.00 0.38 ? 5  ILE A O    1 
ATOM 86   C CB   . ILE A 1 40  ? 1.714   -4.034  -5.712  1.00 0.34 ? 5  ILE A CB   1 
ATOM 87   C CG1  . ILE A 1 40  ? 2.171   -2.959  -6.701  1.00 0.46 ? 5  ILE A CG1  1 
ATOM 88   C CG2  . ILE A 1 40  ? 0.434   -4.694  -6.225  1.00 0.40 ? 5  ILE A CG2  1 
ATOM 89   C CD1  . ILE A 1 40  ? 3.639   -3.192  -7.067  1.00 0.56 ? 5  ILE A CD1  1 
ATOM 90   H H    . ILE A 1 40  ? 3.551   -3.223  -3.934  1.00 0.52 ? 5  ILE A H    1 
ATOM 91   H HA   . ILE A 1 40  ? 0.672   -2.632  -4.449  1.00 0.27 ? 5  ILE A HA   1 
ATOM 92   H HB   . ILE A 1 40  ? 2.487   -4.783  -5.611  1.00 0.36 ? 5  ILE A HB   1 
ATOM 93   H HG12 . ILE A 1 40  ? 1.564   -3.011  -7.594  1.00 0.63 ? 5  ILE A HG12 1 
ATOM 94   H HG13 . ILE A 1 40  ? 2.065   -1.984  -6.247  1.00 0.62 ? 5  ILE A HG13 1 
ATOM 95   H HG21 . ILE A 1 40  ? 0.094   -5.425  -5.506  1.00 1.12 ? 5  ILE A HG21 1 
ATOM 96   H HG22 . ILE A 1 40  ? -0.329  -3.941  -6.362  1.00 1.09 ? 5  ILE A HG22 1 
ATOM 97   H HG23 . ILE A 1 40  ? 0.633   -5.181  -7.168  1.00 1.10 ? 5  ILE A HG23 1 
ATOM 98   H HD11 . ILE A 1 40  ? 3.777   -4.222  -7.363  1.00 1.25 ? 5  ILE A HD11 1 
ATOM 99   H HD12 . ILE A 1 40  ? 3.916   -2.543  -7.884  1.00 1.17 ? 5  ILE A HD12 1 
ATOM 100  H HD13 . ILE A 1 40  ? 4.262   -2.979  -6.211  1.00 1.09 ? 5  ILE A HD13 1 
ATOM 101  N N    . LEU A 1 41  ? -0.271  -4.690  -3.239  1.00 0.28 ? 6  LEU A N    1 
ATOM 102  C CA   . LEU A 1 41  ? -0.766  -5.721  -2.288  1.00 0.32 ? 6  LEU A CA   1 
ATOM 103  C C    . LEU A 1 41  ? -1.877  -6.522  -2.954  1.00 0.37 ? 6  LEU A C    1 
ATOM 104  O O    . LEU A 1 41  ? -2.643  -5.998  -3.735  1.00 0.52 ? 6  LEU A O    1 
ATOM 105  C CB   . LEU A 1 41  ? -1.309  -5.030  -1.034  1.00 0.48 ? 6  LEU A CB   1 
ATOM 106  C CG   . LEU A 1 41  ? -0.491  -3.767  -0.755  1.00 0.48 ? 6  LEU A CG   1 
ATOM 107  C CD1  . LEU A 1 41  ? -1.197  -2.553  -1.363  1.00 1.07 ? 6  LEU A CD1  1 
ATOM 108  C CD2  . LEU A 1 41  ? -0.349  -3.566  0.754   1.00 0.74 ? 6  LEU A CD2  1 
ATOM 109  H H    . LEU A 1 41  ? -0.908  -4.166  -3.765  1.00 0.37 ? 6  LEU A H    1 
ATOM 110  H HA   . LEU A 1 41  ? 0.040   -6.384  -2.020  1.00 0.33 ? 6  LEU A HA   1 
ATOM 111  H HB2  . LEU A 1 41  ? -2.345  -4.761  -1.194  1.00 0.54 ? 6  LEU A HB2  1 
ATOM 112  H HB3  . LEU A 1 41  ? -1.235  -5.700  -0.193  1.00 0.67 ? 6  LEU A HB3  1 
ATOM 113  H HG   . LEU A 1 41  ? 0.489   -3.869  -1.196  1.00 0.80 ? 6  LEU A HG   1 
ATOM 114  H HD11 . LEU A 1 41  ? -2.079  -2.879  -1.893  1.00 1.61 ? 6  LEU A HD11 1 
ATOM 115  H HD12 . LEU A 1 41  ? -1.481  -1.870  -0.577  1.00 1.68 ? 6  LEU A HD12 1 
ATOM 116  H HD13 . LEU A 1 41  ? -0.528  -2.054  -2.049  1.00 1.53 ? 6  LEU A HD13 1 
ATOM 117  H HD21 . LEU A 1 41  ? -0.737  -4.430  1.271   1.00 1.26 ? 6  LEU A HD21 1 
ATOM 118  H HD22 . LEU A 1 41  ? 0.695   -3.438  0.999   1.00 1.34 ? 6  LEU A HD22 1 
ATOM 119  H HD23 . LEU A 1 41  ? -0.900  -2.688  1.054   1.00 1.43 ? 6  LEU A HD23 1 
ATOM 120  N N    . SER A 1 42  ? -1.974  -7.789  -2.660  1.00 0.38 ? 7  SER A N    1 
ATOM 121  C CA   . SER A 1 42  ? -3.042  -8.605  -3.294  1.00 0.53 ? 7  SER A CA   1 
ATOM 122  C C    . SER A 1 42  ? -3.726  -9.481  -2.253  1.00 0.58 ? 7  SER A C    1 
ATOM 123  O O    . SER A 1 42  ? -3.256  -10.542 -1.902  1.00 0.88 ? 7  SER A O    1 
ATOM 124  C CB   . SER A 1 42  ? -2.438  -9.479  -4.380  1.00 0.65 ? 7  SER A CB   1 
ATOM 125  O OG   . SER A 1 42  ? -1.024  -9.489  -4.246  1.00 1.08 ? 7  SER A OG   1 
ATOM 126  H H    . SER A 1 42  ? -1.344  -8.200  -2.027  1.00 0.39 ? 7  SER A H    1 
ATOM 127  H HA   . SER A 1 42  ? -3.774  -7.946  -3.737  1.00 0.68 ? 7  SER A HA   1 
ATOM 128  H HB2  . SER A 1 42  ? -2.814  -10.486 -4.289  1.00 1.20 ? 7  SER A HB2  1 
ATOM 129  H HB3  . SER A 1 42  ? -2.719  -9.073  -5.338  1.00 1.27 ? 7  SER A HB3  1 
ATOM 130  H HG   . SER A 1 42  ? -0.643  -9.371  -5.119  1.00 1.47 ? 7  SER A HG   1 
ATOM 131  N N    . ARG A 1 43  ? -4.842  -9.033  -1.769  1.00 0.55 ? 8  ARG A N    1 
ATOM 132  C CA   . ARG A 1 43  ? -5.591  -9.821  -0.748  1.00 0.63 ? 8  ARG A CA   1 
ATOM 133  C C    . ARG A 1 43  ? -6.959  -9.177  -0.503  1.00 0.71 ? 8  ARG A C    1 
ATOM 134  O O    . ARG A 1 43  ? -7.928  -9.846  -0.208  1.00 1.17 ? 8  ARG A O    1 
ATOM 135  C CB   . ARG A 1 43  ? -4.797  -9.848  0.560   1.00 0.78 ? 8  ARG A CB   1 
ATOM 136  C CG   . ARG A 1 43  ? -5.270  -11.021 1.421   1.00 1.17 ? 8  ARG A CG   1 
ATOM 137  C CD   . ARG A 1 43  ? -5.165  -12.319 0.618   1.00 1.69 ? 8  ARG A CD   1 
ATOM 138  N NE   . ARG A 1 43  ? -5.173  -13.482 1.550   1.00 2.09 ? 8  ARG A NE   1 
ATOM 139  C CZ   . ARG A 1 43  ? -6.172  -14.321 1.538   1.00 2.72 ? 8  ARG A CZ   1 
ATOM 140  N NH1  . ARG A 1 43  ? -7.318  -13.978 2.058   1.00 3.44 ? 8  ARG A NH1  1 
ATOM 141  N NH2  . ARG A 1 43  ? -6.024  -15.504 1.008   1.00 3.20 ? 8  ARG A NH2  1 
ATOM 142  H H    . ARG A 1 43  ? -5.191  -8.178  -2.087  1.00 0.71 ? 8  ARG A H    1 
ATOM 143  H HA   . ARG A 1 43  ? -5.728  -10.831 -1.106  1.00 0.70 ? 8  ARG A HA   1 
ATOM 144  H HB2  . ARG A 1 43  ? -3.745  -9.963  0.340   1.00 0.85 ? 8  ARG A HB2  1 
ATOM 145  H HB3  . ARG A 1 43  ? -4.953  -8.925  1.096   1.00 0.94 ? 8  ARG A HB3  1 
ATOM 146  H HG2  . ARG A 1 43  ? -4.652  -11.092 2.304   1.00 1.64 ? 8  ARG A HG2  1 
ATOM 147  H HG3  . ARG A 1 43  ? -6.298  -10.862 1.712   1.00 1.70 ? 8  ARG A HG3  1 
ATOM 148  H HD2  . ARG A 1 43  ? -6.004  -12.394 -0.058  1.00 2.09 ? 8  ARG A HD2  1 
ATOM 149  H HD3  . ARG A 1 43  ? -4.245  -12.317 0.051   1.00 2.04 ? 8  ARG A HD3  1 
ATOM 150  H HE   . ARG A 1 43  ? -4.426  -13.616 2.171   1.00 2.17 ? 8  ARG A HE   1 
ATOM 151  H HH11 . ARG A 1 43  ? -7.432  -13.071 2.464   1.00 3.61 ? 8  ARG A HH11 1 
ATOM 152  H HH12 . ARG A 1 43  ? -8.084  -14.621 2.049   1.00 4.09 ? 8  ARG A HH12 1 
ATOM 153  H HH21 . ARG A 1 43  ? -5.145  -15.768 0.611   1.00 3.26 ? 8  ARG A HH21 1 
ATOM 154  H HH22 . ARG A 1 43  ? -6.790  -16.148 0.999   1.00 3.85 ? 8  ARG A HH22 1 
ATOM 155  N N    . LEU A 1 44  ? -7.035  -7.878  -0.612  1.00 0.62 ? 9  LEU A N    1 
ATOM 156  C CA   . LEU A 1 44  ? -8.327  -7.176  -0.372  1.00 0.69 ? 9  LEU A CA   1 
ATOM 157  C C    . LEU A 1 44  ? -9.375  -7.643  -1.381  1.00 0.57 ? 9  LEU A C    1 
ATOM 158  O O    . LEU A 1 44  ? -9.177  -8.591  -2.111  1.00 0.71 ? 9  LEU A O    1 
ATOM 159  C CB   . LEU A 1 44  ? -8.120  -5.667  -0.526  1.00 0.90 ? 9  LEU A CB   1 
ATOM 160  C CG   . LEU A 1 44  ? -7.141  -5.396  -1.670  1.00 0.83 ? 9  LEU A CG   1 
ATOM 161  C CD1  . LEU A 1 44  ? -7.655  -4.230  -2.517  1.00 1.61 ? 9  LEU A CD1  1 
ATOM 162  C CD2  . LEU A 1 44  ? -5.770  -5.037  -1.092  1.00 0.89 ? 9  LEU A CD2  1 
ATOM 163  H H    . LEU A 1 44  ? -6.238  -7.361  -0.841  1.00 0.86 ? 9  LEU A H    1 
ATOM 164  H HA   . LEU A 1 44  ? -8.672  -7.389  0.629   1.00 0.99 ? 9  LEU A HA   1 
ATOM 165  H HB2  . LEU A 1 44  ? -9.067  -5.198  -0.749  1.00 1.35 ? 9  LEU A HB2  1 
ATOM 166  H HB3  . LEU A 1 44  ? -7.721  -5.262  0.392   1.00 1.28 ? 9  LEU A HB3  1 
ATOM 167  H HG   . LEU A 1 44  ? -7.054  -6.278  -2.288  1.00 1.50 ? 9  LEU A HG   1 
ATOM 168  H HD11 . LEU A 1 44  ? -8.458  -3.732  -1.993  1.00 2.14 ? 9  LEU A HD11 1 
ATOM 169  H HD12 . LEU A 1 44  ? -6.852  -3.531  -2.692  1.00 2.07 ? 9  LEU A HD12 1 
ATOM 170  H HD13 . LEU A 1 44  ? -8.019  -4.605  -3.462  1.00 2.19 ? 9  LEU A HD13 1 
ATOM 171  H HD21 . LEU A 1 44  ? -5.537  -5.705  -0.276  1.00 1.47 ? 9  LEU A HD21 1 
ATOM 172  H HD22 . LEU A 1 44  ? -5.019  -5.131  -1.861  1.00 1.38 ? 9  LEU A HD22 1 
ATOM 173  H HD23 . LEU A 1 44  ? -5.787  -4.020  -0.729  1.00 1.53 ? 9  LEU A HD23 1 
ATOM 174  N N    . LYS A 1 45  ? -10.492 -6.968  -1.423  1.00 0.67 ? 10 LYS A N    1 
ATOM 175  C CA   . LYS A 1 45  ? -11.566 -7.345  -2.381  1.00 0.92 ? 10 LYS A CA   1 
ATOM 176  C C    . LYS A 1 45  ? -11.976 -6.102  -3.169  1.00 0.91 ? 10 LYS A C    1 
ATOM 177  O O    . LYS A 1 45  ? -11.238 -5.141  -3.260  1.00 0.82 ? 10 LYS A O    1 
ATOM 178  C CB   . LYS A 1 45  ? -12.773 -7.883  -1.610  1.00 1.27 ? 10 LYS A CB   1 
ATOM 179  C CG   . LYS A 1 45  ? -12.298 -8.870  -0.541  1.00 1.82 ? 10 LYS A CG   1 
ATOM 180  C CD   . LYS A 1 45  ? -13.348 -8.968  0.566   1.00 2.24 ? 10 LYS A CD   1 
ATOM 181  C CE   . LYS A 1 45  ? -12.763 -9.725  1.759   1.00 2.68 ? 10 LYS A CE   1 
ATOM 182  N NZ   . LYS A 1 45  ? -13.769 -10.697 2.273   1.00 3.41 ? 10 LYS A NZ   1 
ATOM 183  H H    . LYS A 1 45  ? -10.622 -6.206  -0.824  1.00 0.76 ? 10 LYS A H    1 
ATOM 184  H HA   . LYS A 1 45  ? -11.203 -8.099  -3.060  1.00 1.09 ? 10 LYS A HA   1 
ATOM 185  H HB2  . LYS A 1 45  ? -13.295 -7.062  -1.136  1.00 1.54 ? 10 LYS A HB2  1 
ATOM 186  H HB3  . LYS A 1 45  ? -13.440 -8.390  -2.293  1.00 1.61 ? 10 LYS A HB3  1 
ATOM 187  H HG2  . LYS A 1 45  ? -12.153 -9.844  -0.991  1.00 2.19 ? 10 LYS A HG2  1 
ATOM 188  H HG3  . LYS A 1 45  ? -11.364 -8.523  -0.121  1.00 2.37 ? 10 LYS A HG3  1 
ATOM 189  H HD2  . LYS A 1 45  ? -13.639 -7.974  0.876   1.00 2.61 ? 10 LYS A HD2  1 
ATOM 190  H HD3  . LYS A 1 45  ? -14.214 -9.496  0.196   1.00 2.68 ? 10 LYS A HD3  1 
ATOM 191  H HE2  . LYS A 1 45  ? -11.875 -10.256 1.448   1.00 2.96 ? 10 LYS A HE2  1 
ATOM 192  H HE3  . LYS A 1 45  ? -12.508 -9.023  2.540   1.00 2.93 ? 10 LYS A HE3  1 
ATOM 193  H HZ1  . LYS A 1 45  ? -14.648 -10.194 2.510   1.00 3.79 ? 10 LYS A HZ1  1 
ATOM 194  H HZ2  . LYS A 1 45  ? -13.963 -11.412 1.543   1.00 3.71 ? 10 LYS A HZ2  1 
ATOM 195  H HZ3  . LYS A 1 45  ? -13.399 -11.161 3.125   1.00 3.75 ? 10 LYS A HZ3  1 
ATOM 196  N N    . ALA A 1 46  ? -13.144 -6.110  -3.738  1.00 1.24 ? 11 ALA A N    1 
ATOM 197  C CA   . ALA A 1 46  ? -13.598 -4.925  -4.519  1.00 1.36 ? 11 ALA A CA   1 
ATOM 198  C C    . ALA A 1 46  ? -14.115 -3.846  -3.562  1.00 0.94 ? 11 ALA A C    1 
ATOM 199  O O    . ALA A 1 46  ? -15.305 -3.635  -3.438  1.00 1.19 ? 11 ALA A O    1 
ATOM 200  C CB   . ALA A 1 46  ? -14.720 -5.341  -5.471  1.00 1.93 ? 11 ALA A CB   1 
ATOM 201  H H    . ALA A 1 46  ? -13.724 -6.895  -3.653  1.00 1.50 ? 11 ALA A H    1 
ATOM 202  H HA   . ALA A 1 46  ? -12.769 -4.532  -5.089  1.00 1.58 ? 11 ALA A HA   1 
ATOM 203  H HB1  . ALA A 1 46  ? -14.449 -6.262  -5.966  1.00 2.35 ? 11 ALA A HB1  1 
ATOM 204  H HB2  . ALA A 1 46  ? -15.632 -5.489  -4.911  1.00 2.21 ? 11 ALA A HB2  1 
ATOM 205  H HB3  . ALA A 1 46  ? -14.873 -4.567  -6.208  1.00 2.37 ? 11 ALA A HB3  1 
ATOM 206  N N    . GLY A 1 47  ? -13.234 -3.155  -2.886  1.00 0.86 ? 12 GLY A N    1 
ATOM 207  C CA   . GLY A 1 47  ? -13.692 -2.090  -1.947  1.00 0.66 ? 12 GLY A CA   1 
ATOM 208  C C    . GLY A 1 47  ? -12.635 -1.843  -0.864  1.00 0.56 ? 12 GLY A C    1 
ATOM 209  O O    . GLY A 1 47  ? -12.654 -0.832  -0.191  1.00 0.62 ? 12 GLY A O    1 
ATOM 210  H H    . GLY A 1 47  ? -12.277 -3.333  -3.000  1.00 1.29 ? 12 GLY A H    1 
ATOM 211  H HA2  . GLY A 1 47  ? -13.860 -1.175  -2.500  1.00 0.90 ? 12 GLY A HA2  1 
ATOM 212  H HA3  . GLY A 1 47  ? -14.615 -2.400  -1.477  1.00 0.83 ? 12 GLY A HA3  1 
ATOM 213  N N    . GLU A 1 48  ? -11.715 -2.754  -0.685  1.00 0.50 ? 13 GLU A N    1 
ATOM 214  C CA   . GLU A 1 48  ? -10.671 -2.556  0.364   1.00 0.46 ? 13 GLU A CA   1 
ATOM 215  C C    . GLU A 1 48  ? -9.496  -1.762  -0.215  1.00 0.34 ? 13 GLU A C    1 
ATOM 216  O O    . GLU A 1 48  ? -8.589  -1.374  0.493   1.00 0.31 ? 13 GLU A O    1 
ATOM 217  C CB   . GLU A 1 48  ? -10.174 -3.916  0.855   1.00 0.51 ? 13 GLU A CB   1 
ATOM 218  C CG   . GLU A 1 48  ? -10.540 -4.094  2.329   1.00 0.89 ? 13 GLU A CG   1 
ATOM 219  C CD   . GLU A 1 48  ? -10.257 -5.537  2.753   1.00 1.27 ? 13 GLU A CD   1 
ATOM 220  O OE1  . GLU A 1 48  ? -10.170 -6.384  1.879   1.00 2.00 ? 13 GLU A OE1  1 
ATOM 221  O OE2  . GLU A 1 48  ? -10.133 -5.770  3.944   1.00 1.84 ? 13 GLU A OE2  1 
ATOM 222  H H    . GLU A 1 48  ? -11.714 -3.567  -1.231  1.00 0.55 ? 13 GLU A H    1 
ATOM 223  H HA   . GLU A 1 48  ? -11.096 -2.010  1.193   1.00 0.55 ? 13 GLU A HA   1 
ATOM 224  H HB2  . GLU A 1 48  ? -10.636 -4.700  0.271   1.00 0.62 ? 13 GLU A HB2  1 
ATOM 225  H HB3  . GLU A 1 48  ? -9.099  -3.967  0.744   1.00 0.57 ? 13 GLU A HB3  1 
ATOM 226  H HG2  . GLU A 1 48  ? -9.947  -3.418  2.931   1.00 1.39 ? 13 GLU A HG2  1 
ATOM 227  H HG3  . GLU A 1 48  ? -11.590 -3.879  2.469   1.00 1.46 ? 13 GLU A HG3  1 
ATOM 228  N N    . VAL A 1 49  ? -9.506  -1.515  -1.496  1.00 0.35 ? 14 VAL A N    1 
ATOM 229  C CA   . VAL A 1 49  ? -8.392  -0.745  -2.116  1.00 0.30 ? 14 VAL A CA   1 
ATOM 230  C C    . VAL A 1 49  ? -8.206  0.573   -1.358  1.00 0.27 ? 14 VAL A C    1 
ATOM 231  O O    . VAL A 1 49  ? -7.117  0.912   -0.920  1.00 0.25 ? 14 VAL A O    1 
ATOM 232  C CB   . VAL A 1 49  ? -8.740  -0.457  -3.579  1.00 0.37 ? 14 VAL A CB   1 
ATOM 233  C CG1  . VAL A 1 49  ? -7.755  0.558   -4.164  1.00 0.52 ? 14 VAL A CG1  1 
ATOM 234  C CG2  . VAL A 1 49  ? -8.664  -1.757  -4.382  1.00 0.52 ? 14 VAL A CG2  1 
ATOM 235  H H    . VAL A 1 49  ? -10.247 -1.836  -2.050  1.00 0.45 ? 14 VAL A H    1 
ATOM 236  H HA   . VAL A 1 49  ? -7.481  -1.322  -2.068  1.00 0.30 ? 14 VAL A HA   1 
ATOM 237  H HB   . VAL A 1 49  ? -9.742  -0.056  -3.636  1.00 0.44 ? 14 VAL A HB   1 
ATOM 238  H HG11 . VAL A 1 49  ? -7.534  1.318   -3.431  1.00 1.18 ? 14 VAL A HG11 1 
ATOM 239  H HG12 . VAL A 1 49  ? -6.844  0.052   -4.446  1.00 1.11 ? 14 VAL A HG12 1 
ATOM 240  H HG13 . VAL A 1 49  ? -8.193  1.018   -5.036  1.00 1.15 ? 14 VAL A HG13 1 
ATOM 241  H HG21 . VAL A 1 49  ? -8.890  -2.593  -3.737  1.00 1.17 ? 14 VAL A HG21 1 
ATOM 242  H HG22 . VAL A 1 49  ? -9.378  -1.724  -5.191  1.00 1.15 ? 14 VAL A HG22 1 
ATOM 243  H HG23 . VAL A 1 49  ? -7.668  -1.874  -4.786  1.00 1.16 ? 14 VAL A HG23 1 
ATOM 244  N N    . ASP A 1 50  ? -9.263  1.320   -1.199  1.00 0.31 ? 15 ASP A N    1 
ATOM 245  C CA   . ASP A 1 50  ? -9.153  2.610   -0.467  1.00 0.34 ? 15 ASP A CA   1 
ATOM 246  C C    . ASP A 1 50  ? -8.618  2.336   0.936   1.00 0.31 ? 15 ASP A C    1 
ATOM 247  O O    . ASP A 1 50  ? -7.983  3.172   1.540   1.00 0.34 ? 15 ASP A O    1 
ATOM 248  C CB   . ASP A 1 50  ? -10.533 3.264   -0.373  1.00 0.44 ? 15 ASP A CB   1 
ATOM 249  C CG   . ASP A 1 50  ? -11.266 3.103   -1.706  1.00 1.35 ? 15 ASP A CG   1 
ATOM 250  O OD1  . ASP A 1 50  ? -10.886 3.771   -2.653  1.00 2.16 ? 15 ASP A OD1  1 
ATOM 251  O OD2  . ASP A 1 50  ? -12.196 2.314   -1.756  1.00 2.02 ? 15 ASP A OD2  1 
ATOM 252  H H    . ASP A 1 50  ? -10.129 1.031   -1.556  1.00 0.36 ? 15 ASP A H    1 
ATOM 253  H HA   . ASP A 1 50  ? -8.475  3.267   -0.991  1.00 0.35 ? 15 ASP A HA   1 
ATOM 254  H HB2  . ASP A 1 50  ? -11.103 2.790   0.413   1.00 1.00 ? 15 ASP A HB2  1 
ATOM 255  H HB3  . ASP A 1 50  ? -10.418 4.314   -0.152  1.00 0.94 ? 15 ASP A HB3  1 
ATOM 256  N N    . LEU A 1 51  ? -8.875  1.164   1.457   1.00 0.31 ? 16 LEU A N    1 
ATOM 257  C CA   . LEU A 1 51  ? -8.385  0.825   2.822   1.00 0.34 ? 16 LEU A CA   1 
ATOM 258  C C    . LEU A 1 51  ? -6.854  0.843   2.843   1.00 0.30 ? 16 LEU A C    1 
ATOM 259  O O    . LEU A 1 51  ? -6.244  1.223   3.822   1.00 0.36 ? 16 LEU A O    1 
ATOM 260  C CB   . LEU A 1 51  ? -8.882  -0.571  3.207   1.00 0.39 ? 16 LEU A CB   1 
ATOM 261  C CG   . LEU A 1 51  ? -9.755  -0.475  4.459   1.00 0.67 ? 16 LEU A CG   1 
ATOM 262  C CD1  . LEU A 1 51  ? -8.894  -0.057  5.653   1.00 1.37 ? 16 LEU A CD1  1 
ATOM 263  C CD2  . LEU A 1 51  ? -10.854 0.567   4.235   1.00 1.66 ? 16 LEU A CD2  1 
ATOM 264  H H    . LEU A 1 51  ? -9.391  0.508   0.949   1.00 0.31 ? 16 LEU A H    1 
ATOM 265  H HA   . LEU A 1 51  ? -8.764  1.547   3.526   1.00 0.40 ? 16 LEU A HA   1 
ATOM 266  H HB2  . LEU A 1 51  ? -9.462  -0.983  2.394   1.00 0.51 ? 16 LEU A HB2  1 
ATOM 267  H HB3  . LEU A 1 51  ? -8.037  -1.211  3.408   1.00 0.54 ? 16 LEU A HB3  1 
ATOM 268  H HG   . LEU A 1 51  ? -10.204 -1.438  4.658   1.00 1.41 ? 16 LEU A HG   1 
ATOM 269  H HD11 . LEU A 1 51  ? -7.851  -0.181  5.404   1.00 1.97 ? 16 LEU A HD11 1 
ATOM 270  H HD12 . LEU A 1 51  ? -9.088  0.979   5.891   1.00 1.91 ? 16 LEU A HD12 1 
ATOM 271  H HD13 . LEU A 1 51  ? -9.137  -0.674  6.505   1.00 1.93 ? 16 LEU A HD13 1 
ATOM 272  H HD21 . LEU A 1 51  ? -10.714 1.037   3.273   1.00 2.22 ? 16 LEU A HD21 1 
ATOM 273  H HD22 . LEU A 1 51  ? -11.820 0.083   4.261   1.00 2.26 ? 16 LEU A HD22 1 
ATOM 274  H HD23 . LEU A 1 51  ? -10.805 1.315   5.012   1.00 2.17 ? 16 LEU A HD23 1 
ATOM 275  N N    . LEU A 1 52  ? -6.228  0.442   1.770   1.00 0.26 ? 17 LEU A N    1 
ATOM 276  C CA   . LEU A 1 52  ? -4.740  0.446   1.733   1.00 0.28 ? 17 LEU A CA   1 
ATOM 277  C C    . LEU A 1 52  ? -4.271  1.901   1.706   1.00 0.27 ? 17 LEU A C    1 
ATOM 278  O O    . LEU A 1 52  ? -3.694  2.398   2.653   1.00 0.33 ? 17 LEU A O    1 
ATOM 279  C CB   . LEU A 1 52  ? -4.258  -0.290  0.474   1.00 0.31 ? 17 LEU A CB   1 
ATOM 280  C CG   . LEU A 1 52  ? -4.431  -1.810  0.629   1.00 0.75 ? 17 LEU A CG   1 
ATOM 281  C CD1  . LEU A 1 52  ? -3.208  -2.390  1.333   1.00 1.70 ? 17 LEU A CD1  1 
ATOM 282  C CD2  . LEU A 1 52  ? -5.687  -2.132  1.449   1.00 0.55 ? 17 LEU A CD2  1 
ATOM 283  H H    . LEU A 1 52  ? -6.734  0.147   0.986   1.00 0.27 ? 17 LEU A H    1 
ATOM 284  H HA   . LEU A 1 52  ? -4.353  -0.044  2.615   1.00 0.33 ? 17 LEU A HA   1 
ATOM 285  H HB2  . LEU A 1 52  ? -4.829  0.047   -0.376  1.00 0.60 ? 17 LEU A HB2  1 
ATOM 286  H HB3  . LEU A 1 52  ? -3.213  -0.072  0.313   1.00 0.51 ? 17 LEU A HB3  1 
ATOM 287  H HG   . LEU A 1 52  ? -4.520  -2.257  -0.352  1.00 1.35 ? 17 LEU A HG   1 
ATOM 288  H HD11 . LEU A 1 52  ? -2.417  -1.657  1.336   1.00 2.20 ? 17 LEU A HD11 1 
ATOM 289  H HD12 . LEU A 1 52  ? -3.465  -2.649  2.350   1.00 2.28 ? 17 LEU A HD12 1 
ATOM 290  H HD13 . LEU A 1 52  ? -2.877  -3.275  0.808   1.00 2.13 ? 17 LEU A HD13 1 
ATOM 291  H HD21 . LEU A 1 52  ? -5.646  -1.606  2.392   1.00 1.17 ? 17 LEU A HD21 1 
ATOM 292  H HD22 . LEU A 1 52  ? -6.565  -1.820  0.901   1.00 1.25 ? 17 LEU A HD22 1 
ATOM 293  H HD23 . LEU A 1 52  ? -5.736  -3.196  1.632   1.00 1.17 ? 17 LEU A HD23 1 
ATOM 294  N N    . GLU A 1 53  ? -4.534  2.595   0.632   1.00 0.25 ? 18 GLU A N    1 
ATOM 295  C CA   . GLU A 1 53  ? -4.132  4.023   0.540   1.00 0.27 ? 18 GLU A CA   1 
ATOM 296  C C    . GLU A 1 53  ? -4.771  4.815   1.689   1.00 0.26 ? 18 GLU A C    1 
ATOM 297  O O    . GLU A 1 53  ? -4.407  5.943   1.950   1.00 0.27 ? 18 GLU A O    1 
ATOM 298  C CB   . GLU A 1 53  ? -4.609  4.595   -0.796  1.00 0.34 ? 18 GLU A CB   1 
ATOM 299  C CG   . GLU A 1 53  ? -6.099  4.295   -0.977  1.00 1.13 ? 18 GLU A CG   1 
ATOM 300  C CD   . GLU A 1 53  ? -6.875  5.608   -1.082  1.00 1.15 ? 18 GLU A CD   1 
ATOM 301  O OE1  . GLU A 1 53  ? -6.958  6.139   -2.177  1.00 1.65 ? 18 GLU A OE1  1 
ATOM 302  O OE2  . GLU A 1 53  ? -7.374  6.062   -0.065  1.00 1.78 ? 18 GLU A OE2  1 
ATOM 303  H H    . GLU A 1 53  ? -5.004  2.179   -0.113  1.00 0.24 ? 18 GLU A H    1 
ATOM 304  H HA   . GLU A 1 53  ? -3.057  4.099   0.601   1.00 0.30 ? 18 GLU A HA   1 
ATOM 305  H HB2  . GLU A 1 53  ? -4.453  5.664   -0.809  1.00 0.73 ? 18 GLU A HB2  1 
ATOM 306  H HB3  . GLU A 1 53  ? -4.053  4.139   -1.601  1.00 0.95 ? 18 GLU A HB3  1 
ATOM 307  H HG2  . GLU A 1 53  ? -6.242  3.717   -1.878  1.00 1.91 ? 18 GLU A HG2  1 
ATOM 308  H HG3  . GLU A 1 53  ? -6.458  3.733   -0.128  1.00 1.84 ? 18 GLU A HG3  1 
ATOM 309  N N    . GLU A 1 54  ? -5.722  4.239   2.378   1.00 0.28 ? 19 GLU A N    1 
ATOM 310  C CA   . GLU A 1 54  ? -6.368  4.968   3.504   1.00 0.32 ? 19 GLU A CA   1 
ATOM 311  C C    . GLU A 1 54  ? -5.443  4.925   4.719   1.00 0.32 ? 19 GLU A C    1 
ATOM 312  O O    . GLU A 1 54  ? -4.967  5.939   5.187   1.00 0.36 ? 19 GLU A O    1 
ATOM 313  C CB   . GLU A 1 54  ? -7.700  4.307   3.863   1.00 0.36 ? 19 GLU A CB   1 
ATOM 314  C CG   . GLU A 1 54  ? -8.837  5.005   3.112   1.00 0.66 ? 19 GLU A CG   1 
ATOM 315  C CD   . GLU A 1 54  ? -9.374  6.161   3.959   1.00 1.04 ? 19 GLU A CD   1 
ATOM 316  O OE1  . GLU A 1 54  ? -9.570  5.957   5.146   1.00 1.50 ? 19 GLU A OE1  1 
ATOM 317  O OE2  . GLU A 1 54  ? -9.581  7.228   3.407   1.00 1.69 ? 19 GLU A OE2  1 
ATOM 318  H H    . GLU A 1 54  ? -6.009  3.336   2.159   1.00 0.30 ? 19 GLU A H    1 
ATOM 319  H HA   . GLU A 1 54  ? -6.537  5.990   3.214   1.00 0.36 ? 19 GLU A HA   1 
ATOM 320  H HB2  . GLU A 1 54  ? -7.671  3.263   3.588   1.00 0.55 ? 19 GLU A HB2  1 
ATOM 321  H HB3  . GLU A 1 54  ? -7.869  4.394   4.925   1.00 0.54 ? 19 GLU A HB3  1 
ATOM 322  H HG2  . GLU A 1 54  ? -8.465  5.389   2.173   1.00 0.86 ? 19 GLU A HG2  1 
ATOM 323  H HG3  . GLU A 1 54  ? -9.631  4.299   2.923   1.00 0.81 ? 19 GLU A HG3  1 
ATOM 324  N N    . GLU A 1 55  ? -5.178  3.752   5.228   1.00 0.32 ? 20 GLU A N    1 
ATOM 325  C CA   . GLU A 1 55  ? -4.275  3.644   6.406   1.00 0.36 ? 20 GLU A CA   1 
ATOM 326  C C    . GLU A 1 55  ? -2.975  4.381   6.090   1.00 0.34 ? 20 GLU A C    1 
ATOM 327  O O    . GLU A 1 55  ? -2.470  5.147   6.885   1.00 0.38 ? 20 GLU A O    1 
ATOM 328  C CB   . GLU A 1 55  ? -3.977  2.171   6.690   1.00 0.42 ? 20 GLU A CB   1 
ATOM 329  C CG   . GLU A 1 55  ? -5.292  1.409   6.872   1.00 0.96 ? 20 GLU A CG   1 
ATOM 330  C CD   . GLU A 1 55  ? -6.188  2.164   7.856   1.00 1.63 ? 20 GLU A CD   1 
ATOM 331  O OE1  . GLU A 1 55  ? -6.714  3.197   7.476   1.00 2.23 ? 20 GLU A OE1  1 
ATOM 332  O OE2  . GLU A 1 55  ? -6.333  1.696   8.973   1.00 2.20 ? 20 GLU A OE2  1 
ATOM 333  H H    . GLU A 1 55  ? -5.565  2.945   4.830   1.00 0.34 ? 20 GLU A H    1 
ATOM 334  H HA   . GLU A 1 55  ? -4.747  4.094   7.267   1.00 0.39 ? 20 GLU A HA   1 
ATOM 335  H HB2  . GLU A 1 55  ? -3.428  1.749   5.860   1.00 0.72 ? 20 GLU A HB2  1 
ATOM 336  H HB3  . GLU A 1 55  ? -3.388  2.089   7.591   1.00 0.90 ? 20 GLU A HB3  1 
ATOM 337  H HG2  . GLU A 1 55  ? -5.794  1.326   5.918   1.00 1.04 ? 20 GLU A HG2  1 
ATOM 338  H HG3  . GLU A 1 55  ? -5.087  0.423   7.259   1.00 1.45 ? 20 GLU A HG3  1 
ATOM 339  N N    . LEU A 1 56  ? -2.443  4.164   4.919   1.00 0.35 ? 21 LEU A N    1 
ATOM 340  C CA   . LEU A 1 56  ? -1.187  4.858   4.527   1.00 0.35 ? 21 LEU A CA   1 
ATOM 341  C C    . LEU A 1 56  ? -1.485  6.343   4.352   1.00 0.33 ? 21 LEU A C    1 
ATOM 342  O O    . LEU A 1 56  ? -0.662  7.194   4.619   1.00 0.39 ? 21 LEU A O    1 
ATOM 343  C CB   . LEU A 1 56  ? -0.689  4.279   3.202   1.00 0.37 ? 21 LEU A CB   1 
ATOM 344  C CG   . LEU A 1 56  ? 0.008   2.939   3.439   1.00 0.69 ? 21 LEU A CG   1 
ATOM 345  C CD1  . LEU A 1 56  ? -0.750  2.126   4.496   1.00 1.64 ? 21 LEU A CD1  1 
ATOM 346  C CD2  . LEU A 1 56  ? 0.032   2.157   2.127   1.00 1.33 ? 21 LEU A CD2  1 
ATOM 347  H H    . LEU A 1 56  ? -2.878  3.551   4.291   1.00 0.40 ? 21 LEU A H    1 
ATOM 348  H HA   . LEU A 1 56  ? -0.437  4.722   5.291   1.00 0.38 ? 21 LEU A HA   1 
ATOM 349  H HB2  . LEU A 1 56  ? -1.530  4.128   2.542   1.00 0.55 ? 21 LEU A HB2  1 
ATOM 350  H HB3  . LEU A 1 56  ? 0.008   4.970   2.748   1.00 0.58 ? 21 LEU A HB3  1 
ATOM 351  H HG   . LEU A 1 56  ? 1.020   3.112   3.775   1.00 1.18 ? 21 LEU A HG   1 
ATOM 352  H HD11 . LEU A 1 56  ? -0.862  2.717   5.394   1.00 2.12 ? 21 LEU A HD11 1 
ATOM 353  H HD12 . LEU A 1 56  ? -1.726  1.861   4.115   1.00 2.13 ? 21 LEU A HD12 1 
ATOM 354  H HD13 . LEU A 1 56  ? -0.197  1.230   4.726   1.00 2.26 ? 21 LEU A HD13 1 
ATOM 355  H HD21 . LEU A 1 56  ? -0.387  2.765   1.339   1.00 1.94 ? 21 LEU A HD21 1 
ATOM 356  H HD22 . LEU A 1 56  ? 1.049   1.898   1.879   1.00 1.85 ? 21 LEU A HD22 1 
ATOM 357  H HD23 . LEU A 1 56  ? -0.553  1.256   2.234   1.00 1.82 ? 21 LEU A HD23 1 
ATOM 358  N N    . GLY A 1 57  ? -2.670  6.657   3.909   1.00 0.32 ? 22 GLY A N    1 
ATOM 359  C CA   . GLY A 1 57  ? -3.046  8.078   3.720   1.00 0.35 ? 22 GLY A CA   1 
ATOM 360  C C    . GLY A 1 57  ? -3.506  8.656   5.061   1.00 0.35 ? 22 GLY A C    1 
ATOM 361  O O    . GLY A 1 57  ? -3.817  9.825   5.172   1.00 0.39 ? 22 GLY A O    1 
ATOM 362  H H    . GLY A 1 57  ? -3.314  5.954   3.708   1.00 0.34 ? 22 GLY A H    1 
ATOM 363  H HA2  . GLY A 1 57  ? -2.188  8.624   3.361   1.00 0.37 ? 22 GLY A HA2  1 
ATOM 364  H HA3  . GLY A 1 57  ? -3.848  8.145   3.000   1.00 0.37 ? 22 GLY A HA3  1 
ATOM 365  N N    . HIS A 1 58  ? -3.540  7.842   6.085   1.00 0.38 ? 23 HIS A N    1 
ATOM 366  C CA   . HIS A 1 58  ? -3.964  8.334   7.426   1.00 0.41 ? 23 HIS A CA   1 
ATOM 367  C C    . HIS A 1 58  ? -2.735  8.392   8.335   1.00 0.41 ? 23 HIS A C    1 
ATOM 368  O O    . HIS A 1 58  ? -2.752  9.003   9.386   1.00 0.44 ? 23 HIS A O    1 
ATOM 369  C CB   . HIS A 1 58  ? -5.000  7.377   8.020   1.00 0.58 ? 23 HIS A CB   1 
ATOM 370  C CG   . HIS A 1 58  ? -6.258  8.136   8.338   1.00 1.06 ? 23 HIS A CG   1 
ATOM 371  N ND1  . HIS A 1 58  ? -7.152  7.711   9.309   1.00 1.69 ? 23 HIS A ND1  1 
ATOM 372  C CD2  . HIS A 1 58  ? -6.787  9.293   7.823   1.00 1.90 ? 23 HIS A CD2  1 
ATOM 373  C CE1  . HIS A 1 58  ? -8.161  8.600   9.348   1.00 2.09 ? 23 HIS A CE1  1 
ATOM 374  N NE2  . HIS A 1 58  ? -7.989  9.585   8.461   1.00 2.23 ? 23 HIS A NE2  1 
ATOM 375  H H    . HIS A 1 58  ? -3.276  6.905   5.973   1.00 0.43 ? 23 HIS A H    1 
ATOM 376  H HA   . HIS A 1 58  ? -4.393  9.321   7.331   1.00 0.41 ? 23 HIS A HA   1 
ATOM 377  H HB2  . HIS A 1 58  ? -5.220  6.596   7.307   1.00 0.75 ? 23 HIS A HB2  1 
ATOM 378  H HB3  . HIS A 1 58  ? -4.606  6.938   8.925   1.00 0.86 ? 23 HIS A HB3  1 
ATOM 379  H HD1  . HIS A 1 58  ? -7.064  6.911   9.866   1.00 2.24 ? 23 HIS A HD1  1 
ATOM 380  H HD2  . HIS A 1 58  ? -6.338  9.888   7.041   1.00 2.61 ? 23 HIS A HD2  1 
ATOM 381  H HE1  . HIS A 1 58  ? -9.008  8.527   10.013  1.00 2.71 ? 23 HIS A HE1  1 
ATOM 382  N N    . LEU A 1 59  ? -1.663  7.772   7.924   1.00 0.45 ? 24 LEU A N    1 
ATOM 383  C CA   . LEU A 1 59  ? -0.417  7.795   8.738   1.00 0.58 ? 24 LEU A CA   1 
ATOM 384  C C    . LEU A 1 59  ? 0.592   8.692   8.029   1.00 0.59 ? 24 LEU A C    1 
ATOM 385  O O    . LEU A 1 59  ? 1.499   9.236   8.629   1.00 0.72 ? 24 LEU A O    1 
ATOM 386  C CB   . LEU A 1 59  ? 0.159   6.381   8.838   1.00 0.75 ? 24 LEU A CB   1 
ATOM 387  C CG   . LEU A 1 59  ? -0.943  5.394   9.224   1.00 0.88 ? 24 LEU A CG   1 
ATOM 388  C CD1  . LEU A 1 59  ? -0.611  4.012   8.655   1.00 1.07 ? 24 LEU A CD1  1 
ATOM 389  C CD2  . LEU A 1 59  ? -1.039  5.307   10.748  1.00 1.84 ? 24 LEU A CD2  1 
ATOM 390  H H    . LEU A 1 59  ? -1.673  7.298   7.067   1.00 0.44 ? 24 LEU A H    1 
ATOM 391  H HA   . LEU A 1 59  ? -0.627  8.181   9.725   1.00 0.61 ? 24 LEU A HA   1 
ATOM 392  H HB2  . LEU A 1 59  ? 0.578   6.097   7.883   1.00 1.30 ? 24 LEU A HB2  1 
ATOM 393  H HB3  . LEU A 1 59  ? 0.934   6.365   9.590   1.00 1.46 ? 24 LEU A HB3  1 
ATOM 394  H HG   . LEU A 1 59  ? -1.887  5.733   8.820   1.00 1.43 ? 24 LEU A HG   1 
ATOM 395  H HD11 . LEU A 1 59  ? 0.329   4.054   8.125   1.00 1.47 ? 24 LEU A HD11 1 
ATOM 396  H HD12 . LEU A 1 59  ? -0.537  3.298   9.462   1.00 1.62 ? 24 LEU A HD12 1 
ATOM 397  H HD13 . LEU A 1 59  ? -1.393  3.704   7.975   1.00 1.58 ? 24 LEU A HD13 1 
ATOM 398  H HD21 . LEU A 1 59  ? -0.104  5.623   11.186  1.00 2.33 ? 24 LEU A HD21 1 
ATOM 399  H HD22 . LEU A 1 59  ? -1.835  5.949   11.096  1.00 2.40 ? 24 LEU A HD22 1 
ATOM 400  H HD23 . LEU A 1 59  ? -1.246  4.288   11.039  1.00 2.31 ? 24 LEU A HD23 1 
ATOM 401  N N    . THR A 1 60  ? 0.428   8.846   6.746   1.00 0.54 ? 25 THR A N    1 
ATOM 402  C CA   . THR A 1 60  ? 1.349   9.698   5.958   1.00 0.66 ? 25 THR A CA   1 
ATOM 403  C C    . THR A 1 60  ? 0.639   10.122  4.666   1.00 0.59 ? 25 THR A C    1 
ATOM 404  O O    . THR A 1 60  ? -0.543  9.893   4.502   1.00 0.60 ? 25 THR A O    1 
ATOM 405  C CB   . THR A 1 60  ? 2.615   8.898   5.629   1.00 0.81 ? 25 THR A CB   1 
ATOM 406  O OG1  . THR A 1 60  ? 3.558   9.741   4.986   1.00 1.06 ? 25 THR A OG1  1 
ATOM 407  C CG2  . THR A 1 60  ? 2.257   7.725   4.717   1.00 0.65 ? 25 THR A CG2  1 
ATOM 408  H H    . THR A 1 60  ? -0.311  8.395   6.299   1.00 0.47 ? 25 THR A H    1 
ATOM 409  H HA   . THR A 1 60  ? 1.608   10.570  6.531   1.00 0.75 ? 25 THR A HA   1 
ATOM 410  H HB   . THR A 1 60  ? 3.043   8.515   6.542   1.00 0.95 ? 25 THR A HB   1 
ATOM 411  H HG1  . THR A 1 60  ? 4.393   9.661   5.452   1.00 1.40 ? 25 THR A HG1  1 
ATOM 412  H HG21 . THR A 1 60  ? 1.376   7.230   5.096   1.00 1.12 ? 25 THR A HG21 1 
ATOM 413  H HG22 . THR A 1 60  ? 2.064   8.089   3.718   1.00 1.22 ? 25 THR A HG22 1 
ATOM 414  H HG23 . THR A 1 60  ? 3.078   7.025   4.694   1.00 1.17 ? 25 THR A HG23 1 
ATOM 415  N N    . THR A 1 61  ? 1.335   10.738  3.751   1.00 0.70 ? 26 THR A N    1 
ATOM 416  C CA   . THR A 1 61  ? 0.674   11.170  2.485   1.00 0.74 ? 26 THR A CA   1 
ATOM 417  C C    . THR A 1 61  ? 1.137   10.299  1.341   1.00 0.76 ? 26 THR A C    1 
ATOM 418  O O    . THR A 1 61  ? 2.250   10.388  0.861   1.00 1.38 ? 26 THR A O    1 
ATOM 419  C CB   . THR A 1 61  ? 1.007   12.634  2.195   1.00 0.95 ? 26 THR A CB   1 
ATOM 420  O OG1  . THR A 1 61  ? 2.407   12.835  2.330   1.00 1.29 ? 26 THR A OG1  1 
ATOM 421  C CG2  . THR A 1 61  ? 0.262   13.535  3.182   1.00 1.41 ? 26 THR A CG2  1 
ATOM 422  H H    . THR A 1 61  ? 2.285   10.924  3.894   1.00 0.84 ? 26 THR A H    1 
ATOM 423  H HA   . THR A 1 61  ? -0.397  11.048  2.570   1.00 0.66 ? 26 THR A HA   1 
ATOM 424  H HB   . THR A 1 61  ? 0.702   12.881  1.190   1.00 0.99 ? 26 THR A HB   1 
ATOM 425  H HG1  . THR A 1 61  ? 2.547   13.711  2.698   1.00 1.61 ? 26 THR A HG1  1 
ATOM 426  H HG21 . THR A 1 61  ? -0.272  12.924  3.895   1.00 1.89 ? 26 THR A HG21 1 
ATOM 427  H HG22 . THR A 1 61  ? 0.971   14.159  3.705   1.00 1.82 ? 26 THR A HG22 1 
ATOM 428  H HG23 . THR A 1 61  ? -0.438  14.156  2.645   1.00 1.88 ? 26 THR A HG23 1 
ATOM 429  N N    . LEU A 1 62  ? 0.256   9.465   0.901   1.00 0.30 ? 27 LEU A N    1 
ATOM 430  C CA   . LEU A 1 62  ? 0.553   8.562   -0.222  1.00 0.25 ? 27 LEU A CA   1 
ATOM 431  C C    . LEU A 1 62  ? 0.981   9.391   -1.431  1.00 0.28 ? 27 LEU A C    1 
ATOM 432  O O    . LEU A 1 62  ? 1.386   10.528  -1.298  1.00 0.33 ? 27 LEU A O    1 
ATOM 433  C CB   . LEU A 1 62  ? -0.718  7.796   -0.534  1.00 0.26 ? 27 LEU A CB   1 
ATOM 434  C CG   . LEU A 1 62  ? -0.746  6.504   0.273   1.00 0.23 ? 27 LEU A CG   1 
ATOM 435  C CD1  . LEU A 1 62  ? -2.159  6.283   0.779   1.00 0.28 ? 27 LEU A CD1  1 
ATOM 436  C CD2  . LEU A 1 62  ? -0.344  5.323   -0.608  1.00 0.23 ? 27 LEU A CD2  1 
ATOM 437  H H    . LEU A 1 62  ? -0.632  9.440   1.315   1.00 0.61 ? 27 LEU A H    1 
ATOM 438  H HA   . LEU A 1 62  ? 1.337   7.874   0.050   1.00 0.26 ? 27 LEU A HA   1 
ATOM 439  H HB2  . LEU A 1 62  ? -1.573  8.400   -0.266  1.00 0.33 ? 27 LEU A HB2  1 
ATOM 440  H HB3  . LEU A 1 62  ? -0.753  7.578   -1.572  1.00 0.30 ? 27 LEU A HB3  1 
ATOM 441  H HG   . LEU A 1 62  ? -0.069  6.584   1.110   1.00 0.28 ? 27 LEU A HG   1 
ATOM 442  H HD11 . LEU A 1 62  ? -2.515  7.182   1.255   1.00 1.06 ? 27 LEU A HD11 1 
ATOM 443  H HD12 . LEU A 1 62  ? -2.799  6.037   -0.056  1.00 1.05 ? 27 LEU A HD12 1 
ATOM 444  H HD13 . LEU A 1 62  ? -2.163  5.472   1.489   1.00 1.04 ? 27 LEU A HD13 1 
ATOM 445  H HD21 . LEU A 1 62  ? -0.321  5.637   -1.641  1.00 1.06 ? 27 LEU A HD21 1 
ATOM 446  H HD22 . LEU A 1 62  ? 0.639   4.976   -0.313  1.00 1.04 ? 27 LEU A HD22 1 
ATOM 447  H HD23 . LEU A 1 62  ? -1.072  4.520   -0.485  1.00 1.04 ? 27 LEU A HD23 1 
ATOM 448  N N    . THR A 1 63  ? 0.912   8.838   -2.608  1.00 0.31 ? 28 THR A N    1 
ATOM 449  C CA   . THR A 1 63  ? 1.337   9.616   -3.799  1.00 0.37 ? 28 THR A CA   1 
ATOM 450  C C    . THR A 1 63  ? 0.377   9.395   -4.977  1.00 0.36 ? 28 THR A C    1 
ATOM 451  O O    . THR A 1 63  ? 0.029   10.327  -5.675  1.00 0.40 ? 28 THR A O    1 
ATOM 452  C CB   . THR A 1 63  ? 2.753   9.178   -4.181  1.00 0.40 ? 28 THR A CB   1 
ATOM 453  O OG1  . THR A 1 63  ? 3.696   9.919   -3.419  1.00 0.85 ? 28 THR A OG1  1 
ATOM 454  C CG2  . THR A 1 63  ? 3.010   9.410   -5.673  1.00 1.14 ? 28 THR A CG2  1 
ATOM 455  H H    . THR A 1 63  ? 0.599   7.917   -2.706  1.00 0.32 ? 28 THR A H    1 
ATOM 456  H HA   . THR A 1 63  ? 1.356   10.659  -3.549  1.00 0.41 ? 28 THR A HA   1 
ATOM 457  H HB   . THR A 1 63  ? 2.862   8.135   -3.963  1.00 0.88 ? 28 THR A HB   1 
ATOM 458  H HG1  . THR A 1 63  ? 3.802   9.481   -2.572  1.00 1.46 ? 28 THR A HG1  1 
ATOM 459  H HG21 . THR A 1 63  ? 2.592   10.361  -5.965  1.00 1.80 ? 28 THR A HG21 1 
ATOM 460  H HG22 . THR A 1 63  ? 4.073   9.409   -5.860  1.00 1.61 ? 28 THR A HG22 1 
ATOM 461  H HG23 . THR A 1 63  ? 2.543   8.620   -6.242  1.00 1.69 ? 28 THR A HG23 1 
ATOM 462  N N    . ASP A 1 64  ? -0.044  8.183   -5.227  1.00 0.32 ? 29 ASP A N    1 
ATOM 463  C CA   . ASP A 1 64  ? -0.956  7.953   -6.380  1.00 0.35 ? 29 ASP A CA   1 
ATOM 464  C C    . ASP A 1 64  ? -1.420  6.509   -6.352  1.00 0.35 ? 29 ASP A C    1 
ATOM 465  O O    . ASP A 1 64  ? -1.182  5.750   -7.269  1.00 0.44 ? 29 ASP A O    1 
ATOM 466  C CB   . ASP A 1 64  ? -0.208  8.221   -7.683  1.00 0.39 ? 29 ASP A CB   1 
ATOM 467  C CG   . ASP A 1 64  ? -0.912  9.336   -8.459  1.00 0.45 ? 29 ASP A CG   1 
ATOM 468  O OD1  . ASP A 1 64  ? -1.063  10.413  -7.906  1.00 1.18 ? 29 ASP A OD1  1 
ATOM 469  O OD2  . ASP A 1 64  ? -1.289  9.095   -9.594  1.00 1.17 ? 29 ASP A OD2  1 
ATOM 470  H H    . ASP A 1 64  ? 0.233   7.423   -4.660  1.00 0.31 ? 29 ASP A H    1 
ATOM 471  H HA   . ASP A 1 64  ? -1.805  8.609   -6.305  1.00 0.37 ? 29 ASP A HA   1 
ATOM 472  H HB2  . ASP A 1 64  ? 0.808   8.519   -7.460  1.00 0.39 ? 29 ASP A HB2  1 
ATOM 473  H HB3  . ASP A 1 64  ? -0.199  7.321   -8.278  1.00 0.41 ? 29 ASP A HB3  1 
ATOM 474  N N    . VAL A 1 65  ? -2.048  6.112   -5.297  1.00 0.35 ? 30 VAL A N    1 
ATOM 475  C CA   . VAL A 1 65  ? -2.485  4.701   -5.198  1.00 0.38 ? 30 VAL A CA   1 
ATOM 476  C C    . VAL A 1 65  ? -3.465  4.353   -6.322  1.00 0.34 ? 30 VAL A C    1 
ATOM 477  O O    . VAL A 1 65  ? -4.153  5.201   -6.854  1.00 0.34 ? 30 VAL A O    1 
ATOM 478  C CB   . VAL A 1 65  ? -3.117  4.460   -3.824  1.00 0.45 ? 30 VAL A CB   1 
ATOM 479  C CG1  . VAL A 1 65  ? -2.418  5.325   -2.774  1.00 0.59 ? 30 VAL A CG1  1 
ATOM 480  C CG2  . VAL A 1 65  ? -4.611  4.807   -3.853  1.00 0.60 ? 30 VAL A CG2  1 
ATOM 481  H H    . VAL A 1 65  ? -2.209  6.735   -4.560  1.00 0.40 ? 30 VAL A H    1 
ATOM 482  H HA   . VAL A 1 65  ? -1.620  4.069   -5.298  1.00 0.45 ? 30 VAL A HA   1 
ATOM 483  H HB   . VAL A 1 65  ? -2.988  3.428   -3.565  1.00 0.55 ? 30 VAL A HB   1 
ATOM 484  H HG11 . VAL A 1 65  ? -1.444  5.617   -3.139  1.00 1.19 ? 30 VAL A HG11 1 
ATOM 485  H HG12 . VAL A 1 65  ? -3.010  6.208   -2.583  1.00 1.17 ? 30 VAL A HG12 1 
ATOM 486  H HG13 . VAL A 1 65  ? -2.306  4.761   -1.860  1.00 1.25 ? 30 VAL A HG13 1 
ATOM 487  H HG21 . VAL A 1 65  ? -4.832  5.383   -4.739  1.00 1.18 ? 30 VAL A HG21 1 
ATOM 488  H HG22 . VAL A 1 65  ? -5.193  3.897   -3.861  1.00 1.19 ? 30 VAL A HG22 1 
ATOM 489  H HG23 . VAL A 1 65  ? -4.862  5.387   -2.977  1.00 1.28 ? 30 VAL A HG23 1 
ATOM 490  N N    . VAL A 1 66  ? -3.526  3.097   -6.680  1.00 0.34 ? 31 VAL A N    1 
ATOM 491  C CA   . VAL A 1 66  ? -4.451  2.664   -7.761  1.00 0.33 ? 31 VAL A CA   1 
ATOM 492  C C    . VAL A 1 66  ? -5.398  1.607   -7.203  1.00 0.32 ? 31 VAL A C    1 
ATOM 493  O O    . VAL A 1 66  ? -5.119  0.973   -6.202  1.00 0.33 ? 31 VAL A O    1 
ATOM 494  C CB   . VAL A 1 66  ? -3.640  2.115   -8.957  1.00 0.38 ? 31 VAL A CB   1 
ATOM 495  C CG1  . VAL A 1 66  ? -3.742  0.586   -9.045  1.00 0.45 ? 31 VAL A CG1  1 
ATOM 496  C CG2  . VAL A 1 66  ? -4.186  2.725   -10.250 1.00 0.42 ? 31 VAL A CG2  1 
ATOM 497  H H    . VAL A 1 66  ? -2.964  2.435   -6.228  1.00 0.39 ? 31 VAL A H    1 
ATOM 498  H HA   . VAL A 1 66  ? -5.039  3.512   -8.084  1.00 0.34 ? 31 VAL A HA   1 
ATOM 499  H HB   . VAL A 1 66  ? -2.602  2.395   -8.841  1.00 0.44 ? 31 VAL A HB   1 
ATOM 500  H HG11 . VAL A 1 66  ? -3.608  0.159   -8.063  1.00 1.08 ? 31 VAL A HG11 1 
ATOM 501  H HG12 . VAL A 1 66  ? -4.712  0.310   -9.429  1.00 1.11 ? 31 VAL A HG12 1 
ATOM 502  H HG13 . VAL A 1 66  ? -2.973  0.212   -9.706  1.00 1.13 ? 31 VAL A HG13 1 
ATOM 503  H HG21 . VAL A 1 66  ? -4.375  3.777   -10.101 1.00 1.16 ? 31 VAL A HG21 1 
ATOM 504  H HG22 . VAL A 1 66  ? -3.463  2.596   -11.042 1.00 1.05 ? 31 VAL A HG22 1 
ATOM 505  H HG23 . VAL A 1 66  ? -5.108  2.228   -10.521 1.00 1.11 ? 31 VAL A HG23 1 
ATOM 506  N N    . LYS A 1 67  ? -6.521  1.432   -7.832  1.00 0.40 ? 32 LYS A N    1 
ATOM 507  C CA   . LYS A 1 67  ? -7.502  0.444   -7.327  1.00 0.45 ? 32 LYS A CA   1 
ATOM 508  C C    . LYS A 1 67  ? -7.573  -0.780  -8.242  1.00 0.45 ? 32 LYS A C    1 
ATOM 509  O O    . LYS A 1 67  ? -7.129  -0.760  -9.372  1.00 0.49 ? 32 LYS A O    1 
ATOM 510  C CB   . LYS A 1 67  ? -8.866  1.129   -7.232  1.00 0.53 ? 32 LYS A CB   1 
ATOM 511  C CG   . LYS A 1 67  ? -9.319  1.602   -8.615  1.00 0.68 ? 32 LYS A CG   1 
ATOM 512  C CD   . LYS A 1 67  ? -10.209 0.538   -9.255  1.00 1.30 ? 32 LYS A CD   1 
ATOM 513  C CE   . LYS A 1 67  ? -9.414  -0.184  -10.336 1.00 1.96 ? 32 LYS A CE   1 
ATOM 514  N NZ   . LYS A 1 67  ? -10.215 -0.244  -11.591 1.00 2.57 ? 32 LYS A NZ   1 
ATOM 515  H H    . LYS A 1 67  ? -6.725  1.966   -8.627  1.00 0.46 ? 32 LYS A H    1 
ATOM 516  H HA   . LYS A 1 67  ? -7.201  0.124   -6.344  1.00 0.51 ? 32 LYS A HA   1 
ATOM 517  H HB2  . LYS A 1 67  ? -9.592  0.440   -6.828  1.00 0.76 ? 32 LYS A HB2  1 
ATOM 518  H HB3  . LYS A 1 67  ? -8.778  1.988   -6.581  1.00 0.75 ? 32 LYS A HB3  1 
ATOM 519  H HG2  . LYS A 1 67  ? -9.875  2.524   -8.515  1.00 1.05 ? 32 LYS A HG2  1 
ATOM 520  H HG3  . LYS A 1 67  ? -8.454  1.766   -9.242  1.00 0.96 ? 32 LYS A HG3  1 
ATOM 521  H HD2  . LYS A 1 67  ? -10.524 -0.170  -8.501  1.00 1.55 ? 32 LYS A HD2  1 
ATOM 522  H HD3  . LYS A 1 67  ? -11.074 1.007   -9.697  1.00 1.67 ? 32 LYS A HD3  1 
ATOM 523  H HE2  . LYS A 1 67  ? -8.494  0.353   -10.518 1.00 2.05 ? 32 LYS A HE2  1 
ATOM 524  H HE3  . LYS A 1 67  ? -9.184  -1.182  -10.004 1.00 2.16 ? 32 LYS A HE3  1 
ATOM 525  H HZ1  . LYS A 1 67  ? -11.227 -0.179  -11.360 1.00 2.80 ? 32 LYS A HZ1  1 
ATOM 526  H HZ2  . LYS A 1 67  ? -9.948  0.547   -12.211 1.00 3.07 ? 32 LYS A HZ2  1 
ATOM 527  H HZ3  . LYS A 1 67  ? -10.027 -1.143  -12.080 1.00 2.80 ? 32 LYS A HZ3  1 
ATOM 528  N N    . GLY A 1 68  ? -8.123  -1.855  -7.739  1.00 0.47 ? 33 GLY A N    1 
ATOM 529  C CA   . GLY A 1 68  ? -8.235  -3.103  -8.539  1.00 0.54 ? 33 GLY A CA   1 
ATOM 530  C C    . GLY A 1 68  ? -9.136  -4.091  -7.793  1.00 0.59 ? 33 GLY A C    1 
ATOM 531  O O    . GLY A 1 68  ? -9.516  -3.861  -6.662  1.00 0.81 ? 33 GLY A O    1 
ATOM 532  H H    . GLY A 1 68  ? -8.462  -1.840  -6.823  1.00 0.48 ? 33 GLY A H    1 
ATOM 533  H HA2  . GLY A 1 68  ? -8.667  -2.875  -9.501  1.00 0.57 ? 33 GLY A HA2  1 
ATOM 534  H HA3  . GLY A 1 68  ? -7.256  -3.541  -8.672  1.00 0.59 ? 33 GLY A HA3  1 
ATOM 535  N N    . ALA A 1 69  ? -9.479  -5.188  -8.408  1.00 0.58 ? 34 ALA A N    1 
ATOM 536  C CA   . ALA A 1 69  ? -10.353 -6.180  -7.720  1.00 0.63 ? 34 ALA A CA   1 
ATOM 537  C C    . ALA A 1 69  ? -9.826  -6.423  -6.303  1.00 0.57 ? 34 ALA A C    1 
ATOM 538  O O    . ALA A 1 69  ? -10.486 -6.135  -5.324  1.00 0.69 ? 34 ALA A O    1 
ATOM 539  C CB   . ALA A 1 69  ? -10.345 -7.497  -8.499  1.00 0.73 ? 34 ALA A CB   1 
ATOM 540  H H    . ALA A 1 69  ? -9.164  -5.361  -9.320  1.00 0.69 ? 34 ALA A H    1 
ATOM 541  H HA   . ALA A 1 69  ? -11.362 -5.798  -7.668  1.00 0.71 ? 34 ALA A HA   1 
ATOM 542  H HB1  . ALA A 1 69  ? -9.327  -7.762  -8.746  1.00 1.19 ? 34 ALA A HB1  1 
ATOM 543  H HB2  . ALA A 1 69  ? -10.784 -8.276  -7.894  1.00 1.29 ? 34 ALA A HB2  1 
ATOM 544  H HB3  . ALA A 1 69  ? -10.918 -7.381  -9.407  1.00 1.24 ? 34 ALA A HB3  1 
ATOM 545  N N    . ASP A 1 70  ? -8.638  -6.949  -6.190  1.00 0.51 ? 35 ASP A N    1 
ATOM 546  C CA   . ASP A 1 70  ? -8.055  -7.212  -4.842  1.00 0.52 ? 35 ASP A CA   1 
ATOM 547  C C    . ASP A 1 70  ? -6.568  -6.863  -4.865  1.00 0.50 ? 35 ASP A C    1 
ATOM 548  O O    . ASP A 1 70  ? -5.824  -7.203  -3.967  1.00 0.61 ? 35 ASP A O    1 
ATOM 549  C CB   . ASP A 1 70  ? -8.228  -8.691  -4.493  1.00 0.57 ? 35 ASP A CB   1 
ATOM 550  C CG   . ASP A 1 70  ? -7.916  -9.546  -5.723  1.00 0.80 ? 35 ASP A CG   1 
ATOM 551  O OD1  . ASP A 1 70  ? -7.076  -9.137  -6.506  1.00 1.48 ? 35 ASP A OD1  1 
ATOM 552  O OD2  . ASP A 1 70  ? -8.524  -10.595 -5.859  1.00 1.45 ? 35 ASP A OD2  1 
ATOM 553  H H    . ASP A 1 70  ? -8.125  -7.171  -6.994  1.00 0.58 ? 35 ASP A H    1 
ATOM 554  H HA   . ASP A 1 70  ? -8.554  -6.605  -4.102  1.00 0.57 ? 35 ASP A HA   1 
ATOM 555  H HB2  . ASP A 1 70  ? -7.553  -8.953  -3.691  1.00 0.96 ? 35 ASP A HB2  1 
ATOM 556  H HB3  . ASP A 1 70  ? -9.245  -8.869  -4.182  1.00 0.69 ? 35 ASP A HB3  1 
ATOM 557  N N    . SER A 1 71  ? -6.129  -6.183  -5.890  1.00 0.51 ? 36 SER A N    1 
ATOM 558  C CA   . SER A 1 71  ? -4.692  -5.810  -5.974  1.00 0.59 ? 36 SER A CA   1 
ATOM 559  C C    . SER A 1 71  ? -4.567  -4.287  -6.029  1.00 0.55 ? 36 SER A C    1 
ATOM 560  O O    . SER A 1 71  ? -4.785  -3.674  -7.056  1.00 0.82 ? 36 SER A O    1 
ATOM 561  C CB   . SER A 1 71  ? -4.079  -6.418  -7.236  1.00 0.74 ? 36 SER A CB   1 
ATOM 562  O OG   . SER A 1 71  ? -3.061  -5.556  -7.726  1.00 1.28 ? 36 SER A OG   1 
ATOM 563  H H    . SER A 1 71  ? -6.746  -5.919  -6.603  1.00 0.56 ? 36 SER A H    1 
ATOM 564  H HA   . SER A 1 71  ? -4.174  -6.183  -5.106  1.00 0.68 ? 36 SER A HA   1 
ATOM 565  H HB2  . SER A 1 71  ? -3.650  -7.378  -7.002  1.00 1.37 ? 36 SER A HB2  1 
ATOM 566  H HB3  . SER A 1 71  ? -4.850  -6.544  -7.984  1.00 1.40 ? 36 SER A HB3  1 
ATOM 567  H HG   . SER A 1 71  ? -2.715  -5.938  -8.536  1.00 1.68 ? 36 SER A HG   1 
ATOM 568  N N    . LEU A 1 72  ? -4.214  -3.666  -4.936  1.00 0.44 ? 37 LEU A N    1 
ATOM 569  C CA   . LEU A 1 72  ? -4.077  -2.183  -4.938  1.00 0.52 ? 37 LEU A CA   1 
ATOM 570  C C    . LEU A 1 72  ? -2.598  -1.814  -5.033  1.00 0.46 ? 37 LEU A C    1 
ATOM 571  O O    . LEU A 1 72  ? -1.767  -2.371  -4.347  1.00 0.68 ? 37 LEU A O    1 
ATOM 572  C CB   . LEU A 1 72  ? -4.666  -1.609  -3.645  1.00 0.67 ? 37 LEU A CB   1 
ATOM 573  C CG   . LEU A 1 72  ? -4.209  -0.157  -3.475  1.00 0.83 ? 37 LEU A CG   1 
ATOM 574  C CD1  . LEU A 1 72  ? -5.310  0.651   -2.787  1.00 1.60 ? 37 LEU A CD1  1 
ATOM 575  C CD2  . LEU A 1 72  ? -2.941  -0.119  -2.621  1.00 1.45 ? 37 LEU A CD2  1 
ATOM 576  H H    . LEU A 1 72  ? -4.039  -4.176  -4.114  1.00 0.55 ? 37 LEU A H    1 
ATOM 577  H HA   . LEU A 1 72  ? -4.606  -1.774  -5.787  1.00 0.62 ? 37 LEU A HA   1 
ATOM 578  H HB2  . LEU A 1 72  ? -5.744  -1.645  -3.694  1.00 1.06 ? 37 LEU A HB2  1 
ATOM 579  H HB3  . LEU A 1 72  ? -4.322  -2.192  -2.803  1.00 1.25 ? 37 LEU A HB3  1 
ATOM 580  H HG   . LEU A 1 72  ? -4.004  0.271   -4.446  1.00 1.49 ? 37 LEU A HG   1 
ATOM 581  H HD11 . LEU A 1 72  ? -6.122  -0.008  -2.516  1.00 2.12 ? 37 LEU A HD11 1 
ATOM 582  H HD12 . LEU A 1 72  ? -4.912  1.117   -1.899  1.00 2.14 ? 37 LEU A HD12 1 
ATOM 583  H HD13 . LEU A 1 72  ? -5.673  1.411   -3.462  1.00 2.09 ? 37 LEU A HD13 1 
ATOM 584  H HD21 . LEU A 1 72  ? -2.426  -1.065  -2.697  1.00 1.96 ? 37 LEU A HD21 1 
ATOM 585  H HD22 . LEU A 1 72  ? -2.294  0.671   -2.972  1.00 2.01 ? 37 LEU A HD22 1 
ATOM 586  H HD23 . LEU A 1 72  ? -3.206  0.065   -1.590  1.00 1.94 ? 37 LEU A HD23 1 
ATOM 587  N N    . SER A 1 73  ? -2.260  -0.871  -5.866  1.00 0.31 ? 38 SER A N    1 
ATOM 588  C CA   . SER A 1 73  ? -0.828  -0.473  -5.981  1.00 0.29 ? 38 SER A CA   1 
ATOM 589  C C    . SER A 1 73  ? -0.669  0.951   -5.486  1.00 0.31 ? 38 SER A C    1 
ATOM 590  O O    . SER A 1 73  ? -1.101  1.894   -6.108  1.00 0.40 ? 38 SER A O    1 
ATOM 591  C CB   . SER A 1 73  ? -0.373  -0.563  -7.420  1.00 0.39 ? 38 SER A CB   1 
ATOM 592  O OG   . SER A 1 73  ? -1.429  -0.170  -8.282  1.00 1.27 ? 38 SER A OG   1 
ATOM 593  H H    . SER A 1 73  ? -2.947  -0.419  -6.407  1.00 0.39 ? 38 SER A H    1 
ATOM 594  H HA   . SER A 1 73  ? -0.222  -1.131  -5.373  1.00 0.27 ? 38 SER A HA   1 
ATOM 595  H HB2  . SER A 1 73  ? 0.470   0.086   -7.567  1.00 0.89 ? 38 SER A HB2  1 
ATOM 596  H HB3  . SER A 1 73  ? -0.083  -1.575  -7.623  1.00 0.73 ? 38 SER A HB3  1 
ATOM 597  H HG   . SER A 1 73  ? -1.332  -0.650  -9.109  1.00 1.58 ? 38 SER A HG   1 
ATOM 598  N N    . ALA A 1 74  ? -0.044  1.108   -4.372  1.00 0.33 ? 39 ALA A N    1 
ATOM 599  C CA   . ALA A 1 74  ? 0.138   2.475   -3.814  1.00 0.43 ? 39 ALA A CA   1 
ATOM 600  C C    . ALA A 1 74  ? 1.514   3.005   -4.176  1.00 0.38 ? 39 ALA A C    1 
ATOM 601  O O    . ALA A 1 74  ? 2.434   2.260   -4.414  1.00 0.51 ? 39 ALA A O    1 
ATOM 602  C CB   . ALA A 1 74  ? -0.006  2.438   -2.291  1.00 0.53 ? 39 ALA A CB   1 
ATOM 603  H H    . ALA A 1 74  ? 0.308   0.326   -3.905  1.00 0.35 ? 39 ALA A H    1 
ATOM 604  H HA   . ALA A 1 74  ? -0.611  3.126   -4.222  1.00 0.51 ? 39 ALA A HA   1 
ATOM 605  H HB1  . ALA A 1 74  ? -0.652  1.619   -2.009  1.00 1.15 ? 39 ALA A HB1  1 
ATOM 606  H HB2  . ALA A 1 74  ? 0.965   2.303   -1.840  1.00 1.13 ? 39 ALA A HB2  1 
ATOM 607  H HB3  . ALA A 1 74  ? -0.437  3.370   -1.948  1.00 1.14 ? 39 ALA A HB3  1 
ATOM 608  N N    . ILE A 1 75  ? 1.666   4.291   -4.208  1.00 0.26 ? 40 ILE A N    1 
ATOM 609  C CA   . ILE A 1 75  ? 2.994   4.858   -4.540  1.00 0.25 ? 40 ILE A CA   1 
ATOM 610  C C    . ILE A 1 75  ? 3.613   5.394   -3.253  1.00 0.23 ? 40 ILE A C    1 
ATOM 611  O O    . ILE A 1 75  ? 3.280   6.464   -2.783  1.00 0.26 ? 40 ILE A O    1 
ATOM 612  C CB   . ILE A 1 75  ? 2.840   5.991   -5.557  1.00 0.29 ? 40 ILE A CB   1 
ATOM 613  C CG1  . ILE A 1 75  ? 2.424   5.407   -6.912  1.00 0.65 ? 40 ILE A CG1  1 
ATOM 614  C CG2  . ILE A 1 75  ? 4.177   6.720   -5.710  1.00 0.53 ? 40 ILE A CG2  1 
ATOM 615  C CD1  . ILE A 1 75  ? 1.087   4.675   -6.771  1.00 0.47 ? 40 ILE A CD1  1 
ATOM 616  H H    . ILE A 1 75  ? 0.908   4.883   -4.008  1.00 0.26 ? 40 ILE A H    1 
ATOM 617  H HA   . ILE A 1 75  ? 3.627   4.083   -4.950  1.00 0.27 ? 40 ILE A HA   1 
ATOM 618  H HB   . ILE A 1 75  ? 2.087   6.685   -5.213  1.00 0.45 ? 40 ILE A HB   1 
ATOM 619  H HG12 . ILE A 1 75  ? 2.323   6.208   -7.631  1.00 1.29 ? 40 ILE A HG12 1 
ATOM 620  H HG13 . ILE A 1 75  ? 3.178   4.712   -7.251  1.00 1.23 ? 40 ILE A HG13 1 
ATOM 621  H HG21 . ILE A 1 75  ? 4.982   6.000   -5.699  1.00 1.23 ? 40 ILE A HG21 1 
ATOM 622  H HG22 . ILE A 1 75  ? 4.187   7.258   -6.647  1.00 1.14 ? 40 ILE A HG22 1 
ATOM 623  H HG23 . ILE A 1 75  ? 4.304   7.414   -4.894  1.00 1.11 ? 40 ILE A HG23 1 
ATOM 624  H HD11 . ILE A 1 75  ? 0.479   5.174   -6.030  1.00 1.18 ? 40 ILE A HD11 1 
ATOM 625  H HD12 . ILE A 1 75  ? 0.572   4.678   -7.721  1.00 1.22 ? 40 ILE A HD12 1 
ATOM 626  H HD13 . ILE A 1 75  ? 1.265   3.656   -6.462  1.00 1.14 ? 40 ILE A HD13 1 
ATOM 627  N N    . LEU A 1 76  ? 4.510   4.646   -2.675  1.00 0.23 ? 41 LEU A N    1 
ATOM 628  C CA   . LEU A 1 76  ? 5.153   5.089   -1.416  1.00 0.24 ? 41 LEU A CA   1 
ATOM 629  C C    . LEU A 1 76  ? 6.592   5.465   -1.726  1.00 0.25 ? 41 LEU A C    1 
ATOM 630  O O    . LEU A 1 76  ? 7.302   4.703   -2.339  1.00 0.30 ? 41 LEU A O    1 
ATOM 631  C CB   . LEU A 1 76  ? 5.122   3.957   -0.392  1.00 0.28 ? 41 LEU A CB   1 
ATOM 632  C CG   . LEU A 1 76  ? 3.772   3.961   0.324   1.00 0.38 ? 41 LEU A CG   1 
ATOM 633  C CD1  . LEU A 1 76  ? 3.700   2.770   1.271   1.00 0.72 ? 41 LEU A CD1  1 
ATOM 634  C CD2  . LEU A 1 76  ? 3.625   5.249   1.133   1.00 0.44 ? 41 LEU A CD2  1 
ATOM 635  H H    . LEU A 1 76  ? 4.764   3.789   -3.074  1.00 0.24 ? 41 LEU A H    1 
ATOM 636  H HA   . LEU A 1 76  ? 4.627   5.942   -1.021  1.00 0.27 ? 41 LEU A HA   1 
ATOM 637  H HB2  . LEU A 1 76  ? 5.264   3.013   -0.896  1.00 0.30 ? 41 LEU A HB2  1 
ATOM 638  H HB3  . LEU A 1 76  ? 5.912   4.103   0.330   1.00 0.40 ? 41 LEU A HB3  1 
ATOM 639  H HG   . LEU A 1 76  ? 2.975   3.897   -0.400  1.00 0.75 ? 41 LEU A HG   1 
ATOM 640  H HD11 . LEU A 1 76  ? 3.905   1.864   0.723   1.00 1.23 ? 41 LEU A HD11 1 
ATOM 641  H HD12 . LEU A 1 76  ? 4.432   2.894   2.055   1.00 1.29 ? 41 LEU A HD12 1 
ATOM 642  H HD13 . LEU A 1 76  ? 2.715   2.717   1.705   1.00 1.43 ? 41 LEU A HD13 1 
ATOM 643  H HD21 . LEU A 1 76  ? 4.507   5.391   1.741   1.00 1.13 ? 41 LEU A HD21 1 
ATOM 644  H HD22 . LEU A 1 76  ? 3.511   6.085   0.462   1.00 1.16 ? 41 LEU A HD22 1 
ATOM 645  H HD23 . LEU A 1 76  ? 2.754   5.176   1.771   1.00 1.11 ? 41 LEU A HD23 1 
ATOM 646  N N    . PRO A 1 77  ? 6.976   6.636   -1.317  1.00 0.24 ? 42 PRO A N    1 
ATOM 647  C CA   . PRO A 1 77  ? 8.328   7.145   -1.561  1.00 0.27 ? 42 PRO A CA   1 
ATOM 648  C C    . PRO A 1 77  ? 9.375   6.561   -0.657  1.00 0.26 ? 42 PRO A C    1 
ATOM 649  O O    . PRO A 1 77  ? 9.192   5.558   0.003   1.00 0.26 ? 42 PRO A O    1 
ATOM 650  C CB   . PRO A 1 77  ? 8.228   8.626   -1.283  1.00 0.34 ? 42 PRO A CB   1 
ATOM 651  C CG   . PRO A 1 77  ? 6.966   8.831   -0.405  1.00 0.35 ? 42 PRO A CG   1 
ATOM 652  C CD   . PRO A 1 77  ? 6.099   7.566   -0.582  1.00 0.28 ? 42 PRO A CD   1 
ATOM 653  H HA   . PRO A 1 77  ? 8.598   6.998   -2.588  1.00 0.32 ? 42 PRO A HA   1 
ATOM 654  H HB2  . PRO A 1 77  ? 9.109   8.953   -0.740  1.00 0.35 ? 42 PRO A HB2  1 
ATOM 655  H HB3  . PRO A 1 77  ? 8.154   9.148   -2.196  1.00 0.40 ? 42 PRO A HB3  1 
ATOM 656  H HG2  . PRO A 1 77  ? 7.252   8.947   0.632   1.00 0.36 ? 42 PRO A HG2  1 
ATOM 657  H HG3  . PRO A 1 77  ? 6.418   9.698   -0.739  1.00 0.42 ? 42 PRO A HG3  1 
ATOM 658  H HD2  . PRO A 1 77  ? 5.819   7.150   0.374   1.00 0.25 ? 42 PRO A HD2  1 
ATOM 659  H HD3  . PRO A 1 77  ? 5.220   7.783   -1.166  1.00 0.33 ? 42 PRO A HD3  1 
ATOM 660  N N    . GLY A 1 78  ? 10.493  7.218   -0.642  1.00 0.31 ? 43 GLY A N    1 
ATOM 661  C CA   . GLY A 1 78  ? 11.601  6.764   0.189   1.00 0.37 ? 43 GLY A CA   1 
ATOM 662  C C    . GLY A 1 78  ? 11.754  7.693   1.390   1.00 0.45 ? 43 GLY A C    1 
ATOM 663  O O    . GLY A 1 78  ? 12.806  7.783   1.991   1.00 0.57 ? 43 GLY A O    1 
ATOM 664  H H    . GLY A 1 78  ? 10.598  8.020   -1.196  1.00 0.35 ? 43 GLY A H    1 
ATOM 665  H HA2  . GLY A 1 78  ? 11.384  5.769   0.517   1.00 0.37 ? 43 GLY A HA2  1 
ATOM 666  H HA3  . GLY A 1 78  ? 12.502  6.778   -0.398  1.00 0.43 ? 43 GLY A HA3  1 
ATOM 667  N N    . ASP A 1 79  ? 10.707  8.382   1.744   1.00 0.46 ? 44 ASP A N    1 
ATOM 668  C CA   . ASP A 1 79  ? 10.773  9.303   2.903   1.00 0.57 ? 44 ASP A CA   1 
ATOM 669  C C    . ASP A 1 79  ? 9.411   9.323   3.591   1.00 0.52 ? 44 ASP A C    1 
ATOM 670  O O    . ASP A 1 79  ? 8.963   10.339  4.084   1.00 0.58 ? 44 ASP A O    1 
ATOM 671  C CB   . ASP A 1 79  ? 11.131  10.711  2.425   1.00 0.68 ? 44 ASP A CB   1 
ATOM 672  C CG   . ASP A 1 79  ? 10.383  11.015  1.126   1.00 1.66 ? 44 ASP A CG   1 
ATOM 673  O OD1  . ASP A 1 79  ? 9.167   10.912  1.128   1.00 2.44 ? 44 ASP A OD1  1 
ATOM 674  O OD2  . ASP A 1 79  ? 11.038  11.345  0.151   1.00 2.38 ? 44 ASP A OD2  1 
ATOM 675  H H    . ASP A 1 79  ? 9.871   8.288   1.250   1.00 0.46 ? 44 ASP A H    1 
ATOM 676  H HA   . ASP A 1 79  ? 11.520  8.952   3.591   1.00 0.67 ? 44 ASP A HA   1 
ATOM 677  H HB2  . ASP A 1 79  ? 10.850  11.430  3.181   1.00 1.18 ? 44 ASP A HB2  1 
ATOM 678  H HB3  . ASP A 1 79  ? 12.194  10.772  2.248   1.00 1.21 ? 44 ASP A HB3  1 
ATOM 679  N N    . ILE A 1 80  ? 8.749   8.200   3.626   1.00 0.45 ? 45 ILE A N    1 
ATOM 680  C CA   . ILE A 1 80  ? 7.423   8.129   4.272   1.00 0.45 ? 45 ILE A CA   1 
ATOM 681  C C    . ILE A 1 80  ? 7.530   7.120   5.407   1.00 0.56 ? 45 ILE A C    1 
ATOM 682  O O    . ILE A 1 80  ? 8.604   6.835   5.899   1.00 1.28 ? 45 ILE A O    1 
ATOM 683  C CB   . ILE A 1 80  ? 6.403   7.673   3.202   1.00 0.38 ? 45 ILE A CB   1 
ATOM 684  C CG1  . ILE A 1 80  ? 5.029   8.284   3.476   1.00 0.45 ? 45 ILE A CG1  1 
ATOM 685  C CG2  . ILE A 1 80  ? 6.266   6.143   3.170   1.00 0.33 ? 45 ILE A CG2  1 
ATOM 686  C CD1  . ILE A 1 80  ? 4.018   7.661   2.511   1.00 0.46 ? 45 ILE A CD1  1 
ATOM 687  H H    . ILE A 1 80  ? 9.127   7.385   3.224   1.00 0.43 ? 45 ILE A H    1 
ATOM 688  H HA   . ILE A 1 80  ? 7.143   9.094   4.663   1.00 0.49 ? 45 ILE A HA   1 
ATOM 689  H HB   . ILE A 1 80  ? 6.746   8.008   2.234   1.00 0.38 ? 45 ILE A HB   1 
ATOM 690  H HG12 . ILE A 1 80  ? 4.735   8.081   4.494   1.00 0.51 ? 45 ILE A HG12 1 
ATOM 691  H HG13 . ILE A 1 80  ? 5.070   9.351   3.315   1.00 0.52 ? 45 ILE A HG13 1 
ATOM 692  H HG21 . ILE A 1 80  ? 7.078   5.696   3.709   1.00 1.07 ? 45 ILE A HG21 1 
ATOM 693  H HG22 . ILE A 1 80  ? 5.332   5.854   3.630   1.00 1.06 ? 45 ILE A HG22 1 
ATOM 694  H HG23 . ILE A 1 80  ? 6.285   5.803   2.143   1.00 1.05 ? 45 ILE A HG23 1 
ATOM 695  H HD11 . ILE A 1 80  ? 4.519   7.397   1.592   1.00 1.12 ? 45 ILE A HD11 1 
ATOM 696  H HD12 . ILE A 1 80  ? 3.597   6.772   2.953   1.00 1.12 ? 45 ILE A HD12 1 
ATOM 697  H HD13 . ILE A 1 80  ? 3.233   8.370   2.300   1.00 1.13 ? 45 ILE A HD13 1 
ATOM 698  N N    . ALA A 1 81  ? 6.449   6.530   5.776   1.00 0.48 ? 46 ALA A N    1 
ATOM 699  C CA   . ALA A 1 81  ? 6.501   5.488   6.815   1.00 0.46 ? 46 ALA A CA   1 
ATOM 700  C C    . ALA A 1 81  ? 6.634   4.175   6.062   1.00 0.38 ? 46 ALA A C    1 
ATOM 701  O O    . ALA A 1 81  ? 5.894   3.245   6.277   1.00 0.39 ? 46 ALA A O    1 
ATOM 702  C CB   . ALA A 1 81  ? 5.214   5.500   7.638   1.00 0.53 ? 46 ALA A CB   1 
ATOM 703  H H    . ALA A 1 81  ? 5.614   6.732   5.330   1.00 0.99 ? 46 ALA A H    1 
ATOM 704  H HA   . ALA A 1 81  ? 7.360   5.640   7.452   1.00 0.51 ? 46 ALA A HA   1 
ATOM 705  H HB1  . ALA A 1 81  ? 4.713   6.447   7.511   1.00 1.11 ? 46 ALA A HB1  1 
ATOM 706  H HB2  . ALA A 1 81  ? 4.568   4.703   7.303   1.00 1.15 ? 46 ALA A HB2  1 
ATOM 707  H HB3  . ALA A 1 81  ? 5.454   5.356   8.681   1.00 1.16 ? 46 ALA A HB3  1 
ATOM 708  N N    . GLU A 1 82  ? 7.563   4.126   5.144   1.00 0.34 ? 47 GLU A N    1 
ATOM 709  C CA   . GLU A 1 82  ? 7.761   2.905   4.321   1.00 0.35 ? 47 GLU A CA   1 
ATOM 710  C C    . GLU A 1 82  ? 7.728   1.679   5.221   1.00 0.38 ? 47 GLU A C    1 
ATOM 711  O O    . GLU A 1 82  ? 6.932   0.778   5.044   1.00 0.47 ? 47 GLU A O    1 
ATOM 712  C CB   . GLU A 1 82  ? 9.117   2.978   3.631   1.00 0.42 ? 47 GLU A CB   1 
ATOM 713  C CG   . GLU A 1 82  ? 9.314   4.360   2.998   1.00 0.36 ? 47 GLU A CG   1 
ATOM 714  C CD   . GLU A 1 82  ? 10.179  5.227   3.915   1.00 0.50 ? 47 GLU A CD   1 
ATOM 715  O OE1  . GLU A 1 82  ? 10.208  4.954   5.104   1.00 1.21 ? 47 GLU A OE1  1 
ATOM 716  O OE2  . GLU A 1 82  ? 10.804  6.146   3.412   1.00 1.22 ? 47 GLU A OE2  1 
ATOM 717  H H    . GLU A 1 82  ? 8.124   4.911   4.983   1.00 0.36 ? 47 GLU A H    1 
ATOM 718  H HA   . GLU A 1 82  ? 6.991   2.836   3.581   1.00 0.35 ? 47 GLU A HA   1 
ATOM 719  H HB2  . GLU A 1 82  ? 9.885   2.794   4.361   1.00 0.50 ? 47 GLU A HB2  1 
ATOM 720  H HB3  . GLU A 1 82  ? 9.166   2.232   2.864   1.00 0.51 ? 47 GLU A HB3  1 
ATOM 721  H HG2  . GLU A 1 82  ? 9.804   4.248   2.042   1.00 0.48 ? 47 GLU A HG2  1 
ATOM 722  H HG3  . GLU A 1 82  ? 8.355   4.831   2.849   1.00 0.37 ? 47 GLU A HG3  1 
ATOM 723  N N    . ASP A 1 83  ? 8.594   1.645   6.185   1.00 0.44 ? 48 ASP A N    1 
ATOM 724  C CA   . ASP A 1 83  ? 8.641   0.494   7.115   1.00 0.49 ? 48 ASP A CA   1 
ATOM 725  C C    . ASP A 1 83  ? 7.331   0.418   7.897   1.00 0.47 ? 48 ASP A C    1 
ATOM 726  O O    . ASP A 1 83  ? 6.922   -0.630  8.360   1.00 0.47 ? 48 ASP A O    1 
ATOM 727  C CB   . ASP A 1 83  ? 9.787   0.705   8.086   1.00 0.59 ? 48 ASP A CB   1 
ATOM 728  C CG   . ASP A 1 83  ? 10.987  1.305   7.349   1.00 0.71 ? 48 ASP A CG   1 
ATOM 729  O OD1  . ASP A 1 83  ? 11.342  0.776   6.308   1.00 1.33 ? 48 ASP A OD1  1 
ATOM 730  O OD2  . ASP A 1 83  ? 11.528  2.283   7.838   1.00 1.33 ? 48 ASP A OD2  1 
ATOM 731  H H    . ASP A 1 83  ? 9.221   2.387   6.298   1.00 0.52 ? 48 ASP A H    1 
ATOM 732  H HA   . ASP A 1 83  ? 8.796   -0.413  6.570   1.00 0.50 ? 48 ASP A HA   1 
ATOM 733  H HB2  . ASP A 1 83  ? 9.466   1.375   8.862   1.00 0.64 ? 48 ASP A HB2  1 
ATOM 734  H HB3  . ASP A 1 83  ? 10.066  -0.237  8.513   1.00 0.67 ? 48 ASP A HB3  1 
ATOM 735  N N    . ASP A 1 84  ? 6.677   1.530   8.047   1.00 0.47 ? 49 ASP A N    1 
ATOM 736  C CA   . ASP A 1 84  ? 5.395   1.561   8.800   1.00 0.49 ? 49 ASP A CA   1 
ATOM 737  C C    . ASP A 1 84  ? 4.279   1.011   7.924   1.00 0.43 ? 49 ASP A C    1 
ATOM 738  O O    . ASP A 1 84  ? 3.247   0.594   8.406   1.00 0.53 ? 49 ASP A O    1 
ATOM 739  C CB   . ASP A 1 84  ? 5.077   3.003   9.174   1.00 0.56 ? 49 ASP A CB   1 
ATOM 740  C CG   . ASP A 1 84  ? 4.669   3.074   10.647  1.00 0.64 ? 49 ASP A CG   1 
ATOM 741  O OD1  . ASP A 1 84  ? 3.495   2.890   10.925  1.00 1.29 ? 49 ASP A OD1  1 
ATOM 742  O OD2  . ASP A 1 84  ? 5.536   3.310   11.471  1.00 1.26 ? 49 ASP A OD2  1 
ATOM 743  H H    . ASP A 1 84  ? 7.035   2.353   7.661   1.00 0.48 ? 49 ASP A H    1 
ATOM 744  H HA   . ASP A 1 84  ? 5.484   0.964   9.695   1.00 0.54 ? 49 ASP A HA   1 
ATOM 745  H HB2  . ASP A 1 84  ? 5.955   3.609   9.011   1.00 0.56 ? 49 ASP A HB2  1 
ATOM 746  H HB3  . ASP A 1 84  ? 4.266   3.365   8.558   1.00 0.58 ? 49 ASP A HB3  1 
ATOM 747  N N    . ILE A 1 85  ? 4.480   0.998   6.637   1.00 0.48 ? 50 ILE A N    1 
ATOM 748  C CA   . ILE A 1 85  ? 3.435   0.464   5.735   1.00 0.48 ? 50 ILE A CA   1 
ATOM 749  C C    . ILE A 1 85  ? 3.648   -1.036  5.618   1.00 0.49 ? 50 ILE A C    1 
ATOM 750  O O    . ILE A 1 85  ? 2.771   -1.829  5.898   1.00 0.54 ? 50 ILE A O    1 
ATOM 751  C CB   . ILE A 1 85  ? 3.565   1.106   4.352   1.00 0.54 ? 50 ILE A CB   1 
ATOM 752  C CG1  . ILE A 1 85  ? 3.596   2.637   4.471   1.00 0.62 ? 50 ILE A CG1  1 
ATOM 753  C CG2  . ILE A 1 85  ? 2.375   0.695   3.490   1.00 0.61 ? 50 ILE A CG2  1 
ATOM 754  C CD1  . ILE A 1 85  ? 2.646   3.103   5.579   1.00 1.25 ? 50 ILE A CD1  1 
ATOM 755  H H    . ILE A 1 85  ? 5.322   1.324   6.269   1.00 0.64 ? 50 ILE A H    1 
ATOM 756  H HA   . ILE A 1 85  ? 2.461   0.672   6.149   1.00 0.50 ? 50 ILE A HA   1 
ATOM 757  H HB   . ILE A 1 85  ? 4.476   0.758   3.887   1.00 0.57 ? 50 ILE A HB   1 
ATOM 758  H HG12 . ILE A 1 85  ? 4.600   2.957   4.700   1.00 1.25 ? 50 ILE A HG12 1 
ATOM 759  H HG13 . ILE A 1 85  ? 3.286   3.074   3.534   1.00 1.11 ? 50 ILE A HG13 1 
ATOM 760  H HG21 . ILE A 1 85  ? 2.245   -0.377  3.545   1.00 1.22 ? 50 ILE A HG21 1 
ATOM 761  H HG22 . ILE A 1 85  ? 1.485   1.186   3.850   1.00 1.23 ? 50 ILE A HG22 1 
ATOM 762  H HG23 . ILE A 1 85  ? 2.557   0.982   2.466   1.00 1.13 ? 50 ILE A HG23 1 
ATOM 763  H HD11 . ILE A 1 85  ? 1.703   2.585   5.486   1.00 1.88 ? 50 ILE A HD11 1 
ATOM 764  H HD12 . ILE A 1 85  ? 3.082   2.885   6.543   1.00 1.84 ? 50 ILE A HD12 1 
ATOM 765  H HD13 . ILE A 1 85  ? 2.484   4.167   5.490   1.00 1.75 ? 50 ILE A HD13 1 
ATOM 766  N N    . THR A 1 86  ? 4.826   -1.428  5.228   1.00 0.51 ? 51 THR A N    1 
ATOM 767  C CA   . THR A 1 86  ? 5.127   -2.873  5.116   1.00 0.57 ? 51 THR A CA   1 
ATOM 768  C C    . THR A 1 86  ? 4.599   -3.565  6.374   1.00 0.53 ? 51 THR A C    1 
ATOM 769  O O    . THR A 1 86  ? 4.185   -4.706  6.349   1.00 0.61 ? 51 THR A O    1 
ATOM 770  C CB   . THR A 1 86  ? 6.646   -3.051  5.015   1.00 0.64 ? 51 THR A CB   1 
ATOM 771  O OG1  . THR A 1 86  ? 7.062   -2.786  3.683   1.00 0.79 ? 51 THR A OG1  1 
ATOM 772  C CG2  . THR A 1 86  ? 7.036   -4.483  5.395   1.00 0.80 ? 51 THR A CG2  1 
ATOM 773  H H    . THR A 1 86  ? 5.519   -0.767  5.028   1.00 0.54 ? 51 THR A H    1 
ATOM 774  H HA   . THR A 1 86  ? 4.648   -3.280  4.239   1.00 0.62 ? 51 THR A HA   1 
ATOM 775  H HB   . THR A 1 86  ? 7.133   -2.356  5.689   1.00 0.56 ? 51 THR A HB   1 
ATOM 776  H HG1  . THR A 1 86  ? 6.493   -2.101  3.325   1.00 1.21 ? 51 THR A HG1  1 
ATOM 777  H HG21 . THR A 1 86  ? 6.214   -5.149  5.180   1.00 1.30 ? 51 THR A HG21 1 
ATOM 778  H HG22 . THR A 1 86  ? 7.902   -4.784  4.825   1.00 1.37 ? 51 THR A HG22 1 
ATOM 779  H HG23 . THR A 1 86  ? 7.267   -4.525  6.450   1.00 1.30 ? 51 THR A HG23 1 
ATOM 780  N N    . ALA A 1 87  ? 4.617   -2.865  7.475   1.00 0.48 ? 52 ALA A N    1 
ATOM 781  C CA   . ALA A 1 87  ? 4.127   -3.444  8.750   1.00 0.52 ? 52 ALA A CA   1 
ATOM 782  C C    . ALA A 1 87  ? 2.618   -3.220  8.881   1.00 0.49 ? 52 ALA A C    1 
ATOM 783  O O    . ALA A 1 87  ? 1.897   -4.062  9.376   1.00 0.60 ? 52 ALA A O    1 
ATOM 784  C CB   . ALA A 1 87  ? 4.839   -2.755  9.913   1.00 0.59 ? 52 ALA A CB   1 
ATOM 785  H H    . ALA A 1 87  ? 4.959   -1.951  7.464   1.00 0.46 ? 52 ALA A H    1 
ATOM 786  H HA   . ALA A 1 87  ? 4.343   -4.497  8.769   1.00 0.58 ? 52 ALA A HA   1 
ATOM 787  H HB1  . ALA A 1 87  ? 4.984   -1.708  9.676   1.00 1.20 ? 52 ALA A HB1  1 
ATOM 788  H HB2  . ALA A 1 87  ? 4.236   -2.842  10.804  1.00 1.25 ? 52 ALA A HB2  1 
ATOM 789  H HB3  . ALA A 1 87  ? 5.797   -3.223  10.078  1.00 1.09 ? 52 ALA A HB3  1 
ATOM 790  N N    . VAL A 1 88  ? 2.140   -2.084  8.451   1.00 0.45 ? 53 VAL A N    1 
ATOM 791  C CA   . VAL A 1 88  ? 0.681   -1.798  8.563   1.00 0.51 ? 53 VAL A CA   1 
ATOM 792  C C    . VAL A 1 88  ? -0.071  -2.524  7.451   1.00 0.49 ? 53 VAL A C    1 
ATOM 793  O O    . VAL A 1 88  ? -0.847  -3.426  7.695   1.00 0.74 ? 53 VAL A O    1 
ATOM 794  C CB   . VAL A 1 88  ? 0.457   -0.277  8.448   1.00 0.61 ? 53 VAL A CB   1 
ATOM 795  C CG1  . VAL A 1 88  ? -0.857  0.038   7.720   1.00 1.38 ? 53 VAL A CG1  1 
ATOM 796  C CG2  . VAL A 1 88  ? 0.395   0.320   9.849   1.00 1.16 ? 53 VAL A CG2  1 
ATOM 797  H H    . VAL A 1 88  ? 2.740   -1.415  8.062   1.00 0.45 ? 53 VAL A H    1 
ATOM 798  H HA   . VAL A 1 88  ? 0.320   -2.141  9.521   1.00 0.58 ? 53 VAL A HA   1 
ATOM 799  H HB   . VAL A 1 88  ? 1.278   0.166   7.907   1.00 1.23 ? 53 VAL A HB   1 
ATOM 800  H HG11 . VAL A 1 88  ? -1.639  -0.609  8.089   1.00 1.87 ? 53 VAL A HG11 1 
ATOM 801  H HG12 . VAL A 1 88  ? -1.130  1.067   7.897   1.00 1.96 ? 53 VAL A HG12 1 
ATOM 802  H HG13 . VAL A 1 88  ? -0.728  -0.122  6.660   1.00 1.95 ? 53 VAL A HG13 1 
ATOM 803  H HG21 . VAL A 1 88  ? 1.203   -0.075  10.444  1.00 1.73 ? 53 VAL A HG21 1 
ATOM 804  H HG22 . VAL A 1 88  ? 0.481   1.393   9.786   1.00 1.70 ? 53 VAL A HG22 1 
ATOM 805  H HG23 . VAL A 1 88  ? -0.550  0.059   10.304  1.00 1.76 ? 53 VAL A HG23 1 
ATOM 806  N N    . LEU A 1 89  ? 0.135   -2.111  6.236   1.00 0.48 ? 54 LEU A N    1 
ATOM 807  C CA   . LEU A 1 89  ? -0.583  -2.744  5.101   1.00 0.49 ? 54 LEU A CA   1 
ATOM 808  C C    . LEU A 1 89  ? -0.653  -4.256  5.290   1.00 0.44 ? 54 LEU A C    1 
ATOM 809  O O    . LEU A 1 89  ? -1.681  -4.857  5.091   1.00 0.47 ? 54 LEU A O    1 
ATOM 810  C CB   . LEU A 1 89  ? 0.148   -2.452  3.791   1.00 0.53 ? 54 LEU A CB   1 
ATOM 811  C CG   . LEU A 1 89  ? -0.165  -1.043  3.315   1.00 1.12 ? 54 LEU A CG   1 
ATOM 812  C CD1  . LEU A 1 89  ? 0.334   -0.874  1.880   1.00 1.58 ? 54 LEU A CD1  1 
ATOM 813  C CD2  . LEU A 1 89  ? -1.675  -0.794  3.362   1.00 2.03 ? 54 LEU A CD2  1 
ATOM 814  H H    . LEU A 1 89  ? 0.748   -1.365  6.071   1.00 0.66 ? 54 LEU A H    1 
ATOM 815  H HA   . LEU A 1 89  ? -1.582  -2.344  5.057   1.00 0.56 ? 54 LEU A HA   1 
ATOM 816  H HB2  . LEU A 1 89  ? 1.214   -2.549  3.945   1.00 1.08 ? 54 LEU A HB2  1 
ATOM 817  H HB3  . LEU A 1 89  ? -0.171  -3.152  3.042   1.00 1.22 ? 54 LEU A HB3  1 
ATOM 818  H HG   . LEU A 1 89  ? 0.335   -0.349  3.953   1.00 1.44 ? 54 LEU A HG   1 
ATOM 819  H HD11 . LEU A 1 89  ? 0.955   -1.715  1.614   1.00 2.02 ? 54 LEU A HD11 1 
ATOM 820  H HD12 . LEU A 1 89  ? -0.509  -0.821  1.208   1.00 1.96 ? 54 LEU A HD12 1 
ATOM 821  H HD13 . LEU A 1 89  ? 0.911   0.034   1.805   1.00 2.04 ? 54 LEU A HD13 1 
ATOM 822  H HD21 . LEU A 1 89  ? -2.195  -1.740  3.374   1.00 2.50 ? 54 LEU A HD21 1 
ATOM 823  H HD22 . LEU A 1 89  ? -1.920  -0.238  4.255   1.00 2.50 ? 54 LEU A HD22 1 
ATOM 824  H HD23 . LEU A 1 89  ? -1.973  -0.230  2.491   1.00 2.52 ? 54 LEU A HD23 1 
ATOM 825  N N    . CYS A 1 90  ? 0.432   -4.881  5.650   1.00 0.43 ? 55 CYS A N    1 
ATOM 826  C CA   . CYS A 1 90  ? 0.400   -6.360  5.817   1.00 0.43 ? 55 CYS A CA   1 
ATOM 827  C C    . CYS A 1 90  ? -0.555  -6.738  6.947   1.00 0.45 ? 55 CYS A C    1 
ATOM 828  O O    . CYS A 1 90  ? -1.321  -7.669  6.839   1.00 0.48 ? 55 CYS A O    1 
ATOM 829  C CB   . CYS A 1 90  ? 1.807   -6.873  6.136   1.00 0.50 ? 55 CYS A CB   1 
ATOM 830  S SG   . CYS A 1 90  ? 2.349   -6.207  7.729   1.00 1.73 ? 55 CYS A SG   1 
ATOM 831  H H    . CYS A 1 90  ? 1.265   -4.384  5.796   1.00 0.46 ? 55 CYS A H    1 
ATOM 832  H HA   . CYS A 1 90  ? 0.052   -6.813  4.896   1.00 0.44 ? 55 CYS A HA   1 
ATOM 833  H HB2  . CYS A 1 90  ? 1.794   -7.952  6.184   1.00 1.27 ? 55 CYS A HB2  1 
ATOM 834  H HB3  . CYS A 1 90  ? 2.490   -6.552  5.360   1.00 1.04 ? 55 CYS A HB3  1 
ATOM 835  H HG   . CYS A 1 90  ? 3.112   -6.713  8.017   1.00 2.12 ? 55 CYS A HG   1 
ATOM 836  N N    . PHE A 1 91  ? -0.540  -6.025  8.032   1.00 0.50 ? 56 PHE A N    1 
ATOM 837  C CA   . PHE A 1 91  ? -1.468  -6.383  9.125   1.00 0.58 ? 56 PHE A CA   1 
ATOM 838  C C    . PHE A 1 91  ? -2.868  -5.893  8.775   1.00 0.59 ? 56 PHE A C    1 
ATOM 839  O O    . PHE A 1 91  ? -3.807  -6.057  9.530   1.00 0.68 ? 56 PHE A O    1 
ATOM 840  C CB   . PHE A 1 91  ? -1.002  -5.762  10.438  1.00 0.67 ? 56 PHE A CB   1 
ATOM 841  C CG   . PHE A 1 91  ? -0.597  -6.855  11.398  1.00 0.78 ? 56 PHE A CG   1 
ATOM 842  C CD1  . PHE A 1 91  ? -1.551  -7.765  11.866  1.00 1.42 ? 56 PHE A CD1  1 
ATOM 843  C CD2  . PHE A 1 91  ? 0.734   -6.956  11.820  1.00 1.46 ? 56 PHE A CD2  1 
ATOM 844  C CE1  . PHE A 1 91  ? -1.175  -8.778  12.756  1.00 1.51 ? 56 PHE A CE1  1 
ATOM 845  C CE2  . PHE A 1 91  ? 1.110   -7.969  12.710  1.00 1.57 ? 56 PHE A CE2  1 
ATOM 846  C CZ   . PHE A 1 91  ? 0.156   -8.880  13.177  1.00 1.09 ? 56 PHE A CZ   1 
ATOM 847  H H    . PHE A 1 91  ? 0.057   -5.267  8.122   1.00 0.50 ? 56 PHE A H    1 
ATOM 848  H HA   . PHE A 1 91  ? -1.484  -7.453  9.211   1.00 0.60 ? 56 PHE A HA   1 
ATOM 849  H HB2  . PHE A 1 91  ? -0.158  -5.120  10.247  1.00 0.65 ? 56 PHE A HB2  1 
ATOM 850  H HB3  . PHE A 1 91  ? -1.805  -5.185  10.869  1.00 0.74 ? 56 PHE A HB3  1 
ATOM 851  H HD1  . PHE A 1 91  ? -2.578  -7.687  11.541  1.00 2.19 ? 56 PHE A HD1  1 
ATOM 852  H HD2  . PHE A 1 91  ? 1.471   -6.253  11.459  1.00 2.24 ? 56 PHE A HD2  1 
ATOM 853  H HE1  . PHE A 1 91  ? -1.912  -9.481  13.117  1.00 2.29 ? 56 PHE A HE1  1 
ATOM 854  H HE2  . PHE A 1 91  ? 2.137   -8.048  13.036  1.00 2.37 ? 56 PHE A HE2  1 
ATOM 855  H HZ   . PHE A 1 91  ? 0.446   -9.661  13.864  1.00 1.23 ? 56 PHE A HZ   1 
ATOM 856  N N    . VAL A 1 92  ? -3.018  -5.324  7.616   1.00 0.53 ? 57 VAL A N    1 
ATOM 857  C CA   . VAL A 1 92  ? -4.348  -4.857  7.180   1.00 0.57 ? 57 VAL A CA   1 
ATOM 858  C C    . VAL A 1 92  ? -4.843  -5.832  6.112   1.00 0.53 ? 57 VAL A C    1 
ATOM 859  O O    . VAL A 1 92  ? -5.960  -5.746  5.642   1.00 0.58 ? 57 VAL A O    1 
ATOM 860  C CB   . VAL A 1 92  ? -4.230  -3.453  6.584   1.00 0.60 ? 57 VAL A CB   1 
ATOM 861  C CG1  . VAL A 1 92  ? -5.609  -2.969  6.134   1.00 0.71 ? 57 VAL A CG1  1 
ATOM 862  C CG2  . VAL A 1 92  ? -3.672  -2.497  7.641   1.00 0.69 ? 57 VAL A CG2  1 
ATOM 863  H H    . VAL A 1 92  ? -2.256  -5.224  7.020   1.00 0.48 ? 57 VAL A H    1 
ATOM 864  H HA   . VAL A 1 92  ? -5.023  -4.850  8.019   1.00 0.65 ? 57 VAL A HA   1 
ATOM 865  H HB   . VAL A 1 92  ? -3.564  -3.480  5.733   1.00 0.54 ? 57 VAL A HB   1 
ATOM 866  H HG11 . VAL A 1 92  ? -6.369  -3.624  6.535   1.00 1.20 ? 57 VAL A HG11 1 
ATOM 867  H HG12 . VAL A 1 92  ? -5.773  -1.964  6.495   1.00 1.25 ? 57 VAL A HG12 1 
ATOM 868  H HG13 . VAL A 1 92  ? -5.659  -2.977  5.055   1.00 1.33 ? 57 VAL A HG13 1 
ATOM 869  H HG21 . VAL A 1 92  ? -3.594  -3.013  8.586   1.00 1.23 ? 57 VAL A HG21 1 
ATOM 870  H HG22 . VAL A 1 92  ? -2.695  -2.155  7.335   1.00 1.26 ? 57 VAL A HG22 1 
ATOM 871  H HG23 . VAL A 1 92  ? -4.334  -1.651  7.745   1.00 1.24 ? 57 VAL A HG23 1 
ATOM 872  N N    . ILE A 1 93  ? -4.010  -6.775  5.735   1.00 0.47 ? 58 ILE A N    1 
ATOM 873  C CA   . ILE A 1 93  ? -4.419  -7.773  4.711   1.00 0.47 ? 58 ILE A CA   1 
ATOM 874  C C    . ILE A 1 93  ? -3.813  -9.142  5.056   1.00 0.45 ? 58 ILE A C    1 
ATOM 875  O O    . ILE A 1 93  ? -4.522  -10.116 5.214   1.00 0.53 ? 58 ILE A O    1 
ATOM 876  C CB   . ILE A 1 93  ? -3.945  -7.344  3.310   1.00 0.47 ? 58 ILE A CB   1 
ATOM 877  C CG1  . ILE A 1 93  ? -3.051  -6.098  3.401   1.00 0.58 ? 58 ILE A CG1  1 
ATOM 878  C CG2  . ILE A 1 93  ? -5.163  -7.027  2.446   1.00 0.51 ? 58 ILE A CG2  1 
ATOM 879  C CD1  . ILE A 1 93  ? -2.956  -5.406  2.034   1.00 0.43 ? 58 ILE A CD1  1 
ATOM 880  H H    . ILE A 1 93  ? -3.115  -6.829  6.135   1.00 0.46 ? 58 ILE A H    1 
ATOM 881  H HA   . ILE A 1 93  ? -5.497  -7.856  4.710   1.00 0.53 ? 58 ILE A HA   1 
ATOM 882  H HB   . ILE A 1 93  ? -3.390  -8.154  2.858   1.00 0.56 ? 58 ILE A HB   1 
ATOM 883  H HG12 . ILE A 1 93  ? -3.468  -5.409  4.120   1.00 0.90 ? 58 ILE A HG12 1 
ATOM 884  H HG13 . ILE A 1 93  ? -2.062  -6.393  3.719   1.00 0.85 ? 58 ILE A HG13 1 
ATOM 885  H HG21 . ILE A 1 93  ? -5.944  -7.742  2.649   1.00 1.18 ? 58 ILE A HG21 1 
ATOM 886  H HG22 . ILE A 1 93  ? -5.513  -6.031  2.675   1.00 1.13 ? 58 ILE A HG22 1 
ATOM 887  H HG23 . ILE A 1 93  ? -4.884  -7.081  1.405   1.00 1.13 ? 58 ILE A HG23 1 
ATOM 888  H HD11 . ILE A 1 93  ? -3.949  -5.179  1.674   1.00 1.15 ? 58 ILE A HD11 1 
ATOM 889  H HD12 . ILE A 1 93  ? -2.393  -4.488  2.133   1.00 1.07 ? 58 ILE A HD12 1 
ATOM 890  H HD13 . ILE A 1 93  ? -2.458  -6.059  1.332   1.00 1.13 ? 58 ILE A HD13 1 
ATOM 891  N N    . GLU A 1 94  ? -2.511  -9.231  5.168   1.00 0.40 ? 59 GLU A N    1 
ATOM 892  C CA   . GLU A 1 94  ? -1.880  -10.535 5.494   1.00 0.42 ? 59 GLU A CA   1 
ATOM 893  C C    . GLU A 1 94  ? -0.380  -10.335 5.724   1.00 0.40 ? 59 GLU A C    1 
ATOM 894  O O    . GLU A 1 94  ? 0.060   -9.328  6.235   1.00 0.55 ? 59 GLU A O    1 
ATOM 895  C CB   . GLU A 1 94  ? -2.117  -11.508 4.337   1.00 0.50 ? 59 GLU A CB   1 
ATOM 896  C CG   . GLU A 1 94  ? -1.366  -11.034 3.094   1.00 0.91 ? 59 GLU A CG   1 
ATOM 897  C CD   . GLU A 1 94  ? -1.104  -12.231 2.178   1.00 1.21 ? 59 GLU A CD   1 
ATOM 898  O OE1  . GLU A 1 94  ? -0.171  -12.969 2.451   1.00 1.77 ? 59 GLU A OE1  1 
ATOM 899  O OE2  . GLU A 1 94  ? -1.842  -12.392 1.221   1.00 1.75 ? 59 GLU A OE2  1 
ATOM 900  H H    . GLU A 1 94  ? -1.948  -8.443  5.047   1.00 0.37 ? 59 GLU A H    1 
ATOM 901  H HA   . GLU A 1 94  ? -2.319  -10.939 6.388   1.00 0.48 ? 59 GLU A HA   1 
ATOM 902  H HB2  . GLU A 1 94  ? -1.764  -12.486 4.619   1.00 0.98 ? 59 GLU A HB2  1 
ATOM 903  H HB3  . GLU A 1 94  ? -3.173  -11.556 4.120   1.00 1.08 ? 59 GLU A HB3  1 
ATOM 904  H HG2  . GLU A 1 94  ? -1.963  -10.301 2.571   1.00 1.51 ? 59 GLU A HG2  1 
ATOM 905  H HG3  . GLU A 1 94  ? -0.426  -10.593 3.387   1.00 1.40 ? 59 GLU A HG3  1 
ATOM 906  N N    . ALA A 1 95  ? 0.405   -11.290 5.349   1.00 0.43 ? 60 ALA A N    1 
ATOM 907  C CA   . ALA A 1 95  ? 1.878   -11.166 5.541   1.00 0.44 ? 60 ALA A CA   1 
ATOM 908  C C    . ALA A 1 95  ? 2.610   -11.889 4.410   1.00 0.49 ? 60 ALA A C    1 
ATOM 909  O O    . ALA A 1 95  ? 3.688   -12.418 4.598   1.00 0.64 ? 60 ALA A O    1 
ATOM 910  C CB   . ALA A 1 95  ? 2.270   -11.797 6.876   1.00 0.49 ? 60 ALA A CB   1 
ATOM 911  H H    . ALA A 1 95  ? 0.025   -12.088 4.944   1.00 0.58 ? 60 ALA A H    1 
ATOM 912  H HA   . ALA A 1 95  ? 2.156   -10.121 5.540   1.00 0.44 ? 60 ALA A HA   1 
ATOM 913  H HB1  . ALA A 1 95  ? 1.472   -11.657 7.589   1.00 1.11 ? 60 ALA A HB1  1 
ATOM 914  H HB2  . ALA A 1 95  ? 2.447   -12.854 6.733   1.00 1.16 ? 60 ALA A HB2  1 
ATOM 915  H HB3  . ALA A 1 95  ? 3.171   -11.329 7.246   1.00 1.11 ? 60 ALA A HB3  1 
ATOM 916  N N    . ASP A 1 96  ? 2.038   -11.923 3.240   1.00 0.46 ? 61 ASP A N    1 
ATOM 917  C CA   . ASP A 1 96  ? 2.712   -12.622 2.111   1.00 0.54 ? 61 ASP A CA   1 
ATOM 918  C C    . ASP A 1 96  ? 2.192   -12.095 0.768   1.00 0.55 ? 61 ASP A C    1 
ATOM 919  O O    . ASP A 1 96  ? 2.407   -12.699 -0.265  1.00 0.70 ? 61 ASP A O    1 
ATOM 920  C CB   . ASP A 1 96  ? 2.437   -14.118 2.213   1.00 0.66 ? 61 ASP A CB   1 
ATOM 921  C CG   . ASP A 1 96  ? 3.704   -14.897 1.854   1.00 1.27 ? 61 ASP A CG   1 
ATOM 922  O OD1  . ASP A 1 96  ? 4.704   -14.261 1.564   1.00 2.01 ? 61 ASP A OD1  1 
ATOM 923  O OD2  . ASP A 1 96  ? 3.651   -16.116 1.872   1.00 1.85 ? 61 ASP A OD2  1 
ATOM 924  H H    . ASP A 1 96  ? 1.168   -11.498 3.108   1.00 0.46 ? 61 ASP A H    1 
ATOM 925  H HA   . ASP A 1 96  ? 3.773   -12.457 2.170   1.00 0.58 ? 61 ASP A HA   1 
ATOM 926  H HB2  . ASP A 1 96  ? 2.136   -14.362 3.224   1.00 0.96 ? 61 ASP A HB2  1 
ATOM 927  H HB3  . ASP A 1 96  ? 1.651   -14.379 1.530   1.00 0.97 ? 61 ASP A HB3  1 
ATOM 928  N N    . GLN A 1 97  ? 1.520   -10.974 0.764   1.00 0.46 ? 62 GLN A N    1 
ATOM 929  C CA   . GLN A 1 97  ? 1.003   -10.422 -0.517  1.00 0.52 ? 62 GLN A CA   1 
ATOM 930  C C    . GLN A 1 97  ? 1.381   -8.944  -0.613  1.00 0.49 ? 62 GLN A C    1 
ATOM 931  O O    . GLN A 1 97  ? 0.867   -8.213  -1.436  1.00 0.55 ? 62 GLN A O    1 
ATOM 932  C CB   . GLN A 1 97  ? -0.515  -10.568 -0.562  1.00 0.60 ? 62 GLN A CB   1 
ATOM 933  C CG   . GLN A 1 97  ? -0.891  -11.786 -1.411  1.00 1.63 ? 62 GLN A CG   1 
ATOM 934  C CD   . GLN A 1 97  ? -0.030  -12.983 -1.005  1.00 2.42 ? 62 GLN A CD   1 
ATOM 935  O OE1  . GLN A 1 97  ? -0.010  -13.370 0.147   1.00 3.01 ? 62 GLN A OE1  1 
ATOM 936  N NE2  . GLN A 1 97  ? 0.689   -13.591 -1.909  1.00 3.13 ? 62 GLN A NE2  1 
ATOM 937  H H    . GLN A 1 97  ? 1.359   -10.492 1.600   1.00 0.42 ? 62 GLN A H    1 
ATOM 938  H HA   . GLN A 1 97  ? 1.436   -10.958 -1.340  1.00 0.58 ? 62 GLN A HA   1 
ATOM 939  H HB2  . GLN A 1 97  ? -0.885  -10.697 0.437   1.00 0.94 ? 62 GLN A HB2  1 
ATOM 940  H HB3  . GLN A 1 97  ? -0.949  -9.681  -0.996  1.00 0.96 ? 62 GLN A HB3  1 
ATOM 941  H HG2  . GLN A 1 97  ? -1.933  -12.025 -1.253  1.00 2.12 ? 62 GLN A HG2  1 
ATOM 942  H HG3  . GLN A 1 97  ? -0.726  -11.563 -2.454  1.00 2.20 ? 62 GLN A HG3  1 
ATOM 943  H HE21 . GLN A 1 97  ? 0.674   -13.278 -2.837  1.00 3.23 ? 62 GLN A HE21 1 
ATOM 944  H HE22 . GLN A 1 97  ? 1.245   -14.358 -1.659  1.00 3.86 ? 62 GLN A HE22 1 
ATOM 945  N N    . ILE A 1 98  ? 2.274   -8.500  0.229   1.00 0.47 ? 63 ILE A N    1 
ATOM 946  C CA   . ILE A 1 98  ? 2.687   -7.071  0.198   1.00 0.50 ? 63 ILE A CA   1 
ATOM 947  C C    . ILE A 1 98  ? 4.136   -6.972  -0.296  1.00 0.46 ? 63 ILE A C    1 
ATOM 948  O O    . ILE A 1 98  ? 4.980   -7.772  0.057   1.00 0.65 ? 63 ILE A O    1 
ATOM 949  C CB   . ILE A 1 98  ? 2.546   -6.484  1.618   1.00 0.56 ? 63 ILE A CB   1 
ATOM 950  C CG1  . ILE A 1 98  ? 1.255   -5.670  1.693   1.00 1.05 ? 63 ILE A CG1  1 
ATOM 951  C CG2  . ILE A 1 98  ? 3.729   -5.569  1.964   1.00 0.64 ? 63 ILE A CG2  1 
ATOM 952  C CD1  . ILE A 1 98  ? 0.247   -6.383  2.593   1.00 0.47 ? 63 ILE A CD1  1 
ATOM 953  H H    . ILE A 1 98  ? 2.672   -9.110  0.885   1.00 0.48 ? 63 ILE A H    1 
ATOM 954  H HA   . ILE A 1 98  ? 2.043   -6.528  -0.478  1.00 0.57 ? 63 ILE A HA   1 
ATOM 955  H HB   . ILE A 1 98  ? 2.500   -7.291  2.333   1.00 0.81 ? 63 ILE A HB   1 
ATOM 956  H HG12 . ILE A 1 98  ? 1.473   -4.693  2.101   1.00 1.69 ? 63 ILE A HG12 1 
ATOM 957  H HG13 . ILE A 1 98  ? 0.841   -5.565  0.703   1.00 1.81 ? 63 ILE A HG13 1 
ATOM 958  H HG21 . ILE A 1 98  ? 4.073   -5.071  1.069   1.00 1.12 ? 63 ILE A HG21 1 
ATOM 959  H HG22 . ILE A 1 98  ? 3.415   -4.834  2.689   1.00 1.28 ? 63 ILE A HG22 1 
ATOM 960  H HG23 . ILE A 1 98  ? 4.531   -6.164  2.378   1.00 1.34 ? 63 ILE A HG23 1 
ATOM 961  H HD11 . ILE A 1 98  ? 0.758   -7.124  3.189   1.00 1.13 ? 63 ILE A HD11 1 
ATOM 962  H HD12 . ILE A 1 98  ? -0.228  -5.661  3.243   1.00 1.09 ? 63 ILE A HD12 1 
ATOM 963  H HD13 . ILE A 1 98  ? -0.501  -6.866  1.982   1.00 1.16 ? 63 ILE A HD13 1 
ATOM 964  N N    . THR A 1 99  ? 4.428   -5.993  -1.108  1.00 0.33 ? 64 THR A N    1 
ATOM 965  C CA   . THR A 1 99  ? 5.819   -5.839  -1.620  1.00 0.35 ? 64 THR A CA   1 
ATOM 966  C C    . THR A 1 99  ? 6.023   -4.405  -2.112  1.00 0.32 ? 64 THR A C    1 
ATOM 967  O O    . THR A 1 99  ? 5.142   -3.810  -2.698  1.00 0.36 ? 64 THR A O    1 
ATOM 968  C CB   . THR A 1 99  ? 6.045   -6.813  -2.779  1.00 0.45 ? 64 THR A CB   1 
ATOM 969  O OG1  . THR A 1 99  ? 5.505   -8.082  -2.440  1.00 0.76 ? 64 THR A OG1  1 
ATOM 970  C CG2  . THR A 1 99  ? 7.543   -6.948  -3.051  1.00 0.71 ? 64 THR A CG2  1 
ATOM 971  H H    . THR A 1 99  ? 3.732   -5.357  -1.380  1.00 0.36 ? 64 THR A H    1 
ATOM 972  H HA   . THR A 1 99  ? 6.521   -6.053  -0.828  1.00 0.39 ? 64 THR A HA   1 
ATOM 973  H HB   . THR A 1 99  ? 5.555   -6.438  -3.665  1.00 0.44 ? 64 THR A HB   1 
ATOM 974  H HG1  . THR A 1 99  ? 5.529   -8.634  -3.226  1.00 1.13 ? 64 THR A HG1  1 
ATOM 975  H HG21 . THR A 1 99  ? 8.073   -6.148  -2.555  1.00 1.20 ? 64 THR A HG21 1 
ATOM 976  H HG22 . THR A 1 99  ? 7.893   -7.899  -2.676  1.00 1.30 ? 64 THR A HG22 1 
ATOM 977  H HG23 . THR A 1 99  ? 7.723   -6.893  -4.114  1.00 1.38 ? 64 THR A HG23 1 
ATOM 978  N N    . PHE A 1 100 ? 7.181   -3.845  -1.887  1.00 0.32 ? 65 PHE A N    1 
ATOM 979  C CA   . PHE A 1 100 ? 7.435   -2.454  -2.354  1.00 0.35 ? 65 PHE A CA   1 
ATOM 980  C C    . PHE A 1 100 ? 8.412   -2.497  -3.534  1.00 0.44 ? 65 PHE A C    1 
ATOM 981  O O    . PHE A 1 100 ? 9.553   -2.891  -3.396  1.00 0.88 ? 65 PHE A O    1 
ATOM 982  C CB   . PHE A 1 100 ? 8.028   -1.619  -1.213  1.00 0.41 ? 65 PHE A CB   1 
ATOM 983  C CG   . PHE A 1 100 ? 6.925   -1.180  -0.273  1.00 0.39 ? 65 PHE A CG   1 
ATOM 984  C CD1  . PHE A 1 100 ? 5.989   -2.113  0.196   1.00 1.25 ? 65 PHE A CD1  1 
ATOM 985  C CD2  . PHE A 1 100 ? 6.838   0.161   0.139   1.00 1.21 ? 65 PHE A CD2  1 
ATOM 986  C CE1  . PHE A 1 100 ? 4.974   -1.707  1.069   1.00 1.26 ? 65 PHE A CE1  1 
ATOM 987  C CE2  . PHE A 1 100 ? 5.824   0.563   1.013   1.00 1.24 ? 65 PHE A CE2  1 
ATOM 988  C CZ   . PHE A 1 100 ? 4.892   -0.371  1.478   1.00 0.51 ? 65 PHE A CZ   1 
ATOM 989  H H    . PHE A 1 100 ? 7.884   -4.342  -1.417  1.00 0.36 ? 65 PHE A H    1 
ATOM 990  H HA   . PHE A 1 100 ? 6.505   -2.013  -2.677  1.00 0.34 ? 65 PHE A HA   1 
ATOM 991  H HB2  . PHE A 1 100 ? 8.747   -2.214  -0.670  1.00 0.47 ? 65 PHE A HB2  1 
ATOM 992  H HB3  . PHE A 1 100 ? 8.519   -0.749  -1.622  1.00 0.48 ? 65 PHE A HB3  1 
ATOM 993  H HD1  . PHE A 1 100 ? 6.048   -3.143  -0.118  1.00 2.12 ? 65 PHE A HD1  1 
ATOM 994  H HD2  . PHE A 1 100 ? 7.552   0.886   -0.219  1.00 2.07 ? 65 PHE A HD2  1 
ATOM 995  H HE1  . PHE A 1 100 ? 4.254   -2.426  1.430   1.00 2.12 ? 65 PHE A HE1  1 
ATOM 996  H HE2  . PHE A 1 100 ? 5.760   1.596   1.329   1.00 2.11 ? 65 PHE A HE2  1 
ATOM 997  H HZ   . PHE A 1 100 ? 4.111   -0.062  2.152   1.00 0.59 ? 65 PHE A HZ   1 
ATOM 998  N N    . GLU A 1 101 ? 7.961   -2.110  -4.696  1.00 0.49 ? 66 GLU A N    1 
ATOM 999  C CA   . GLU A 1 101 ? 8.843   -2.142  -5.900  1.00 0.50 ? 66 GLU A CA   1 
ATOM 1000 C C    . GLU A 1 101 ? 9.219   -0.715  -6.304  1.00 0.51 ? 66 GLU A C    1 
ATOM 1001 O O    . GLU A 1 101 ? 8.435   -0.015  -6.912  1.00 0.77 ? 66 GLU A O    1 
ATOM 1002 C CB   . GLU A 1 101 ? 8.068   -2.797  -7.047  1.00 0.62 ? 66 GLU A CB   1 
ATOM 1003 C CG   . GLU A 1 101 ? 8.979   -3.762  -7.806  1.00 0.81 ? 66 GLU A CG   1 
ATOM 1004 C CD   . GLU A 1 101 ? 9.615   -4.749  -6.825  1.00 1.70 ? 66 GLU A CD   1 
ATOM 1005 O OE1  . GLU A 1 101 ? 9.200   -4.763  -5.677  1.00 2.39 ? 66 GLU A OE1  1 
ATOM 1006 O OE2  . GLU A 1 101 ? 10.506  -5.473  -7.237  1.00 2.44 ? 66 GLU A OE2  1 
ATOM 1007 H H    . GLU A 1 101 ? 7.033   -1.812  -4.783  1.00 0.82 ? 66 GLU A H    1 
ATOM 1008 H HA   . GLU A 1 101 ? 9.733   -2.712  -5.688  1.00 0.50 ? 66 GLU A HA   1 
ATOM 1009 H HB2  . GLU A 1 101 ? 7.223   -3.340  -6.644  1.00 0.59 ? 66 GLU A HB2  1 
ATOM 1010 H HB3  . GLU A 1 101 ? 7.712   -2.031  -7.722  1.00 0.72 ? 66 GLU A HB3  1 
ATOM 1011 H HG2  . GLU A 1 101 ? 8.395   -4.306  -8.536  1.00 1.25 ? 66 GLU A HG2  1 
ATOM 1012 H HG3  . GLU A 1 101 ? 9.756   -3.206  -8.309  1.00 1.25 ? 66 GLU A HG3  1 
ATOM 1013 N N    . THR A 1 102 ? 10.409  -0.272  -5.977  1.00 0.50 ? 67 THR A N    1 
ATOM 1014 C CA   . THR A 1 102 ? 10.811  1.118   -6.349  1.00 0.55 ? 67 THR A CA   1 
ATOM 1015 C C    . THR A 1 102 ? 10.337  1.422   -7.770  1.00 0.59 ? 67 THR A C    1 
ATOM 1016 O O    . THR A 1 102 ? 10.260  0.548   -8.610  1.00 0.79 ? 67 THR A O    1 
ATOM 1017 C CB   . THR A 1 102 ? 12.333  1.278   -6.267  1.00 0.68 ? 67 THR A CB   1 
ATOM 1018 O OG1  . THR A 1 102 ? 12.695  2.595   -6.684  1.00 0.77 ? 67 THR A OG1  1 
ATOM 1019 C CG2  . THR A 1 102 ? 13.006  0.250   -7.179  1.00 0.81 ? 67 THR A CG2  1 
ATOM 1020 H H    . THR A 1 102 ? 11.031  -0.849  -5.486  1.00 0.66 ? 67 THR A H    1 
ATOM 1021 H HA   . THR A 1 102 ? 10.346  1.807   -5.671  1.00 0.71 ? 67 THR A HA   1 
ATOM 1022 H HB   . THR A 1 102 ? 12.657  1.120   -5.250  1.00 0.85 ? 67 THR A HB   1 
ATOM 1023 H HG1  . THR A 1 102 ? 12.651  3.183   -5.919  1.00 0.64 ? 67 THR A HG1  1 
ATOM 1024 H HG21 . THR A 1 102 ? 12.437  -0.668  -7.167  1.00 1.33 ? 67 THR A HG21 1 
ATOM 1025 H HG22 . THR A 1 102 ? 13.048  0.636   -8.186  1.00 1.33 ? 67 THR A HG22 1 
ATOM 1026 H HG23 . THR A 1 102 ? 14.008  0.057   -6.825  1.00 1.35 ? 67 THR A HG23 1 
ATOM 1027 N N    . VAL A 1 103 ? 10.016  2.655   -8.045  1.00 0.73 ? 68 VAL A N    1 
ATOM 1028 C CA   . VAL A 1 103 ? 9.546   3.012   -9.401  1.00 0.92 ? 68 VAL A CA   1 
ATOM 1029 C C    . VAL A 1 103 ? 10.201  4.323   -9.823  1.00 1.15 ? 68 VAL A C    1 
ATOM 1030 O O    . VAL A 1 103 ? 9.579   5.182   -10.413 1.00 1.41 ? 68 VAL A O    1 
ATOM 1031 C CB   . VAL A 1 103 ? 8.024   3.174   -9.395  1.00 1.28 ? 68 VAL A CB   1 
ATOM 1032 C CG1  . VAL A 1 103 ? 7.369   1.840   -9.033  1.00 1.68 ? 68 VAL A CG1  1 
ATOM 1033 C CG2  . VAL A 1 103 ? 7.631   4.231   -8.359  1.00 1.82 ? 68 VAL A CG2  1 
ATOM 1034 H H    . VAL A 1 103 ? 10.085  3.346   -7.361  1.00 0.86 ? 68 VAL A H    1 
ATOM 1035 H HA   . VAL A 1 103 ? 9.823   2.231   -10.081 1.00 1.02 ? 68 VAL A HA   1 
ATOM 1036 H HB   . VAL A 1 103 ? 7.692   3.486   -10.374 1.00 1.83 ? 68 VAL A HB   1 
ATOM 1037 H HG11 . VAL A 1 103 ? 7.772   1.060   -9.662  1.00 2.18 ? 68 VAL A HG11 1 
ATOM 1038 H HG12 . VAL A 1 103 ? 7.571   1.609   -7.998  1.00 2.06 ? 68 VAL A HG12 1 
ATOM 1039 H HG13 . VAL A 1 103 ? 6.302   1.910   -9.185  1.00 2.14 ? 68 VAL A HG13 1 
ATOM 1040 H HG21 . VAL A 1 103 ? 8.133   5.160   -8.583  1.00 2.33 ? 68 VAL A HG21 1 
ATOM 1041 H HG22 . VAL A 1 103 ? 6.562   4.383   -8.389  1.00 2.30 ? 68 VAL A HG22 1 
ATOM 1042 H HG23 . VAL A 1 103 ? 7.919   3.895   -7.374  1.00 2.19 ? 68 VAL A HG23 1 
ATOM 1043 N N    . GLU A 1 104 ? 11.457  4.483   -9.510  1.00 1.30 ? 69 GLU A N    1 
ATOM 1044 C CA   . GLU A 1 104 ? 12.162  5.739   -9.878  1.00 1.78 ? 69 GLU A CA   1 
ATOM 1045 C C    . GLU A 1 104 ? 11.791  6.136   -11.308 1.00 1.84 ? 69 GLU A C    1 
ATOM 1046 O O    . GLU A 1 104 ? 12.123  5.390   -12.214 1.00 2.15 ? 69 GLU A O    1 
ATOM 1047 C CB   . GLU A 1 104 ? 13.674  5.522   -9.781  1.00 2.24 ? 69 GLU A CB   1 
ATOM 1048 C CG   . GLU A 1 104 ? 14.402  6.696   -10.439 1.00 2.77 ? 69 GLU A CG   1 
ATOM 1049 C CD   . GLU A 1 104 ? 15.910  6.437   -10.419 1.00 3.38 ? 69 GLU A CD   1 
ATOM 1050 O OE1  . GLU A 1 104 ? 16.429  6.157   -9.351  1.00 3.95 ? 69 GLU A OE1  1 
ATOM 1051 O OE2  . GLU A 1 104 ? 16.520  6.523   -11.472 1.00 3.73 ? 69 GLU A OE2  1 
ATOM 1052 H H    . GLU A 1 104 ? 11.933  3.777   -9.027  1.00 1.21 ? 69 GLU A H    1 
ATOM 1053 H HA   . GLU A 1 104 ? 11.866  6.522   -9.196  1.00 1.99 ? 69 GLU A HA   1 
ATOM 1054 H HB2  . GLU A 1 104 ? 13.962  5.456   -8.741  1.00 2.36 ? 69 GLU A HB2  1 
ATOM 1055 H HB3  . GLU A 1 104 ? 13.939  4.605   -10.290 1.00 2.28 ? 69 GLU A HB3  1 
ATOM 1056 H HG2  . GLU A 1 104 ? 14.068  6.800   -11.460 1.00 2.95 ? 69 GLU A HG2  1 
ATOM 1057 H HG3  . GLU A 1 104 ? 14.188  7.603   -9.894  1.00 3.02 ? 69 GLU A HG3  1 
# 
